data_6PHT
#
_entry.id   6PHT
#
_cell.length_a   65.630
_cell.length_b   163.480
_cell.length_c   65.720
_cell.angle_alpha   90.00
_cell.angle_beta   94.33
_cell.angle_gamma   90.00
#
_symmetry.space_group_name_H-M   'P 1 21 1'
#
loop_
_entity.id
_entity.type
_entity.pdbx_description
1 polymer 'Acetylpolyamine amidohydrolase'
2 non-polymer '{5-[(3-aminopropyl)amino]pentyl}boronic acid'
3 non-polymer 'POTASSIUM ION'
4 non-polymer 'MAGNESIUM ION'
5 non-polymer 'ZINC ION'
6 water water
#
_entity_poly.entity_id   1
_entity_poly.type   'polypeptide(L)'
_entity_poly.pdbx_seq_one_letter_code
;GPLGSMKTVFSPLHSRRHVKTELDGGLLIEPHEKPSRAETILARVKDQALGEILEPEEFGLGPVKRVHTADYVSFLETCW
DEWVAAGKRGEAIPTFWVGRGMRARLPKDIDGRLGYYSLGADTSISDGTWEAARASANVALTAQKLVAEGERAAFALCRP
PGHHAHADVFGGYCFFNNAAIAAQAFRDQGYGKVAVLDVDFHHGNGTQAIFYDRSDVLTISLHGDPDLVFPHFLGFEDET
GEGDGEAYNLNIVFPPDTPFSIWSQGLEKACERIRTFAPDALVVALGVDTFEEDPISFFKLTSGDYLKLGKRLEQLGLPT
VFTMEGGYDVDAIGVNAVNVMQGFEGKS
;
_entity_poly.pdbx_strand_id   A,B,C,D
#
loop_
_chem_comp.id
_chem_comp.type
_chem_comp.name
_chem_comp.formula
K non-polymer 'POTASSIUM ION' 'K 1'
MG non-polymer 'MAGNESIUM ION' 'Mg 2'
OKP non-polymer '{5-[(3-aminopropyl)amino]pentyl}boronic acid' 'C8 H21 B N2 O2'
ZN non-polymer 'ZINC ION' 'Zn 2'
#
# COMPACT_ATOMS: atom_id res chain seq x y z
N LEU A 3 -8.96 20.48 7.91
CA LEU A 3 -10.30 20.06 8.29
C LEU A 3 -10.79 20.86 9.48
N GLY A 4 -11.62 20.23 10.32
CA GLY A 4 -11.96 20.80 11.61
C GLY A 4 -10.95 20.39 12.66
N SER A 5 -11.19 20.85 13.88
CA SER A 5 -10.30 20.56 15.00
C SER A 5 -11.09 19.89 16.11
N MET A 6 -10.47 18.88 16.73
CA MET A 6 -11.07 18.19 17.86
C MET A 6 -10.05 18.09 18.99
N LYS A 7 -10.51 18.35 20.20
CA LYS A 7 -9.64 18.28 21.37
C LYS A 7 -9.60 16.84 21.89
N THR A 8 -8.44 16.48 22.44
CA THR A 8 -8.20 15.16 23.00
C THR A 8 -7.80 15.33 24.45
N VAL A 9 -8.39 14.51 25.33
CA VAL A 9 -8.03 14.46 26.74
C VAL A 9 -7.24 13.18 26.96
N PHE A 10 -6.12 13.28 27.69
CA PHE A 10 -5.23 12.15 27.90
C PHE A 10 -4.57 12.27 29.27
N SER A 11 -4.17 11.14 29.83
CA SER A 11 -3.34 11.13 31.04
C SER A 11 -1.89 10.90 30.67
N PRO A 12 -0.96 11.70 31.18
CA PRO A 12 0.45 11.50 30.82
C PRO A 12 1.04 10.22 31.41
N LEU A 13 0.44 9.67 32.45
CA LEU A 13 1.02 8.47 33.06
C LEU A 13 0.41 7.24 32.38
N HIS A 14 0.93 6.97 31.18
CA HIS A 14 0.41 5.86 30.38
C HIS A 14 0.58 4.52 31.07
N SER A 15 1.60 4.38 31.92
CA SER A 15 1.90 3.11 32.56
CA SER A 15 1.91 3.12 32.57
C SER A 15 1.46 3.07 34.02
N ARG A 16 0.56 3.98 34.44
CA ARG A 16 0.01 3.87 35.79
C ARG A 16 -0.53 2.46 36.03
N ARG A 17 -1.37 1.97 35.12
CA ARG A 17 -1.67 0.55 35.07
C ARG A 17 -0.56 -0.14 34.30
N HIS A 18 0.12 -1.10 34.93
CA HIS A 18 1.31 -1.71 34.34
C HIS A 18 1.42 -3.19 34.70
N VAL A 19 0.33 -3.94 34.57
CA VAL A 19 0.38 -5.36 34.87
C VAL A 19 1.20 -6.09 33.82
N LYS A 20 1.78 -7.23 34.21
CA LYS A 20 2.61 -8.00 33.30
C LYS A 20 2.04 -9.35 32.93
N THR A 21 0.86 -9.72 33.46
CA THR A 21 0.29 -11.02 33.14
C THR A 21 -1.17 -10.88 32.74
N GLU A 22 -1.58 -11.72 31.79
CA GLU A 22 -2.97 -11.88 31.41
C GLU A 22 -3.17 -13.36 31.13
N LEU A 23 -4.17 -13.97 31.75
CA LEU A 23 -4.49 -15.36 31.43
C LEU A 23 -5.10 -15.46 30.04
N ASP A 24 -4.49 -16.27 29.18
CA ASP A 24 -4.92 -16.44 27.79
C ASP A 24 -4.49 -17.82 27.31
N GLY A 25 -5.46 -18.60 26.84
CA GLY A 25 -5.16 -19.94 26.36
C GLY A 25 -4.40 -20.81 27.36
N GLY A 26 -4.71 -20.68 28.65
CA GLY A 26 -4.06 -21.49 29.66
C GLY A 26 -2.66 -21.06 30.05
N LEU A 27 -2.20 -19.88 29.60
CA LEU A 27 -0.86 -19.37 29.88
C LEU A 27 -0.99 -17.96 30.43
N LEU A 28 0.02 -17.53 31.19
CA LEU A 28 0.10 -16.13 31.62
C LEU A 28 1.02 -15.41 30.65
N ILE A 29 0.42 -14.63 29.75
CA ILE A 29 1.13 -13.93 28.68
C ILE A 29 1.26 -12.45 29.04
N GLU A 30 2.04 -11.71 28.24
CA GLU A 30 2.04 -10.26 28.37
C GLU A 30 0.71 -9.70 27.90
N PRO A 31 0.13 -8.74 28.63
CA PRO A 31 -1.24 -8.32 28.33
C PRO A 31 -1.35 -7.63 26.98
N HIS A 32 -2.49 -7.88 26.30
CA HIS A 32 -2.79 -7.19 25.05
C HIS A 32 -3.05 -5.70 25.26
N GLU A 33 -3.67 -5.33 26.38
CA GLU A 33 -4.04 -3.95 26.68
C GLU A 33 -2.86 -3.26 27.37
N LYS A 34 -1.91 -2.80 26.55
CA LYS A 34 -0.63 -2.34 27.07
C LYS A 34 -0.51 -0.82 27.01
N PRO A 35 0.33 -0.21 27.87
CA PRO A 35 0.50 1.26 27.82
C PRO A 35 0.85 1.81 26.45
N SER A 36 1.63 1.07 25.65
CA SER A 36 2.00 1.58 24.33
C SER A 36 0.78 1.89 23.47
N ARG A 37 -0.39 1.31 23.79
CA ARG A 37 -1.62 1.67 23.08
C ARG A 37 -1.90 3.16 23.20
N ALA A 38 -1.85 3.68 24.42
CA ALA A 38 -2.14 5.08 24.67
C ALA A 38 -1.02 5.97 24.14
N GLU A 39 0.24 5.59 24.36
CA GLU A 39 1.38 6.34 23.81
C GLU A 39 1.25 6.47 22.29
N THR A 40 0.89 5.39 21.60
CA THR A 40 0.87 5.43 20.13
C THR A 40 -0.26 6.30 19.61
N ILE A 41 -1.45 6.20 20.22
CA ILE A 41 -2.56 7.06 19.84
C ILE A 41 -2.20 8.53 20.10
N LEU A 42 -1.65 8.82 21.28
CA LEU A 42 -1.30 10.21 21.61
C LEU A 42 -0.28 10.77 20.62
N ALA A 43 0.71 9.95 20.24
CA ALA A 43 1.72 10.40 19.28
C ALA A 43 1.11 10.70 17.91
N ARG A 44 0.08 9.96 17.51
CA ARG A 44 -0.59 10.22 16.24
C ARG A 44 -1.50 11.44 16.33
N VAL A 45 -2.17 11.64 17.47
CA VAL A 45 -2.89 12.89 17.70
C VAL A 45 -1.96 14.09 17.49
N LYS A 46 -0.76 14.03 18.03
CA LYS A 46 0.16 15.18 17.91
C LYS A 46 0.68 15.31 16.50
N ASP A 47 1.10 14.19 15.89
CA ASP A 47 1.70 14.22 14.57
C ASP A 47 0.71 14.73 13.53
N GLN A 48 -0.56 14.41 13.69
CA GLN A 48 -1.60 14.86 12.78
C GLN A 48 -2.16 16.22 13.12
N ALA A 49 -1.75 16.81 14.25
CA ALA A 49 -2.27 18.10 14.69
C ALA A 49 -3.81 18.08 14.70
N LEU A 50 -4.36 17.07 15.36
CA LEU A 50 -5.80 16.92 15.39
C LEU A 50 -6.45 18.12 16.06
N GLY A 51 -5.85 18.59 17.14
CA GLY A 51 -6.39 19.70 17.90
C GLY A 51 -5.65 19.79 19.23
N GLU A 52 -6.20 20.60 20.14
CA GLU A 52 -5.58 20.80 21.43
C GLU A 52 -5.55 19.49 22.21
N ILE A 53 -4.48 19.31 22.99
CA ILE A 53 -4.35 18.14 23.86
C ILE A 53 -4.31 18.66 25.30
N LEU A 54 -5.08 18.02 26.17
CA LEU A 54 -5.14 18.46 27.55
C LEU A 54 -5.21 17.26 28.49
N GLU A 55 -4.85 17.51 29.72
CA GLU A 55 -4.87 16.54 30.79
C GLU A 55 -6.21 16.59 31.52
N PRO A 56 -6.58 15.54 32.24
CA PRO A 56 -7.93 15.50 32.82
C PRO A 56 -8.05 16.38 34.05
N GLU A 57 -9.28 16.83 34.27
CA GLU A 57 -9.67 17.41 35.55
C GLU A 57 -10.05 16.28 36.52
N GLU A 58 -9.78 16.49 37.80
CA GLU A 58 -10.19 15.52 38.82
C GLU A 58 -11.62 15.81 39.27
N PHE A 59 -12.52 14.86 39.04
CA PHE A 59 -13.91 15.03 39.46
C PHE A 59 -14.25 14.25 40.72
N GLY A 60 -13.32 13.47 41.24
CA GLY A 60 -13.60 12.61 42.38
C GLY A 60 -14.53 11.48 42.01
N LEU A 61 -14.94 10.73 43.03
CA LEU A 61 -15.68 9.50 42.79
C LEU A 61 -17.17 9.72 42.66
N GLY A 62 -17.66 10.92 43.01
CA GLY A 62 -19.07 11.25 42.89
C GLY A 62 -19.70 10.83 41.57
N PRO A 63 -19.13 11.27 40.45
CA PRO A 63 -19.73 10.90 39.15
C PRO A 63 -19.50 9.45 38.80
N VAL A 64 -18.45 8.82 39.32
CA VAL A 64 -18.25 7.39 39.08
C VAL A 64 -19.32 6.58 39.78
N LYS A 65 -19.74 7.02 40.97
CA LYS A 65 -20.73 6.32 41.77
C LYS A 65 -22.17 6.54 41.29
N ARG A 66 -22.40 7.46 40.35
CA ARG A 66 -23.70 7.52 39.70
C ARG A 66 -23.93 6.29 38.83
N VAL A 67 -22.88 5.55 38.52
CA VAL A 67 -22.96 4.37 37.67
C VAL A 67 -22.58 3.09 38.40
N HIS A 68 -21.51 3.11 39.20
CA HIS A 68 -21.01 1.92 39.87
C HIS A 68 -21.40 1.91 41.35
N THR A 69 -21.53 0.71 41.93
CA THR A 69 -21.96 0.63 43.33
C THR A 69 -20.83 1.05 44.27
N ALA A 70 -21.22 1.54 45.45
CA ALA A 70 -20.23 1.92 46.46
C ALA A 70 -19.33 0.75 46.86
N ASP A 71 -19.90 -0.46 47.04
CA ASP A 71 -19.09 -1.61 47.46
C ASP A 71 -18.04 -1.96 46.41
N TYR A 72 -18.43 -1.88 45.13
CA TYR A 72 -17.51 -2.17 44.04
C TYR A 72 -16.39 -1.14 43.97
N VAL A 73 -16.73 0.15 44.10
CA VAL A 73 -15.70 1.19 44.06
C VAL A 73 -14.74 1.03 45.22
N SER A 74 -15.24 0.61 46.39
CA SER A 74 -14.36 0.37 47.53
C SER A 74 -13.46 -0.84 47.30
N PHE A 75 -14.02 -1.93 46.76
CA PHE A 75 -13.24 -3.13 46.48
C PHE A 75 -12.05 -2.83 45.58
N LEU A 76 -12.26 -2.04 44.51
CA LEU A 76 -11.19 -1.80 43.56
C LEU A 76 -10.07 -0.98 44.17
N GLU A 77 -10.40 -0.09 45.12
CA GLU A 77 -9.39 0.66 45.84
C GLU A 77 -8.55 -0.22 46.78
N THR A 78 -9.16 -1.25 47.37
CA THR A 78 -8.41 -2.02 48.36
C THR A 78 -7.92 -3.36 47.83
N CYS A 79 -8.33 -3.76 46.62
CA CYS A 79 -8.10 -5.13 46.16
C CYS A 79 -6.63 -5.52 46.22
N TRP A 80 -5.76 -4.69 45.65
CA TRP A 80 -4.34 -5.04 45.59
C TRP A 80 -3.75 -5.17 46.99
N ASP A 81 -3.98 -4.18 47.85
CA ASP A 81 -3.46 -4.25 49.21
C ASP A 81 -3.90 -5.54 49.91
N GLU A 82 -5.19 -5.86 49.83
CA GLU A 82 -5.72 -7.05 50.49
C GLU A 82 -5.11 -8.32 49.91
N TRP A 83 -4.92 -8.33 48.60
CA TRP A 83 -4.31 -9.48 47.94
C TRP A 83 -2.90 -9.70 48.43
N VAL A 84 -2.10 -8.61 48.45
CA VAL A 84 -0.73 -8.71 48.94
C VAL A 84 -0.71 -9.14 50.41
N ALA A 85 -1.63 -8.60 51.21
CA ALA A 85 -1.62 -8.89 52.64
C ALA A 85 -1.99 -10.35 52.91
N ALA A 86 -2.78 -10.97 52.02
CA ALA A 86 -3.10 -12.39 52.15
C ALA A 86 -1.97 -13.30 51.69
N GLY A 87 -0.85 -12.74 51.24
CA GLY A 87 0.34 -13.49 50.92
C GLY A 87 0.44 -14.01 49.50
N LYS A 88 -0.47 -13.64 48.60
CA LYS A 88 -0.36 -14.06 47.22
C LYS A 88 0.86 -13.43 46.55
N ARG A 89 1.47 -14.17 45.63
CA ARG A 89 2.73 -13.74 45.01
C ARG A 89 2.58 -13.25 43.57
N GLY A 90 1.50 -13.57 42.89
CA GLY A 90 1.26 -13.05 41.56
C GLY A 90 0.46 -11.76 41.60
N GLU A 91 0.15 -11.26 40.41
CA GLU A 91 -0.83 -10.20 40.31
C GLU A 91 -2.19 -10.75 40.72
N ALA A 92 -3.14 -9.85 40.97
CA ALA A 92 -4.45 -10.26 41.49
C ALA A 92 -5.32 -10.74 40.34
N ILE A 93 -5.64 -12.04 40.35
CA ILE A 93 -6.41 -12.70 39.30
C ILE A 93 -7.47 -13.54 40.00
N PRO A 94 -8.73 -13.54 39.57
CA PRO A 94 -9.72 -14.43 40.20
C PRO A 94 -9.44 -15.87 39.86
N THR A 95 -9.64 -16.74 40.84
CA THR A 95 -9.54 -18.18 40.64
C THR A 95 -10.89 -18.88 40.73
N PHE A 96 -11.80 -18.35 41.54
CA PHE A 96 -13.08 -18.97 41.82
C PHE A 96 -14.18 -17.94 41.64
N TRP A 97 -15.37 -18.40 41.23
CA TRP A 97 -16.45 -17.46 40.99
C TRP A 97 -17.78 -18.09 41.33
N VAL A 98 -18.84 -17.31 41.15
CA VAL A 98 -20.19 -17.77 41.41
C VAL A 98 -20.61 -18.62 40.22
N GLY A 99 -20.37 -19.92 40.31
CA GLY A 99 -20.80 -20.80 39.26
C GLY A 99 -22.31 -20.96 39.23
N ARG A 100 -22.81 -21.44 38.11
CA ARG A 100 -24.24 -21.68 38.01
C ARG A 100 -24.69 -22.62 39.11
N GLY A 101 -25.74 -22.23 39.84
CA GLY A 101 -26.23 -23.01 40.96
C GLY A 101 -25.68 -22.57 42.30
N MET A 102 -24.72 -21.67 42.32
CA MET A 102 -24.19 -21.11 43.56
C MET A 102 -24.88 -19.78 43.87
N ARG A 103 -24.61 -19.25 45.07
CA ARG A 103 -25.27 -18.06 45.59
C ARG A 103 -24.52 -16.80 45.19
N ALA A 104 -25.24 -15.80 44.68
CA ALA A 104 -24.66 -14.47 44.46
C ALA A 104 -24.55 -13.77 45.82
N ARG A 105 -23.56 -14.19 46.61
CA ARG A 105 -23.39 -13.75 48.00
C ARG A 105 -21.96 -13.26 48.21
N LEU A 106 -21.80 -12.01 48.64
CA LEU A 106 -20.45 -11.46 48.84
C LEU A 106 -19.72 -12.12 50.01
N PRO A 107 -18.57 -12.77 49.79
CA PRO A 107 -17.83 -13.37 50.92
C PRO A 107 -16.81 -12.42 51.53
N LYS A 108 -16.12 -12.89 52.56
CA LYS A 108 -15.08 -12.09 53.19
C LYS A 108 -13.72 -12.20 52.51
N ASP A 109 -13.31 -13.41 52.12
CA ASP A 109 -11.94 -13.61 51.65
C ASP A 109 -11.71 -12.85 50.35
N ILE A 110 -10.46 -12.38 50.16
CA ILE A 110 -10.13 -11.61 48.96
C ILE A 110 -10.36 -12.45 47.69
N ASP A 111 -10.04 -13.74 47.71
CA ASP A 111 -10.30 -14.54 46.51
C ASP A 111 -11.79 -14.59 46.22
N GLY A 112 -12.61 -14.74 47.27
CA GLY A 112 -14.05 -14.76 47.06
C GLY A 112 -14.57 -13.45 46.49
N ARG A 113 -14.04 -12.33 46.98
CA ARG A 113 -14.51 -11.04 46.49
C ARG A 113 -14.05 -10.79 45.06
N LEU A 114 -12.82 -11.18 44.73
CA LEU A 114 -12.35 -11.09 43.35
C LEU A 114 -13.30 -11.79 42.40
N GLY A 115 -13.69 -13.03 42.73
CA GLY A 115 -14.62 -13.74 41.86
C GLY A 115 -16.00 -13.11 41.81
N TYR A 116 -16.51 -12.68 42.97
CA TYR A 116 -17.83 -12.07 43.03
C TYR A 116 -17.91 -10.85 42.12
N TYR A 117 -16.82 -10.10 42.03
CA TYR A 117 -16.82 -8.84 41.30
C TYR A 117 -16.27 -8.96 39.89
N SER A 118 -16.08 -10.19 39.37
CA SER A 118 -15.48 -10.30 38.04
C SER A 118 -16.31 -11.15 37.11
N LEU A 119 -16.06 -11.00 35.80
CA LEU A 119 -16.62 -11.90 34.80
C LEU A 119 -15.56 -12.65 34.02
N GLY A 120 -14.28 -12.41 34.32
CA GLY A 120 -13.20 -13.01 33.57
C GLY A 120 -11.94 -12.95 34.39
N ALA A 121 -10.99 -13.80 34.00
CA ALA A 121 -9.68 -13.88 34.63
C ALA A 121 -8.60 -13.25 33.75
N ASP A 122 -8.99 -12.53 32.70
CA ASP A 122 -8.07 -11.91 31.76
C ASP A 122 -7.58 -10.53 32.21
N THR A 123 -8.00 -10.07 33.39
CA THR A 123 -7.85 -8.69 33.80
C THR A 123 -7.14 -8.63 35.16
N SER A 124 -5.81 -8.73 35.11
CA SER A 124 -5.02 -8.69 36.32
C SER A 124 -5.08 -7.32 36.96
N ILE A 125 -5.02 -7.32 38.30
CA ILE A 125 -4.97 -6.11 39.10
C ILE A 125 -3.63 -6.06 39.82
N SER A 126 -2.99 -4.89 39.83
CA SER A 126 -1.76 -4.69 40.61
C SER A 126 -1.68 -3.23 41.04
N ASP A 127 -0.56 -2.86 41.64
CA ASP A 127 -0.30 -1.48 42.05
C ASP A 127 -0.47 -0.54 40.87
N GLY A 128 -1.18 0.56 41.10
CA GLY A 128 -1.45 1.54 40.05
C GLY A 128 -2.76 1.36 39.34
N THR A 129 -3.33 0.15 39.35
CA THR A 129 -4.58 -0.13 38.64
C THR A 129 -5.73 0.76 39.14
N TRP A 130 -5.88 0.89 40.46
CA TRP A 130 -6.92 1.77 41.00
C TRP A 130 -6.75 3.20 40.49
N GLU A 131 -5.53 3.73 40.60
CA GLU A 131 -5.24 5.09 40.16
C GLU A 131 -5.47 5.25 38.66
N ALA A 132 -5.11 4.23 37.87
CA ALA A 132 -5.30 4.30 36.42
C ALA A 132 -6.78 4.33 36.06
N ALA A 133 -7.58 3.49 36.71
CA ALA A 133 -9.03 3.49 36.47
C ALA A 133 -9.65 4.83 36.79
N ARG A 134 -9.23 5.45 37.91
CA ARG A 134 -9.74 6.76 38.27
C ARG A 134 -9.42 7.81 37.22
N ALA A 135 -8.16 7.83 36.77
CA ALA A 135 -7.74 8.80 35.76
C ALA A 135 -8.50 8.61 34.46
N SER A 136 -8.70 7.36 34.04
CA SER A 136 -9.40 7.10 32.79
C SER A 136 -10.85 7.59 32.88
N ALA A 137 -11.49 7.38 34.03
CA ALA A 137 -12.82 7.95 34.23
C ALA A 137 -12.79 9.47 34.15
N ASN A 138 -11.77 10.09 34.75
CA ASN A 138 -11.66 11.56 34.68
C ASN A 138 -11.38 12.01 33.26
N VAL A 139 -10.64 11.21 32.48
CA VAL A 139 -10.44 11.55 31.08
C VAL A 139 -11.79 11.61 30.36
N ALA A 140 -12.66 10.64 30.62
CA ALA A 140 -13.97 10.66 29.97
C ALA A 140 -14.81 11.85 30.44
N LEU A 141 -14.76 12.18 31.73
CA LEU A 141 -15.58 13.27 32.25
C LEU A 141 -15.08 14.64 31.80
N THR A 142 -13.76 14.81 31.64
CA THR A 142 -13.21 16.04 31.07
C THR A 142 -13.70 16.23 29.63
N ALA A 143 -13.63 15.18 28.83
CA ALA A 143 -14.17 15.25 27.48
C ALA A 143 -15.66 15.59 27.51
N GLN A 144 -16.41 14.99 28.42
CA GLN A 144 -17.84 15.29 28.47
C GLN A 144 -18.06 16.76 28.82
N LYS A 145 -17.24 17.28 29.75
CA LYS A 145 -17.35 18.68 30.13
C LYS A 145 -17.05 19.60 28.94
N LEU A 146 -16.07 19.22 28.09
CA LEU A 146 -15.71 20.03 26.94
C LEU A 146 -16.87 20.14 25.96
N VAL A 147 -17.58 19.05 25.75
CA VAL A 147 -18.71 19.02 24.82
C VAL A 147 -19.90 19.76 25.41
N ALA A 148 -20.14 19.59 26.71
CA ALA A 148 -21.25 20.27 27.36
C ALA A 148 -21.07 21.79 27.30
N GLU A 149 -19.84 22.27 27.37
CA GLU A 149 -19.58 23.70 27.34
C GLU A 149 -19.35 24.24 25.93
N GLY A 150 -19.65 23.46 24.88
CA GLY A 150 -19.67 24.04 23.55
C GLY A 150 -18.96 23.31 22.42
N GLU A 151 -18.03 22.41 22.72
CA GLU A 151 -17.39 21.66 21.64
C GLU A 151 -18.39 20.72 20.99
N ARG A 152 -18.30 20.58 19.67
CA ARG A 152 -19.15 19.60 18.98
C ARG A 152 -18.80 18.18 19.42
N ALA A 153 -17.51 17.93 19.66
CA ALA A 153 -17.04 16.59 19.96
C ALA A 153 -15.70 16.68 20.67
N ALA A 154 -15.37 15.62 21.41
CA ALA A 154 -14.06 15.52 22.04
C ALA A 154 -13.69 14.05 22.14
N PHE A 155 -12.39 13.79 22.17
CA PHE A 155 -11.85 12.44 22.15
C PHE A 155 -11.26 12.19 23.53
N ALA A 156 -11.85 11.24 24.26
CA ALA A 156 -11.35 10.86 25.58
C ALA A 156 -10.45 9.65 25.36
N LEU A 157 -9.14 9.87 25.46
CA LEU A 157 -8.15 8.82 25.24
C LEU A 157 -8.04 7.99 26.53
N CYS A 158 -9.14 7.30 26.81
CA CYS A 158 -9.24 6.44 27.98
C CYS A 158 -8.32 5.22 27.89
N ARG A 159 -7.59 4.97 28.98
CA ARG A 159 -6.91 3.69 29.16
C ARG A 159 -6.70 3.52 30.66
N PRO A 160 -7.18 2.44 31.30
CA PRO A 160 -7.90 1.30 30.70
C PRO A 160 -9.27 1.64 30.11
N PRO A 161 -9.76 0.78 29.19
CA PRO A 161 -11.12 0.94 28.64
C PRO A 161 -12.21 0.67 29.67
N GLY A 162 -13.48 0.69 29.23
CA GLY A 162 -14.55 0.60 30.20
C GLY A 162 -15.76 -0.23 29.83
N HIS A 163 -15.94 -0.57 28.55
CA HIS A 163 -17.31 -0.91 28.15
C HIS A 163 -17.78 -2.28 28.63
N HIS A 164 -16.89 -3.15 29.12
CA HIS A 164 -17.26 -4.44 29.70
C HIS A 164 -17.63 -4.36 31.18
N ALA A 165 -17.43 -3.21 31.81
CA ALA A 165 -17.65 -3.08 33.25
C ALA A 165 -19.11 -2.84 33.55
N HIS A 166 -19.68 -3.70 34.40
CA HIS A 166 -21.03 -3.54 34.92
C HIS A 166 -20.98 -2.58 36.10
N ALA A 167 -22.16 -2.29 36.65
CA ALA A 167 -22.24 -1.51 37.88
C ALA A 167 -21.30 -2.04 38.96
N ASP A 168 -21.16 -3.37 39.05
CA ASP A 168 -20.27 -3.95 40.08
C ASP A 168 -19.56 -5.21 39.56
N VAL A 169 -19.17 -5.22 38.28
CA VAL A 169 -18.39 -6.34 37.73
C VAL A 169 -17.30 -5.80 36.81
N PHE A 170 -16.06 -6.27 37.00
CA PHE A 170 -14.95 -5.91 36.13
C PHE A 170 -14.55 -7.10 35.27
N GLY A 171 -13.85 -6.82 34.19
CA GLY A 171 -13.38 -7.86 33.28
C GLY A 171 -13.16 -7.30 31.90
N GLY A 172 -12.58 -8.16 31.05
CA GLY A 172 -12.28 -7.72 29.70
C GLY A 172 -11.46 -6.44 29.64
N TYR A 173 -10.49 -6.30 30.54
CA TYR A 173 -9.56 -5.18 30.65
C TYR A 173 -10.21 -3.90 31.16
N CYS A 174 -11.47 -3.96 31.62
CA CYS A 174 -12.21 -2.77 32.02
C CYS A 174 -12.54 -2.80 33.51
N PHE A 175 -12.59 -1.60 34.11
CA PHE A 175 -12.90 -1.48 35.53
C PHE A 175 -14.03 -0.49 35.81
N PHE A 176 -13.88 0.73 35.33
CA PHE A 176 -14.93 1.75 35.40
C PHE A 176 -15.46 1.96 33.99
N ASN A 177 -16.77 2.00 33.83
CA ASN A 177 -17.37 2.09 32.50
C ASN A 177 -17.41 3.56 32.11
N ASN A 178 -16.34 4.01 31.44
CA ASN A 178 -16.15 5.41 31.10
C ASN A 178 -17.27 5.95 30.22
N ALA A 179 -17.72 5.15 29.24
CA ALA A 179 -18.82 5.60 28.37
C ALA A 179 -20.10 5.78 29.17
N ALA A 180 -20.40 4.84 30.05
CA ALA A 180 -21.63 4.96 30.84
C ALA A 180 -21.53 6.14 31.81
N ILE A 181 -20.34 6.38 32.36
CA ILE A 181 -20.13 7.52 33.26
C ILE A 181 -20.35 8.84 32.51
N ALA A 182 -19.84 8.93 31.28
CA ALA A 182 -20.05 10.15 30.49
C ALA A 182 -21.51 10.31 30.09
N ALA A 183 -22.17 9.21 29.74
CA ALA A 183 -23.59 9.26 29.37
C ALA A 183 -24.42 9.73 30.55
N GLN A 184 -24.15 9.15 31.72
CA GLN A 184 -24.87 9.56 32.93
C GLN A 184 -24.55 10.99 33.30
N ALA A 185 -23.33 11.46 33.05
CA ALA A 185 -23.00 12.86 33.30
C ALA A 185 -23.84 13.79 32.42
N PHE A 186 -24.02 13.43 31.14
CA PHE A 186 -24.95 14.16 30.29
C PHE A 186 -26.35 14.17 30.90
N ARG A 187 -26.83 13.01 31.37
CA ARG A 187 -28.16 12.96 31.95
C ARG A 187 -28.25 13.87 33.18
N ASP A 188 -27.22 13.84 34.02
CA ASP A 188 -27.25 14.62 35.24
C ASP A 188 -27.21 16.12 34.98
N GLN A 189 -26.67 16.52 33.82
CA GLN A 189 -26.56 17.91 33.42
C GLN A 189 -27.73 18.39 32.58
N GLY A 190 -28.86 17.68 32.64
CA GLY A 190 -30.08 18.14 32.02
C GLY A 190 -30.29 17.73 30.59
N TYR A 191 -29.43 16.85 30.04
CA TYR A 191 -29.62 16.29 28.71
C TYR A 191 -30.66 15.19 28.81
N GLY A 192 -31.82 15.41 28.17
CA GLY A 192 -32.95 14.52 28.39
C GLY A 192 -32.69 13.09 27.95
N LYS A 193 -32.07 12.92 26.80
CA LYS A 193 -31.88 11.60 26.23
C LYS A 193 -30.46 11.46 25.70
N VAL A 194 -29.82 10.33 26.00
CA VAL A 194 -28.44 10.10 25.55
C VAL A 194 -28.40 8.75 24.85
N ALA A 195 -27.63 8.70 23.76
CA ALA A 195 -27.35 7.46 23.05
C ALA A 195 -25.90 7.06 23.26
N VAL A 196 -25.68 5.76 23.49
CA VAL A 196 -24.34 5.19 23.60
C VAL A 196 -24.20 4.15 22.52
N LEU A 197 -23.29 4.39 21.58
CA LEU A 197 -23.08 3.53 20.42
C LEU A 197 -21.71 2.87 20.52
N ASP A 198 -21.69 1.55 20.59
CA ASP A 198 -20.48 0.77 20.85
C ASP A 198 -20.01 0.14 19.54
N VAL A 199 -18.90 0.66 18.98
CA VAL A 199 -18.35 0.14 17.74
C VAL A 199 -17.08 -0.69 17.94
N ASP A 200 -16.62 -0.86 19.18
CA ASP A 200 -15.58 -1.85 19.49
C ASP A 200 -16.02 -3.22 19.01
N PHE A 201 -15.04 -4.06 18.65
CA PHE A 201 -15.35 -5.39 18.15
C PHE A 201 -16.17 -6.22 19.14
N HIS A 202 -16.02 -5.99 20.44
CA HIS A 202 -16.74 -6.79 21.42
C HIS A 202 -18.02 -6.09 21.85
N HIS A 203 -18.97 -6.90 22.31
CA HIS A 203 -20.20 -6.35 22.88
C HIS A 203 -19.90 -5.50 24.11
N GLY A 204 -20.47 -4.29 24.15
CA GLY A 204 -20.44 -3.51 25.38
C GLY A 204 -21.45 -4.01 26.42
N ASN A 205 -21.17 -5.17 27.02
CA ASN A 205 -22.13 -5.78 27.94
C ASN A 205 -22.32 -4.93 29.19
N GLY A 206 -21.25 -4.27 29.64
CA GLY A 206 -21.37 -3.44 30.83
C GLY A 206 -22.31 -2.27 30.64
N THR A 207 -22.19 -1.60 29.50
CA THR A 207 -23.07 -0.47 29.19
C THR A 207 -24.50 -0.95 28.99
N GLN A 208 -24.69 -2.08 28.33
CA GLN A 208 -26.02 -2.64 28.18
C GLN A 208 -26.64 -2.92 29.54
N ALA A 209 -25.88 -3.55 30.44
CA ALA A 209 -26.43 -3.93 31.75
C ALA A 209 -26.80 -2.70 32.57
N ILE A 210 -25.94 -1.69 32.55
CA ILE A 210 -26.13 -0.49 33.38
C ILE A 210 -27.44 0.21 33.04
N PHE A 211 -27.79 0.27 31.74
CA PHE A 211 -28.95 1.04 31.32
C PHE A 211 -30.13 0.14 30.92
N TYR A 212 -30.07 -1.16 31.24
CA TYR A 212 -30.95 -2.14 30.59
C TYR A 212 -32.43 -1.88 30.84
N ASP A 213 -32.80 -1.34 32.00
CA ASP A 213 -34.20 -1.10 32.35
C ASP A 213 -34.60 0.36 32.21
N ARG A 214 -33.86 1.14 31.43
CA ARG A 214 -34.08 2.58 31.28
C ARG A 214 -34.34 2.94 29.83
N SER A 215 -35.27 3.88 29.62
CA SER A 215 -35.58 4.35 28.27
C SER A 215 -34.92 5.70 27.94
N ASP A 216 -34.26 6.32 28.92
CA ASP A 216 -33.62 7.62 28.70
C ASP A 216 -32.21 7.50 28.12
N VAL A 217 -31.62 6.31 28.18
CA VAL A 217 -30.30 6.09 27.59
C VAL A 217 -30.41 4.90 26.63
N LEU A 218 -30.32 5.20 25.34
CA LEU A 218 -30.33 4.18 24.29
C LEU A 218 -28.94 3.59 24.13
N THR A 219 -28.81 2.27 24.27
CA THR A 219 -27.52 1.59 24.12
C THR A 219 -27.58 0.67 22.91
N ILE A 220 -26.58 0.78 22.03
CA ILE A 220 -26.48 -0.03 20.82
C ILE A 220 -25.05 -0.53 20.69
N SER A 221 -24.88 -1.79 20.29
CA SER A 221 -23.55 -2.33 20.09
C SER A 221 -23.53 -3.15 18.81
N LEU A 222 -22.52 -2.92 17.98
CA LEU A 222 -22.12 -3.82 16.89
C LEU A 222 -20.95 -4.65 17.38
N HIS A 223 -20.92 -5.94 17.04
CA HIS A 223 -19.83 -6.76 17.57
C HIS A 223 -19.85 -8.15 16.94
N GLY A 224 -18.77 -8.87 17.19
CA GLY A 224 -18.70 -10.27 16.79
C GLY A 224 -19.65 -11.11 17.64
N ASP A 225 -20.19 -12.13 17.02
CA ASP A 225 -21.12 -13.08 17.60
C ASP A 225 -20.64 -13.57 18.95
N PRO A 226 -21.34 -13.28 20.06
CA PRO A 226 -20.89 -13.81 21.36
C PRO A 226 -20.98 -15.32 21.46
N ASP A 227 -21.66 -16.02 20.54
CA ASP A 227 -21.54 -17.48 20.52
C ASP A 227 -20.09 -17.87 20.27
N LEU A 228 -19.33 -17.01 19.60
CA LEU A 228 -17.96 -17.29 19.20
C LEU A 228 -16.91 -16.57 20.03
N VAL A 229 -17.20 -15.39 20.56
CA VAL A 229 -16.17 -14.53 21.15
C VAL A 229 -16.66 -13.87 22.42
N PHE A 230 -15.70 -13.45 23.22
CA PHE A 230 -15.96 -12.66 24.42
C PHE A 230 -16.95 -11.54 24.12
N PRO A 231 -17.94 -11.27 25.00
CA PRO A 231 -18.10 -11.79 26.36
C PRO A 231 -18.94 -13.08 26.51
N HIS A 232 -19.35 -13.70 25.38
CA HIS A 232 -19.99 -15.01 25.37
C HIS A 232 -21.40 -15.07 25.95
N PHE A 233 -21.70 -14.36 27.04
CA PHE A 233 -22.95 -14.58 27.76
C PHE A 233 -23.85 -13.35 27.77
N LEU A 234 -23.48 -12.31 27.05
CA LEU A 234 -24.39 -11.25 26.66
C LEU A 234 -24.00 -10.80 25.25
N GLY A 235 -24.90 -10.05 24.62
CA GLY A 235 -24.65 -9.54 23.29
C GLY A 235 -25.51 -10.11 22.19
N PHE A 236 -26.47 -10.95 22.51
CA PHE A 236 -27.27 -11.53 21.45
C PHE A 236 -28.40 -10.59 21.04
N GLU A 237 -28.92 -10.80 19.82
CA GLU A 237 -29.83 -9.82 19.23
C GLU A 237 -31.21 -9.85 19.90
N ASP A 238 -31.55 -10.91 20.60
CA ASP A 238 -32.81 -10.97 21.33
C ASP A 238 -32.78 -10.20 22.66
N GLU A 239 -31.66 -9.57 23.02
CA GLU A 239 -31.58 -8.76 24.23
C GLU A 239 -31.97 -7.32 23.85
N THR A 240 -33.23 -6.98 24.05
CA THR A 240 -33.77 -5.69 23.60
C THR A 240 -34.16 -4.76 24.75
N GLY A 241 -33.87 -5.12 25.99
CA GLY A 241 -34.25 -4.30 27.14
C GLY A 241 -35.23 -5.00 28.05
N GLU A 242 -35.53 -4.33 29.16
CA GLU A 242 -36.38 -4.88 30.19
C GLU A 242 -37.19 -3.76 30.84
N GLY A 243 -38.47 -4.01 31.09
CA GLY A 243 -39.29 -3.00 31.71
C GLY A 243 -39.42 -1.78 30.82
N ASP A 244 -39.21 -0.59 31.40
CA ASP A 244 -39.26 0.64 30.61
C ASP A 244 -38.14 0.69 29.58
N GLY A 245 -37.10 -0.11 29.75
CA GLY A 245 -36.02 -0.18 28.79
C GLY A 245 -36.29 -1.09 27.63
N GLU A 246 -37.48 -1.69 27.56
CA GLU A 246 -37.81 -2.51 26.39
C GLU A 246 -37.76 -1.67 25.14
N ALA A 247 -36.99 -2.16 24.15
CA ALA A 247 -36.71 -1.56 22.83
C ALA A 247 -35.70 -0.43 22.89
N TYR A 248 -35.00 -0.24 24.02
CA TYR A 248 -33.96 0.79 24.13
C TYR A 248 -32.57 0.16 24.29
N ASN A 249 -32.43 -1.10 23.90
CA ASN A 249 -31.14 -1.76 23.69
C ASN A 249 -31.19 -2.47 22.35
N LEU A 250 -30.13 -2.35 21.56
CA LEU A 250 -30.05 -3.00 20.26
C LEU A 250 -28.66 -3.61 20.07
N ASN A 251 -28.60 -4.93 19.90
CA ASN A 251 -27.37 -5.66 19.58
C ASN A 251 -27.39 -6.08 18.12
N ILE A 252 -26.30 -5.83 17.41
CA ILE A 252 -26.14 -6.22 16.01
C ILE A 252 -24.88 -7.05 15.89
N VAL A 253 -25.03 -8.28 15.45
CA VAL A 253 -23.99 -9.31 15.55
C VAL A 253 -23.50 -9.67 14.16
N PHE A 254 -22.20 -9.93 14.03
CA PHE A 254 -21.61 -10.33 12.76
C PHE A 254 -20.68 -11.53 12.93
N PRO A 255 -20.45 -12.28 11.87
CA PRO A 255 -19.65 -13.50 11.96
C PRO A 255 -18.18 -13.22 11.62
N PRO A 256 -17.32 -14.25 11.64
CA PRO A 256 -15.93 -14.04 11.28
C PRO A 256 -15.76 -13.54 9.86
N ASP A 257 -14.73 -12.69 9.70
CA ASP A 257 -14.23 -12.16 8.43
C ASP A 257 -15.11 -11.04 7.90
N THR A 258 -16.01 -10.47 8.72
CA THR A 258 -16.92 -9.44 8.23
C THR A 258 -16.16 -8.18 7.83
N PRO A 259 -16.33 -7.69 6.58
CA PRO A 259 -15.64 -6.46 6.15
C PRO A 259 -16.50 -5.23 6.34
N PHE A 260 -15.94 -4.06 6.07
CA PHE A 260 -16.67 -2.82 6.25
C PHE A 260 -17.94 -2.79 5.39
N SER A 261 -17.88 -3.35 4.19
CA SER A 261 -19.05 -3.28 3.32
C SER A 261 -20.29 -3.88 3.97
N ILE A 262 -20.11 -4.86 4.85
CA ILE A 262 -21.23 -5.49 5.55
C ILE A 262 -21.45 -4.85 6.92
N TRP A 263 -20.35 -4.64 7.66
CA TRP A 263 -20.43 -3.99 8.97
C TRP A 263 -21.11 -2.64 8.88
N SER A 264 -20.83 -1.90 7.79
CA SER A 264 -21.42 -0.56 7.63
C SER A 264 -22.93 -0.62 7.43
N GLN A 265 -23.47 -1.74 6.96
CA GLN A 265 -24.92 -1.90 6.92
C GLN A 265 -25.50 -1.96 8.33
N GLY A 266 -24.81 -2.64 9.25
CA GLY A 266 -25.23 -2.59 10.64
C GLY A 266 -25.08 -1.21 11.24
N LEU A 267 -24.01 -0.48 10.85
CA LEU A 267 -23.84 0.88 11.32
C LEU A 267 -25.01 1.76 10.88
N GLU A 268 -25.48 1.55 9.65
CA GLU A 268 -26.62 2.33 9.16
C GLU A 268 -27.88 2.01 9.96
N LYS A 269 -28.10 0.74 10.29
CA LYS A 269 -29.21 0.37 11.15
C LYS A 269 -29.12 1.07 12.49
N ALA A 270 -27.91 1.11 13.08
CA ALA A 270 -27.74 1.79 14.36
C ALA A 270 -28.01 3.28 14.23
N CYS A 271 -27.56 3.88 13.11
CA CYS A 271 -27.78 5.30 12.91
C CYS A 271 -29.26 5.62 12.73
N GLU A 272 -30.01 4.73 12.09
CA GLU A 272 -31.46 4.92 11.98
C GLU A 272 -32.14 4.83 13.34
N ARG A 273 -31.74 3.87 14.17
CA ARG A 273 -32.28 3.78 15.52
C ARG A 273 -31.96 5.04 16.31
N ILE A 274 -30.74 5.55 16.18
CA ILE A 274 -30.38 6.79 16.87
C ILE A 274 -31.26 7.95 16.39
N ARG A 275 -31.49 8.03 15.07
CA ARG A 275 -32.28 9.15 14.54
C ARG A 275 -33.70 9.15 15.09
N THR A 276 -34.34 7.97 15.16
CA THR A 276 -35.70 7.92 15.70
C THR A 276 -35.71 8.25 17.18
N PHE A 277 -34.72 7.76 17.93
CA PHE A 277 -34.62 8.08 19.35
C PHE A 277 -34.46 9.59 19.54
N ALA A 278 -33.72 10.25 18.65
CA ALA A 278 -33.51 11.70 18.69
C ALA A 278 -32.88 12.12 20.02
N PRO A 279 -31.68 11.65 20.32
CA PRO A 279 -31.05 11.97 21.60
C PRO A 279 -30.51 13.40 21.63
N ASP A 280 -30.14 13.83 22.82
CA ASP A 280 -29.58 15.15 22.99
C ASP A 280 -28.05 15.14 23.03
N ALA A 281 -27.45 13.96 23.17
CA ALA A 281 -26.00 13.79 23.11
C ALA A 281 -25.71 12.33 22.78
N LEU A 282 -24.48 12.10 22.33
CA LEU A 282 -24.03 10.81 21.84
C LEU A 282 -22.70 10.47 22.48
N VAL A 283 -22.57 9.25 23.00
CA VAL A 283 -21.29 8.74 23.46
C VAL A 283 -20.92 7.59 22.53
N VAL A 284 -19.74 7.66 21.93
CA VAL A 284 -19.29 6.58 21.05
C VAL A 284 -18.21 5.83 21.80
N ALA A 285 -18.49 4.58 22.16
CA ALA A 285 -17.46 3.70 22.73
C ALA A 285 -16.66 3.14 21.56
N LEU A 286 -15.47 3.73 21.32
CA LEU A 286 -14.73 3.48 20.09
C LEU A 286 -13.63 2.46 20.32
N GLY A 287 -13.75 1.29 19.69
CA GLY A 287 -12.64 0.35 19.60
C GLY A 287 -12.24 0.22 18.15
N VAL A 288 -10.94 0.00 17.93
CA VAL A 288 -10.46 -0.26 16.57
C VAL A 288 -9.90 -1.68 16.53
N ASP A 289 -10.42 -2.54 17.41
CA ASP A 289 -10.15 -3.97 17.29
C ASP A 289 -11.00 -4.64 16.21
N THR A 290 -11.81 -3.86 15.49
CA THR A 290 -12.45 -4.31 14.26
C THR A 290 -11.47 -4.37 13.09
N PHE A 291 -10.22 -3.99 13.33
CA PHE A 291 -9.16 -3.90 12.32
C PHE A 291 -8.77 -5.27 11.79
N GLU A 292 -8.44 -5.30 10.50
CA GLU A 292 -8.12 -6.55 9.80
C GLU A 292 -6.90 -7.25 10.36
N GLU A 293 -6.03 -6.53 11.08
CA GLU A 293 -4.87 -7.16 11.70
C GLU A 293 -4.96 -7.28 13.22
N ASP A 294 -6.12 -7.01 13.81
CA ASP A 294 -6.23 -7.10 15.26
C ASP A 294 -5.94 -8.53 15.72
N PRO A 295 -5.12 -8.71 16.76
CA PRO A 295 -4.66 -10.08 17.10
C PRO A 295 -5.68 -10.93 17.83
N ILE A 296 -6.79 -10.37 18.32
CA ILE A 296 -7.75 -11.17 19.09
C ILE A 296 -9.17 -11.09 18.52
N SER A 297 -9.32 -10.53 17.34
CA SER A 297 -10.65 -10.28 16.77
C SER A 297 -10.68 -10.71 15.31
N PHE A 298 -11.89 -10.79 14.73
CA PHE A 298 -11.98 -11.41 13.40
C PHE A 298 -12.78 -10.58 12.38
N PHE A 299 -12.81 -9.25 12.52
CA PHE A 299 -13.37 -8.42 11.47
C PHE A 299 -12.26 -7.94 10.54
N LYS A 300 -12.66 -7.33 9.42
CA LYS A 300 -11.71 -7.02 8.34
C LYS A 300 -11.83 -5.59 7.87
N LEU A 301 -11.99 -4.64 8.80
CA LEU A 301 -11.94 -3.25 8.41
C LEU A 301 -10.50 -2.85 8.08
N THR A 302 -10.35 -1.97 7.09
CA THR A 302 -9.05 -1.42 6.73
C THR A 302 -8.88 -0.07 7.42
N SER A 303 -7.64 0.43 7.45
CA SER A 303 -7.39 1.69 8.14
C SER A 303 -8.20 2.82 7.49
N GLY A 304 -8.35 2.77 6.16
CA GLY A 304 -9.15 3.76 5.47
C GLY A 304 -10.62 3.72 5.84
N ASP A 305 -11.11 2.55 6.28
CA ASP A 305 -12.51 2.46 6.70
C ASP A 305 -12.81 3.32 7.93
N TYR A 306 -11.80 3.60 8.76
CA TYR A 306 -12.06 4.40 9.96
C TYR A 306 -12.32 5.85 9.60
N LEU A 307 -11.76 6.33 8.49
CA LEU A 307 -12.16 7.65 8.00
C LEU A 307 -13.64 7.68 7.64
N LYS A 308 -14.14 6.60 7.02
CA LYS A 308 -15.55 6.55 6.64
C LYS A 308 -16.45 6.47 7.87
N LEU A 309 -16.02 5.72 8.88
CA LEU A 309 -16.77 5.61 10.13
C LEU A 309 -16.94 6.98 10.78
N GLY A 310 -15.85 7.75 10.88
CA GLY A 310 -15.94 9.06 11.48
C GLY A 310 -16.86 9.99 10.71
N LYS A 311 -16.78 9.95 9.38
CA LYS A 311 -17.69 10.77 8.58
C LYS A 311 -19.14 10.41 8.84
N ARG A 312 -19.45 9.12 8.88
CA ARG A 312 -20.83 8.71 9.10
C ARG A 312 -21.30 9.08 10.50
N LEU A 313 -20.40 9.02 11.49
CA LEU A 313 -20.79 9.41 12.84
C LEU A 313 -21.11 10.90 12.92
N GLU A 314 -20.30 11.73 12.25
CA GLU A 314 -20.57 13.17 12.26
C GLU A 314 -21.93 13.48 11.67
N GLN A 315 -22.35 12.75 10.62
CA GLN A 315 -23.60 13.07 9.94
C GLN A 315 -24.83 12.91 10.85
N LEU A 316 -24.69 12.17 11.96
CA LEU A 316 -25.75 12.11 12.96
C LEU A 316 -26.06 13.48 13.56
N GLY A 317 -25.12 14.41 13.51
CA GLY A 317 -25.36 15.79 13.90
C GLY A 317 -25.51 16.04 15.38
N LEU A 318 -24.82 15.27 16.23
CA LEU A 318 -25.04 15.31 17.68
C LEU A 318 -23.78 15.75 18.43
N PRO A 319 -23.92 16.33 19.62
CA PRO A 319 -22.76 16.49 20.51
C PRO A 319 -22.23 15.12 20.87
N THR A 320 -20.93 14.91 20.65
CA THR A 320 -20.38 13.55 20.67
C THR A 320 -19.12 13.47 21.50
N VAL A 321 -19.10 12.56 22.46
CA VAL A 321 -17.88 12.18 23.17
C VAL A 321 -17.45 10.81 22.67
N PHE A 322 -16.19 10.68 22.26
CA PHE A 322 -15.57 9.38 21.97
C PHE A 322 -14.77 8.93 23.19
N THR A 323 -15.07 7.73 23.71
CA THR A 323 -14.21 7.09 24.71
C THR A 323 -13.45 5.94 24.07
N MET A 324 -12.14 5.93 24.25
CA MET A 324 -11.32 4.89 23.65
C MET A 324 -11.55 3.56 24.36
N GLU A 325 -11.89 2.52 23.58
CA GLU A 325 -11.99 1.18 24.16
C GLU A 325 -10.85 0.30 23.67
N GLY A 326 -11.14 -0.74 22.89
CA GLY A 326 -10.15 -1.71 22.48
C GLY A 326 -9.40 -1.36 21.20
N GLY A 327 -8.66 -2.36 20.68
CA GLY A 327 -7.73 -2.19 19.58
C GLY A 327 -6.32 -2.57 19.97
N TYR A 328 -5.80 -3.70 19.46
CA TYR A 328 -4.61 -4.32 20.04
C TYR A 328 -3.48 -4.57 19.06
N ASP A 329 -3.64 -4.19 17.79
CA ASP A 329 -2.52 -4.06 16.88
C ASP A 329 -1.93 -2.68 17.10
N VAL A 330 -0.89 -2.61 17.93
CA VAL A 330 -0.33 -1.32 18.31
C VAL A 330 0.32 -0.64 17.12
N ASP A 331 0.84 -1.41 16.16
CA ASP A 331 1.40 -0.82 14.95
C ASP A 331 0.45 0.19 14.32
N ALA A 332 -0.84 -0.14 14.26
CA ALA A 332 -1.80 0.67 13.53
C ALA A 332 -2.82 1.38 14.40
N ILE A 333 -2.74 1.23 15.74
CA ILE A 333 -3.79 1.74 16.60
C ILE A 333 -3.90 3.27 16.49
N GLY A 334 -2.76 3.95 16.35
CA GLY A 334 -2.80 5.40 16.23
C GLY A 334 -3.42 5.86 14.93
N VAL A 335 -3.01 5.24 13.81
CA VAL A 335 -3.61 5.57 12.52
C VAL A 335 -5.12 5.33 12.57
N ASN A 336 -5.52 4.19 13.13
CA ASN A 336 -6.92 3.79 13.06
C ASN A 336 -7.80 4.69 13.92
N ALA A 337 -7.41 4.92 15.17
CA ALA A 337 -8.23 5.71 16.07
C ALA A 337 -8.26 7.17 15.64
N VAL A 338 -7.12 7.72 15.24
CA VAL A 338 -7.10 9.12 14.82
C VAL A 338 -7.80 9.28 13.47
N ASN A 339 -7.82 8.23 12.65
CA ASN A 339 -8.58 8.32 11.40
C ASN A 339 -10.06 8.57 11.67
N VAL A 340 -10.60 7.96 12.74
CA VAL A 340 -12.01 8.21 13.07
C VAL A 340 -12.21 9.68 13.42
N MET A 341 -11.34 10.25 14.23
CA MET A 341 -11.50 11.67 14.58
C MET A 341 -11.32 12.56 13.35
N GLN A 342 -10.36 12.22 12.49
CA GLN A 342 -10.13 13.02 11.29
C GLN A 342 -11.29 12.91 10.31
N GLY A 343 -11.86 11.71 10.16
CA GLY A 343 -13.04 11.58 9.30
C GLY A 343 -14.24 12.34 9.85
N PHE A 344 -14.39 12.34 11.17
CA PHE A 344 -15.42 13.15 11.81
C PHE A 344 -15.22 14.62 11.51
N GLU A 345 -13.96 15.07 11.45
CA GLU A 345 -13.64 16.47 11.24
C GLU A 345 -13.54 16.86 9.77
N GLY A 346 -13.78 15.94 8.83
CA GLY A 346 -13.89 16.26 7.42
C GLY A 346 -12.91 15.55 6.51
N LYS A 347 -11.87 14.91 7.04
CA LYS A 347 -10.93 14.17 6.20
C LYS A 347 -11.62 12.94 5.61
N SER A 348 -11.18 12.52 4.40
CA SER A 348 -11.70 11.29 3.76
C SER A 348 -11.31 11.23 2.26
N SER B 5 26.69 -23.53 23.54
CA SER B 5 27.92 -22.83 23.89
C SER B 5 28.07 -21.47 23.23
N MET B 6 27.45 -21.24 22.07
CA MET B 6 27.61 -19.94 21.42
C MET B 6 26.70 -18.91 22.06
N LYS B 7 27.30 -17.83 22.51
CA LYS B 7 26.53 -16.77 23.13
C LYS B 7 25.96 -15.83 22.07
N THR B 8 24.86 -15.18 22.43
CA THR B 8 24.18 -14.22 21.56
C THR B 8 24.05 -12.90 22.30
N VAL B 9 24.37 -11.80 21.61
CA VAL B 9 24.15 -10.46 22.16
C VAL B 9 22.90 -9.88 21.52
N PHE B 10 21.99 -9.35 22.36
CA PHE B 10 20.72 -8.80 21.90
C PHE B 10 20.36 -7.58 22.74
N SER B 11 19.89 -6.51 22.08
CA SER B 11 19.42 -5.31 22.77
C SER B 11 17.94 -5.10 22.50
N PRO B 12 17.10 -5.02 23.54
CA PRO B 12 15.69 -4.68 23.32
C PRO B 12 15.48 -3.30 22.75
N LEU B 13 16.52 -2.46 22.74
CA LEU B 13 16.41 -1.14 22.15
C LEU B 13 16.28 -1.17 20.63
N HIS B 14 16.49 -2.34 20.01
CA HIS B 14 16.29 -2.41 18.56
C HIS B 14 14.88 -1.96 18.17
N SER B 15 13.90 -2.16 19.06
CA SER B 15 12.53 -1.82 18.73
CA SER B 15 12.52 -1.82 18.76
C SER B 15 12.30 -0.32 18.63
N ARG B 16 13.29 0.50 19.01
CA ARG B 16 13.16 1.94 18.83
C ARG B 16 13.29 2.30 17.37
N ARG B 17 13.91 1.43 16.60
CA ARG B 17 13.88 1.52 15.14
C ARG B 17 12.55 0.94 14.67
N HIS B 18 11.60 1.82 14.36
CA HIS B 18 10.24 1.38 14.09
C HIS B 18 9.61 2.42 13.17
N VAL B 19 9.93 2.34 11.88
CA VAL B 19 9.35 3.26 10.90
C VAL B 19 8.15 2.58 10.26
N LYS B 20 7.24 3.39 9.75
CA LYS B 20 6.03 2.83 9.16
C LYS B 20 6.03 2.86 7.65
N THR B 21 7.04 3.46 7.01
CA THR B 21 7.05 3.57 5.56
C THR B 21 8.41 3.19 5.00
N GLU B 22 8.36 2.60 3.81
CA GLU B 22 9.53 2.32 2.98
C GLU B 22 9.11 2.58 1.54
N LEU B 23 9.86 3.43 0.82
CA LEU B 23 9.56 3.66 -0.58
C LEU B 23 9.98 2.43 -1.40
N ASP B 24 9.01 1.82 -2.09
CA ASP B 24 9.22 0.59 -2.85
C ASP B 24 8.21 0.57 -4.00
N GLY B 25 8.72 0.50 -5.23
CA GLY B 25 7.85 0.45 -6.39
C GLY B 25 6.92 1.61 -6.55
N GLY B 26 7.35 2.82 -6.17
CA GLY B 26 6.53 4.00 -6.30
C GLY B 26 5.50 4.19 -5.20
N LEU B 27 5.43 3.28 -4.23
CA LEU B 27 4.49 3.35 -3.13
C LEU B 27 5.25 3.39 -1.81
N LEU B 28 4.58 3.87 -0.76
CA LEU B 28 5.10 3.78 0.60
C LEU B 28 4.47 2.57 1.27
N ILE B 29 5.28 1.55 1.54
CA ILE B 29 4.79 0.28 2.05
C ILE B 29 5.27 0.11 3.49
N GLU B 30 4.72 -0.88 4.17
CA GLU B 30 5.28 -1.27 5.45
C GLU B 30 6.69 -1.79 5.22
N PRO B 31 7.66 -1.35 6.00
CA PRO B 31 9.06 -1.73 5.72
C PRO B 31 9.27 -3.23 5.85
N HIS B 32 10.21 -3.75 5.04
CA HIS B 32 10.61 -5.16 5.15
C HIS B 32 11.45 -5.40 6.39
N GLU B 33 12.29 -4.43 6.76
CA GLU B 33 13.23 -4.59 7.88
C GLU B 33 12.49 -4.24 9.17
N LYS B 34 11.63 -5.17 9.61
CA LYS B 34 10.69 -4.88 10.70
C LYS B 34 11.14 -5.47 12.02
N PRO B 35 10.64 -4.96 13.15
CA PRO B 35 11.11 -5.45 14.46
C PRO B 35 10.90 -6.94 14.70
N SER B 36 9.86 -7.54 14.12
CA SER B 36 9.62 -8.97 14.35
C SER B 36 10.74 -9.84 13.80
N ARG B 37 11.58 -9.30 12.91
CA ARG B 37 12.77 -10.05 12.47
C ARG B 37 13.66 -10.39 13.65
N ALA B 38 14.03 -9.39 14.45
CA ALA B 38 14.92 -9.62 15.58
C ALA B 38 14.23 -10.46 16.66
N GLU B 39 12.94 -10.21 16.90
CA GLU B 39 12.25 -10.96 17.95
C GLU B 39 12.10 -12.43 17.57
N THR B 40 11.94 -12.72 16.27
CA THR B 40 11.80 -14.10 15.81
C THR B 40 13.11 -14.87 15.90
N ILE B 41 14.24 -14.24 15.56
CA ILE B 41 15.53 -14.89 15.77
C ILE B 41 15.76 -15.16 17.26
N LEU B 42 15.51 -14.15 18.10
CA LEU B 42 15.75 -14.30 19.53
C LEU B 42 14.91 -15.42 20.13
N ALA B 43 13.62 -15.48 19.75
CA ALA B 43 12.77 -16.57 20.22
C ALA B 43 13.36 -17.94 19.84
N ARG B 44 13.91 -18.05 18.62
CA ARG B 44 14.50 -19.31 18.19
C ARG B 44 15.80 -19.60 18.91
N VAL B 45 16.59 -18.57 19.22
CA VAL B 45 17.79 -18.74 20.04
C VAL B 45 17.43 -19.35 21.39
N LYS B 46 16.37 -18.84 22.02
CA LYS B 46 15.91 -19.39 23.30
C LYS B 46 15.36 -20.80 23.16
N ASP B 47 14.59 -21.06 22.10
CA ASP B 47 13.93 -22.34 21.92
C ASP B 47 14.95 -23.46 21.72
N GLN B 48 16.02 -23.18 20.99
CA GLN B 48 17.04 -24.17 20.72
C GLN B 48 18.13 -24.18 21.78
N ALA B 49 18.07 -23.27 22.75
CA ALA B 49 19.05 -23.16 23.82
C ALA B 49 20.47 -23.06 23.25
N LEU B 50 20.63 -22.18 22.26
CA LEU B 50 21.92 -22.04 21.60
C LEU B 50 23.04 -21.80 22.60
N GLY B 51 22.77 -20.94 23.59
CA GLY B 51 23.78 -20.52 24.54
C GLY B 51 23.26 -19.30 25.27
N GLU B 52 24.13 -18.73 26.09
CA GLU B 52 23.76 -17.55 26.87
C GLU B 52 23.35 -16.40 25.96
N ILE B 53 22.41 -15.57 26.44
CA ILE B 53 21.98 -14.35 25.78
C ILE B 53 22.26 -13.18 26.71
N LEU B 54 23.00 -12.18 26.22
CA LEU B 54 23.31 -11.02 27.04
C LEU B 54 22.96 -9.73 26.32
N GLU B 55 22.76 -8.67 27.12
CA GLU B 55 22.55 -7.35 26.55
C GLU B 55 23.90 -6.67 26.35
N PRO B 56 23.97 -5.63 25.53
CA PRO B 56 25.29 -5.08 25.18
C PRO B 56 25.79 -4.11 26.23
N GLU B 57 27.11 -3.99 26.28
CA GLU B 57 27.71 -2.85 26.99
C GLU B 57 27.65 -1.60 26.13
N GLU B 58 27.70 -0.46 26.80
CA GLU B 58 27.79 0.85 26.16
C GLU B 58 29.25 1.17 25.87
N PHE B 59 29.63 1.14 24.59
CA PHE B 59 30.99 1.47 24.21
C PHE B 59 31.17 2.91 23.77
N GLY B 60 30.08 3.67 23.67
CA GLY B 60 30.16 5.03 23.19
C GLY B 60 30.53 5.11 21.73
N LEU B 61 30.71 6.34 21.27
CA LEU B 61 30.85 6.60 19.84
C LEU B 61 32.29 6.48 19.33
N GLY B 62 33.26 6.33 20.22
CA GLY B 62 34.64 6.18 19.82
C GLY B 62 34.86 5.09 18.78
N PRO B 63 34.48 3.85 19.11
CA PRO B 63 34.64 2.75 18.14
C PRO B 63 33.80 2.92 16.88
N VAL B 64 32.67 3.64 16.94
CA VAL B 64 31.88 3.88 15.75
C VAL B 64 32.58 4.87 14.82
N LYS B 65 33.14 5.93 15.38
CA LYS B 65 33.91 6.89 14.63
C LYS B 65 35.26 6.35 14.16
N ARG B 66 35.67 5.14 14.58
CA ARG B 66 36.84 4.54 13.94
C ARG B 66 36.55 4.17 12.50
N VAL B 67 35.27 4.06 12.14
CA VAL B 67 34.89 3.67 10.77
C VAL B 67 34.05 4.77 10.10
N HIS B 68 33.21 5.47 10.87
CA HIS B 68 32.34 6.48 10.27
C HIS B 68 32.82 7.90 10.59
N THR B 69 32.43 8.85 9.73
CA THR B 69 32.81 10.24 9.97
C THR B 69 31.97 10.86 11.07
N ALA B 70 32.59 11.82 11.77
CA ALA B 70 31.91 12.50 12.86
C ALA B 70 30.73 13.32 12.35
N ASP B 71 30.88 13.93 11.17
CA ASP B 71 29.79 14.69 10.55
C ASP B 71 28.59 13.79 10.29
N TYR B 72 28.85 12.57 9.82
CA TYR B 72 27.77 11.64 9.54
C TYR B 72 27.13 11.15 10.82
N VAL B 73 27.95 10.74 11.81
CA VAL B 73 27.43 10.35 13.12
C VAL B 73 26.56 11.46 13.70
N SER B 74 27.03 12.71 13.62
CA SER B 74 26.26 13.84 14.14
C SER B 74 24.97 14.06 13.35
N PHE B 75 25.01 13.81 12.05
CA PHE B 75 23.80 13.98 11.24
C PHE B 75 22.72 13.00 11.66
N LEU B 76 23.09 11.73 11.88
CA LEU B 76 22.12 10.73 12.33
C LEU B 76 21.51 11.10 13.68
N GLU B 77 22.29 11.76 14.54
CA GLU B 77 21.77 12.12 15.85
C GLU B 77 20.68 13.18 15.76
N THR B 78 20.84 14.16 14.88
CA THR B 78 19.94 15.30 14.81
C THR B 78 18.94 15.24 13.66
N CYS B 79 19.09 14.28 12.76
CA CYS B 79 18.31 14.29 11.51
C CYS B 79 16.82 14.44 11.79
N TRP B 80 16.26 13.54 12.62
CA TRP B 80 14.82 13.54 12.84
C TRP B 80 14.35 14.87 13.42
N ASP B 81 14.99 15.32 14.50
CA ASP B 81 14.62 16.61 15.09
C ASP B 81 14.66 17.72 14.04
N GLU B 82 15.73 17.79 13.23
CA GLU B 82 15.84 18.81 12.18
C GLU B 82 14.71 18.69 11.16
N TRP B 83 14.37 17.46 10.79
CA TRP B 83 13.31 17.20 9.81
C TRP B 83 11.96 17.72 10.31
N VAL B 84 11.61 17.38 11.56
CA VAL B 84 10.36 17.87 12.12
C VAL B 84 10.38 19.38 12.24
N ALA B 85 11.52 19.95 12.68
CA ALA B 85 11.62 21.39 12.86
C ALA B 85 11.44 22.14 11.55
N ALA B 86 11.84 21.53 10.42
CA ALA B 86 11.65 22.13 9.12
C ALA B 86 10.21 22.01 8.63
N GLY B 87 9.33 21.39 9.41
CA GLY B 87 7.92 21.32 9.07
C GLY B 87 7.49 20.11 8.26
N LYS B 88 8.41 19.21 7.92
CA LYS B 88 8.01 18.01 7.17
C LYS B 88 7.03 17.19 8.00
N ARG B 89 6.09 16.54 7.31
CA ARG B 89 5.02 15.84 8.00
C ARG B 89 5.12 14.32 7.89
N GLY B 90 5.97 13.78 7.03
CA GLY B 90 6.18 12.36 6.93
C GLY B 90 7.43 11.92 7.70
N GLU B 91 7.81 10.66 7.49
CA GLU B 91 9.09 10.22 8.04
C GLU B 91 10.22 10.81 7.18
N ALA B 92 11.44 10.76 7.70
CA ALA B 92 12.56 11.41 6.99
C ALA B 92 13.03 10.51 5.87
N ILE B 93 12.84 10.96 4.64
CA ILE B 93 13.19 10.26 3.40
C ILE B 93 13.88 11.24 2.47
N PRO B 94 15.04 10.92 1.91
CA PRO B 94 15.68 11.84 0.96
C PRO B 94 14.84 11.96 -0.30
N THR B 95 14.83 13.17 -0.86
CA THR B 95 14.10 13.55 -2.08
C THR B 95 15.03 13.95 -3.21
N PHE B 96 16.20 14.47 -2.87
CA PHE B 96 17.14 15.05 -3.81
C PHE B 96 18.53 14.58 -3.44
N TRP B 97 19.38 14.37 -4.45
CA TRP B 97 20.73 13.87 -4.17
C TRP B 97 21.70 14.47 -5.17
N VAL B 98 22.98 14.15 -4.98
CA VAL B 98 24.04 14.60 -5.87
C VAL B 98 23.95 13.78 -7.15
N GLY B 99 23.23 14.29 -8.14
CA GLY B 99 23.15 13.62 -9.42
C GLY B 99 24.50 13.66 -10.11
N ARG B 100 24.63 12.83 -11.14
CA ARG B 100 25.82 12.91 -11.98
C ARG B 100 25.98 14.32 -12.54
N GLY B 101 27.20 14.86 -12.48
CA GLY B 101 27.43 16.22 -12.92
C GLY B 101 27.25 17.28 -11.85
N MET B 102 26.71 16.93 -10.69
CA MET B 102 26.55 17.90 -9.62
C MET B 102 27.73 17.79 -8.64
N ARG B 103 27.82 18.75 -7.72
CA ARG B 103 28.95 18.82 -6.80
C ARG B 103 28.68 18.02 -5.54
N ALA B 104 29.67 17.22 -5.12
CA ALA B 104 29.57 16.49 -3.85
C ALA B 104 29.98 17.46 -2.76
N ARG B 105 29.02 18.30 -2.36
CA ARG B 105 29.23 19.42 -1.46
C ARG B 105 28.13 19.43 -0.42
N LEU B 106 28.50 19.52 0.85
CA LEU B 106 27.50 19.42 1.92
C LEU B 106 26.70 20.71 2.01
N PRO B 107 25.38 20.68 1.81
CA PRO B 107 24.58 21.90 2.00
C PRO B 107 24.08 22.04 3.42
N LYS B 108 23.35 23.12 3.66
CA LYS B 108 22.81 23.44 5.00
C LYS B 108 21.43 22.81 5.23
N ASP B 109 20.55 22.87 4.23
CA ASP B 109 19.16 22.42 4.41
C ASP B 109 19.10 20.93 4.69
N ILE B 110 18.11 20.54 5.51
CA ILE B 110 17.96 19.13 5.93
C ILE B 110 17.75 18.20 4.73
N ASP B 111 16.94 18.62 3.75
CA ASP B 111 16.78 17.80 2.54
C ASP B 111 18.11 17.60 1.82
N GLY B 112 18.91 18.67 1.69
CA GLY B 112 20.20 18.54 1.06
C GLY B 112 21.14 17.62 1.84
N ARG B 113 21.08 17.69 3.16
CA ARG B 113 21.91 16.82 3.98
C ARG B 113 21.47 15.36 3.84
N LEU B 114 20.16 15.10 3.84
CA LEU B 114 19.64 13.74 3.67
C LEU B 114 20.18 13.09 2.39
N GLY B 115 20.11 13.83 1.27
CA GLY B 115 20.58 13.27 0.02
C GLY B 115 22.09 13.13 -0.01
N TYR B 116 22.81 14.12 0.53
CA TYR B 116 24.26 14.04 0.59
C TYR B 116 24.71 12.76 1.30
N TYR B 117 24.04 12.42 2.39
CA TYR B 117 24.43 11.27 3.22
C TYR B 117 23.74 9.96 2.86
N SER B 118 23.08 9.85 1.70
CA SER B 118 22.32 8.64 1.40
C SER B 118 22.63 8.12 0.00
N LEU B 119 22.34 6.82 -0.21
CA LEU B 119 22.40 6.18 -1.52
C LEU B 119 21.03 5.66 -1.97
N GLY B 120 19.98 5.94 -1.21
CA GLY B 120 18.66 5.48 -1.59
C GLY B 120 17.61 6.04 -0.66
N ALA B 121 16.36 5.89 -1.09
CA ALA B 121 15.21 6.40 -0.36
C ALA B 121 14.37 5.29 0.28
N ASP B 122 14.94 4.09 0.40
CA ASP B 122 14.23 2.95 1.00
C ASP B 122 14.37 2.90 2.51
N THR B 123 15.04 3.88 3.11
CA THR B 123 15.47 3.80 4.50
C THR B 123 14.98 5.05 5.25
N SER B 124 13.70 5.04 5.64
CA SER B 124 13.15 6.16 6.36
C SER B 124 13.81 6.27 7.74
N ILE B 125 13.87 7.49 8.27
CA ILE B 125 14.37 7.76 9.61
C ILE B 125 13.24 8.40 10.41
N SER B 126 13.08 7.95 11.66
CA SER B 126 12.11 8.56 12.56
C SER B 126 12.70 8.55 13.97
N ASP B 127 11.86 8.91 14.94
CA ASP B 127 12.32 8.93 16.33
C ASP B 127 12.73 7.52 16.77
N GLY B 128 13.87 7.44 17.46
CA GLY B 128 14.39 6.17 17.93
C GLY B 128 15.33 5.47 16.97
N THR B 129 15.43 5.94 15.72
CA THR B 129 16.38 5.33 14.79
C THR B 129 17.80 5.48 15.30
N TRP B 130 18.14 6.67 15.81
CA TRP B 130 19.46 6.93 16.36
C TRP B 130 19.79 5.97 17.49
N GLU B 131 18.88 5.87 18.47
CA GLU B 131 19.12 5.03 19.64
C GLU B 131 19.29 3.57 19.23
N ALA B 132 18.49 3.11 18.28
CA ALA B 132 18.60 1.71 17.87
C ALA B 132 19.87 1.47 17.06
N ALA B 133 20.26 2.41 16.20
CA ALA B 133 21.52 2.24 15.47
C ALA B 133 22.71 2.21 16.43
N ARG B 134 22.69 3.06 17.46
CA ARG B 134 23.75 3.04 18.47
C ARG B 134 23.79 1.70 19.19
N ALA B 135 22.63 1.18 19.57
CA ALA B 135 22.59 -0.08 20.29
C ALA B 135 23.02 -1.24 19.41
N SER B 136 22.69 -1.18 18.12
CA SER B 136 23.07 -2.27 17.24
C SER B 136 24.59 -2.33 17.07
N ALA B 137 25.26 -1.18 17.00
CA ALA B 137 26.73 -1.19 17.03
C ALA B 137 27.28 -1.70 18.35
N ASN B 138 26.64 -1.34 19.48
CA ASN B 138 27.09 -1.86 20.77
C ASN B 138 26.92 -3.37 20.84
N VAL B 139 25.87 -3.90 20.20
CA VAL B 139 25.69 -5.35 20.13
C VAL B 139 26.85 -6.01 19.40
N ALA B 140 27.27 -5.45 18.25
CA ALA B 140 28.39 -6.01 17.51
C ALA B 140 29.70 -5.89 18.31
N LEU B 141 29.89 -4.78 19.01
CA LEU B 141 31.11 -4.60 19.80
C LEU B 141 31.13 -5.49 21.04
N THR B 142 29.97 -5.80 21.61
CA THR B 142 29.95 -6.72 22.73
C THR B 142 30.29 -8.13 22.28
N ALA B 143 29.80 -8.53 21.10
CA ALA B 143 30.15 -9.84 20.58
C ALA B 143 31.64 -9.91 20.32
N GLN B 144 32.21 -8.86 19.72
CA GLN B 144 33.66 -8.86 19.47
C GLN B 144 34.44 -8.98 20.78
N LYS B 145 33.97 -8.30 21.83
CA LYS B 145 34.65 -8.38 23.11
C LYS B 145 34.59 -9.80 23.67
N LEU B 146 33.44 -10.48 23.51
CA LEU B 146 33.32 -11.87 23.96
C LEU B 146 34.33 -12.78 23.26
N VAL B 147 34.53 -12.58 21.96
CA VAL B 147 35.47 -13.40 21.19
C VAL B 147 36.91 -13.02 21.54
N ALA B 148 37.20 -11.72 21.68
CA ALA B 148 38.54 -11.29 22.05
C ALA B 148 38.94 -11.79 23.44
N GLU B 149 37.98 -11.98 24.33
CA GLU B 149 38.28 -12.44 25.67
C GLU B 149 38.12 -13.94 25.82
N GLY B 150 38.02 -14.69 24.72
CA GLY B 150 38.13 -16.13 24.80
C GLY B 150 37.13 -16.99 24.04
N GLU B 151 35.94 -16.48 23.73
CA GLU B 151 34.98 -17.30 23.02
C GLU B 151 35.45 -17.53 21.58
N ARG B 152 35.25 -18.75 21.10
CA ARG B 152 35.53 -19.05 19.71
C ARG B 152 34.67 -18.18 18.79
N ALA B 153 33.39 -18.02 19.11
CA ALA B 153 32.48 -17.27 18.28
C ALA B 153 31.38 -16.64 19.13
N ALA B 154 30.70 -15.64 18.56
CA ALA B 154 29.57 -14.98 19.19
C ALA B 154 28.65 -14.45 18.10
N PHE B 155 27.34 -14.45 18.40
CA PHE B 155 26.29 -13.99 17.51
C PHE B 155 25.82 -12.61 17.97
N ALA B 156 26.17 -11.60 17.18
CA ALA B 156 25.67 -10.23 17.37
C ALA B 156 24.33 -10.16 16.66
N LEU B 157 23.24 -10.16 17.43
CA LEU B 157 21.90 -10.08 16.84
C LEU B 157 21.56 -8.61 16.62
N CYS B 158 22.24 -8.02 15.63
CA CYS B 158 22.08 -6.60 15.30
C CYS B 158 20.77 -6.35 14.58
N ARG B 159 20.10 -5.26 14.94
CA ARG B 159 19.02 -4.63 14.18
C ARG B 159 18.96 -3.16 14.60
N PRO B 160 19.14 -2.19 13.68
CA PRO B 160 19.26 -2.32 12.21
C PRO B 160 20.57 -2.93 11.74
N PRO B 161 20.55 -3.53 10.53
CA PRO B 161 21.78 -4.07 9.93
C PRO B 161 22.74 -2.97 9.51
N GLY B 162 23.86 -3.35 8.90
CA GLY B 162 24.94 -2.41 8.67
C GLY B 162 25.73 -2.47 7.38
N HIS B 163 25.68 -3.58 6.63
CA HIS B 163 26.74 -3.75 5.63
C HIS B 163 26.64 -2.80 4.44
N HIS B 164 25.51 -2.11 4.24
CA HIS B 164 25.42 -1.12 3.17
C HIS B 164 25.93 0.26 3.57
N ALA B 165 26.23 0.50 4.85
CA ALA B 165 26.60 1.84 5.27
C ALA B 165 28.09 2.08 5.02
N HIS B 166 28.38 3.17 4.29
CA HIS B 166 29.74 3.63 4.05
C HIS B 166 30.22 4.44 5.26
N ALA B 167 31.42 5.01 5.17
CA ALA B 167 31.88 5.87 6.25
C ALA B 167 30.91 7.02 6.51
N ASP B 168 30.24 7.54 5.46
CA ASP B 168 29.35 8.68 5.60
C ASP B 168 28.15 8.57 4.66
N VAL B 169 27.66 7.36 4.38
CA VAL B 169 26.47 7.15 3.56
C VAL B 169 25.60 6.07 4.21
N PHE B 170 24.31 6.35 4.40
CA PHE B 170 23.36 5.33 4.85
C PHE B 170 22.44 4.89 3.71
N GLY B 171 21.84 3.71 3.89
CA GLY B 171 20.90 3.20 2.91
C GLY B 171 20.78 1.70 3.00
N GLY B 172 19.83 1.16 2.24
CA GLY B 172 19.59 -0.27 2.32
C GLY B 172 19.29 -0.76 3.72
N TYR B 173 18.60 0.05 4.53
CA TYR B 173 18.18 -0.24 5.90
C TYR B 173 19.34 -0.17 6.91
N CYS B 174 20.50 0.33 6.52
CA CYS B 174 21.71 0.37 7.32
C CYS B 174 22.11 1.80 7.68
N PHE B 175 22.71 1.96 8.87
CA PHE B 175 23.16 3.26 9.36
C PHE B 175 24.62 3.20 9.81
N PHE B 176 24.93 2.31 10.75
CA PHE B 176 26.29 2.05 11.19
C PHE B 176 26.71 0.68 10.69
N ASN B 177 27.91 0.59 10.15
CA ASN B 177 28.38 -0.67 9.56
C ASN B 177 28.91 -1.53 10.70
N ASN B 178 28.01 -2.32 11.28
CA ASN B 178 28.35 -3.11 12.46
C ASN B 178 29.50 -4.07 12.20
N ALA B 179 29.50 -4.73 11.05
CA ALA B 179 30.60 -5.65 10.75
C ALA B 179 31.93 -4.91 10.65
N ALA B 180 31.94 -3.76 9.96
CA ALA B 180 33.19 -3.01 9.88
C ALA B 180 33.61 -2.49 11.24
N ILE B 181 32.64 -2.15 12.10
CA ILE B 181 32.96 -1.64 13.43
C ILE B 181 33.60 -2.74 14.27
N ALA B 182 33.10 -3.97 14.16
CA ALA B 182 33.71 -5.10 14.87
C ALA B 182 35.07 -5.46 14.29
N ALA B 183 35.20 -5.44 12.97
CA ALA B 183 36.48 -5.71 12.33
C ALA B 183 37.54 -4.70 12.79
N GLN B 184 37.21 -3.41 12.74
CA GLN B 184 38.17 -2.40 13.17
C GLN B 184 38.47 -2.52 14.66
N ALA B 185 37.48 -2.93 15.48
CA ALA B 185 37.77 -3.17 16.90
C ALA B 185 38.84 -4.26 17.06
N PHE B 186 38.73 -5.35 16.29
CA PHE B 186 39.77 -6.38 16.30
C PHE B 186 41.14 -5.78 15.98
N ARG B 187 41.22 -4.98 14.91
CA ARG B 187 42.50 -4.37 14.55
C ARG B 187 43.01 -3.48 15.67
N ASP B 188 42.15 -2.63 16.23
CA ASP B 188 42.57 -1.74 17.29
C ASP B 188 42.97 -2.48 18.56
N GLN B 189 42.70 -3.78 18.66
CA GLN B 189 43.09 -4.57 19.81
C GLN B 189 44.25 -5.50 19.51
N GLY B 190 45.00 -5.24 18.44
CA GLY B 190 46.22 -5.98 18.18
C GLY B 190 46.10 -7.15 17.22
N TYR B 191 44.89 -7.46 16.73
CA TYR B 191 44.72 -8.49 15.72
C TYR B 191 45.28 -7.96 14.40
N GLY B 192 46.37 -8.54 13.92
CA GLY B 192 47.07 -7.96 12.78
C GLY B 192 46.21 -7.91 11.53
N LYS B 193 45.43 -8.95 11.29
CA LYS B 193 44.68 -9.07 10.04
C LYS B 193 43.29 -9.59 10.34
N VAL B 194 42.29 -9.01 9.67
CA VAL B 194 40.89 -9.39 9.85
C VAL B 194 40.28 -9.62 8.48
N ALA B 195 39.40 -10.62 8.37
CA ALA B 195 38.63 -10.86 7.16
C ALA B 195 37.15 -10.64 7.47
N VAL B 196 36.43 -9.98 6.54
CA VAL B 196 34.99 -9.80 6.65
C VAL B 196 34.35 -10.48 5.46
N LEU B 197 33.52 -11.50 5.74
CA LEU B 197 32.86 -12.28 4.70
C LEU B 197 31.36 -12.00 4.75
N ASP B 198 30.80 -11.56 3.63
CA ASP B 198 29.43 -11.07 3.56
C ASP B 198 28.58 -12.07 2.76
N VAL B 199 27.74 -12.85 3.46
CA VAL B 199 26.93 -13.88 2.82
C VAL B 199 25.47 -13.49 2.69
N ASP B 200 25.11 -12.28 3.11
CA ASP B 200 23.81 -11.68 2.78
C ASP B 200 23.65 -11.61 1.26
N PHE B 201 22.40 -11.76 0.80
CA PHE B 201 22.10 -11.77 -0.64
C PHE B 201 22.63 -10.53 -1.35
N HIS B 202 22.76 -9.41 -0.67
CA HIS B 202 23.16 -8.16 -1.31
C HIS B 202 24.64 -7.87 -1.09
N HIS B 203 25.23 -7.10 -2.01
CA HIS B 203 26.63 -6.73 -1.89
C HIS B 203 26.84 -5.90 -0.64
N GLY B 204 27.85 -6.23 0.14
CA GLY B 204 28.20 -5.35 1.25
C GLY B 204 29.04 -4.18 0.79
N ASN B 205 28.42 -3.23 0.08
CA ASN B 205 29.17 -2.12 -0.52
C ASN B 205 29.81 -1.23 0.54
N GLY B 206 29.14 -1.01 1.67
CA GLY B 206 29.72 -0.17 2.71
C GLY B 206 31.02 -0.74 3.27
N THR B 207 31.02 -2.04 3.56
CA THR B 207 32.23 -2.69 4.07
C THR B 207 33.34 -2.64 3.04
N GLN B 208 32.99 -2.93 1.78
CA GLN B 208 33.97 -2.81 0.69
C GLN B 208 34.58 -1.42 0.66
N ALA B 209 33.73 -0.39 0.70
CA ALA B 209 34.19 0.99 0.57
C ALA B 209 35.06 1.40 1.75
N ILE B 210 34.67 1.01 2.97
CA ILE B 210 35.39 1.42 4.17
C ILE B 210 36.84 0.93 4.14
N PHE B 211 37.07 -0.29 3.64
CA PHE B 211 38.40 -0.89 3.68
C PHE B 211 39.06 -0.96 2.30
N TYR B 212 38.55 -0.22 1.32
CA TYR B 212 38.89 -0.51 -0.07
C TYR B 212 40.39 -0.34 -0.36
N ASP B 213 41.05 0.61 0.30
CA ASP B 213 42.45 0.89 0.03
C ASP B 213 43.39 0.30 1.08
N ARG B 214 42.93 -0.72 1.81
CA ARG B 214 43.66 -1.29 2.92
C ARG B 214 43.91 -2.77 2.68
N SER B 215 45.12 -3.22 3.02
CA SER B 215 45.45 -4.65 2.94
C SER B 215 45.35 -5.37 4.27
N ASP B 216 45.11 -4.67 5.39
CA ASP B 216 45.01 -5.35 6.68
C ASP B 216 43.61 -5.89 6.96
N VAL B 217 42.62 -5.54 6.15
CA VAL B 217 41.27 -6.07 6.26
C VAL B 217 40.85 -6.60 4.89
N LEU B 218 40.62 -7.90 4.79
CA LEU B 218 40.16 -8.50 3.54
C LEU B 218 38.63 -8.54 3.54
N THR B 219 38.01 -7.99 2.51
CA THR B 219 36.55 -7.97 2.38
C THR B 219 36.12 -8.84 1.20
N ILE B 220 35.15 -9.72 1.44
CA ILE B 220 34.61 -10.62 0.42
C ILE B 220 33.09 -10.65 0.57
N SER B 221 32.37 -10.57 -0.55
CA SER B 221 30.93 -10.66 -0.55
C SER B 221 30.45 -11.56 -1.68
N LEU B 222 29.49 -12.43 -1.35
CA LEU B 222 28.74 -13.21 -2.34
C LEU B 222 27.40 -12.50 -2.46
N HIS B 223 26.86 -12.35 -3.67
CA HIS B 223 25.62 -11.58 -3.79
C HIS B 223 25.00 -11.73 -5.16
N GLY B 224 23.73 -11.34 -5.24
CA GLY B 224 23.08 -11.20 -6.52
C GLY B 224 23.70 -10.10 -7.36
N ASP B 225 23.76 -10.35 -8.67
CA ASP B 225 24.29 -9.45 -9.69
C ASP B 225 23.79 -8.02 -9.48
N PRO B 226 24.67 -7.07 -9.16
CA PRO B 226 24.20 -5.68 -9.01
C PRO B 226 23.73 -5.07 -10.33
N ASP B 227 23.99 -5.70 -11.48
CA ASP B 227 23.31 -5.22 -12.68
C ASP B 227 21.80 -5.35 -12.54
N LEU B 228 21.35 -6.35 -11.79
CA LEU B 228 19.94 -6.67 -11.62
C LEU B 228 19.34 -6.21 -10.30
N VAL B 229 20.13 -6.08 -9.23
CA VAL B 229 19.58 -5.81 -7.90
C VAL B 229 20.44 -4.82 -7.11
N PHE B 230 19.83 -4.30 -6.07
CA PHE B 230 20.48 -3.37 -5.14
C PHE B 230 21.80 -3.97 -4.65
N PRO B 231 22.89 -3.18 -4.55
CA PRO B 231 22.94 -1.71 -4.66
C PRO B 231 23.25 -1.15 -6.07
N HIS B 232 23.27 -2.00 -7.09
CA HIS B 232 23.37 -1.57 -8.49
C HIS B 232 24.69 -0.94 -8.91
N PHE B 233 25.31 -0.09 -8.08
CA PHE B 233 26.44 0.71 -8.55
C PHE B 233 27.75 0.34 -7.88
N LEU B 234 27.77 -0.77 -7.13
CA LEU B 234 28.99 -1.39 -6.62
C LEU B 234 28.70 -2.88 -6.50
N GLY B 235 29.76 -3.66 -6.31
CA GLY B 235 29.64 -5.09 -6.16
C GLY B 235 29.99 -5.91 -7.39
N PHE B 236 30.50 -5.29 -8.45
CA PHE B 236 30.91 -6.05 -9.64
C PHE B 236 32.26 -6.71 -9.39
N GLU B 237 32.52 -7.76 -10.18
CA GLU B 237 33.69 -8.58 -9.91
C GLU B 237 34.99 -7.87 -10.25
N ASP B 238 34.94 -6.81 -11.05
CA ASP B 238 36.18 -6.12 -11.37
C ASP B 238 36.63 -5.16 -10.27
N GLU B 239 35.88 -5.07 -9.18
CA GLU B 239 36.26 -4.24 -8.03
C GLU B 239 37.13 -5.08 -7.10
N THR B 240 38.46 -4.99 -7.27
CA THR B 240 39.37 -5.80 -6.47
C THR B 240 40.17 -5.00 -5.46
N GLY B 241 39.89 -3.71 -5.29
CA GLY B 241 40.59 -2.87 -4.35
C GLY B 241 41.42 -1.82 -5.06
N GLU B 242 42.05 -0.95 -4.26
CA GLU B 242 42.85 0.11 -4.83
C GLU B 242 44.05 0.45 -3.94
N GLY B 243 45.12 0.93 -4.58
CA GLY B 243 46.31 1.26 -3.82
C GLY B 243 46.83 0.03 -3.12
N ASP B 244 47.15 0.17 -1.83
CA ASP B 244 47.60 -0.97 -1.04
C ASP B 244 46.52 -2.03 -0.89
N GLY B 245 45.25 -1.67 -1.11
CA GLY B 245 44.16 -2.60 -1.03
C GLY B 245 43.92 -3.43 -2.27
N GLU B 246 44.65 -3.17 -3.35
CA GLU B 246 44.53 -3.96 -4.56
C GLU B 246 44.73 -5.44 -4.25
N ALA B 247 43.74 -6.25 -4.64
CA ALA B 247 43.62 -7.69 -4.40
C ALA B 247 43.20 -8.06 -2.99
N TYR B 248 42.68 -7.10 -2.21
CA TYR B 248 42.15 -7.39 -0.87
C TYR B 248 40.65 -7.08 -0.79
N ASN B 249 39.98 -7.03 -1.93
CA ASN B 249 38.54 -7.09 -2.04
C ASN B 249 38.19 -8.09 -3.14
N LEU B 250 37.11 -8.85 -2.92
CA LEU B 250 36.68 -9.86 -3.87
C LEU B 250 35.15 -9.95 -3.84
N ASN B 251 34.55 -9.68 -5.00
CA ASN B 251 33.11 -9.81 -5.19
C ASN B 251 32.80 -11.05 -6.02
N ILE B 252 31.86 -11.87 -5.55
CA ILE B 252 31.40 -13.06 -6.26
C ILE B 252 29.91 -12.91 -6.53
N VAL B 253 29.54 -12.84 -7.81
CA VAL B 253 28.20 -12.43 -8.27
C VAL B 253 27.45 -13.64 -8.83
N PHE B 254 26.14 -13.72 -8.58
CA PHE B 254 25.30 -14.83 -9.02
C PHE B 254 23.98 -14.35 -9.63
N PRO B 255 23.46 -15.08 -10.61
CA PRO B 255 22.25 -14.66 -11.32
C PRO B 255 20.98 -15.16 -10.63
N PRO B 256 19.79 -14.85 -11.17
CA PRO B 256 18.56 -15.33 -10.55
C PRO B 256 18.47 -16.85 -10.46
N ASP B 257 17.78 -17.30 -9.41
CA ASP B 257 17.46 -18.70 -9.14
C ASP B 257 18.66 -19.53 -8.71
N THR B 258 19.78 -18.90 -8.34
CA THR B 258 20.98 -19.65 -7.98
C THR B 258 20.73 -20.53 -6.76
N PRO B 259 20.98 -21.84 -6.83
CA PRO B 259 20.77 -22.73 -5.69
C PRO B 259 22.07 -22.92 -4.89
N PHE B 260 21.94 -23.63 -3.76
CA PHE B 260 23.11 -23.84 -2.90
C PHE B 260 24.23 -24.57 -3.62
N SER B 261 23.87 -25.54 -4.49
CA SER B 261 24.89 -26.30 -5.21
C SER B 261 25.85 -25.41 -5.98
N ILE B 262 25.38 -24.27 -6.46
CA ILE B 262 26.23 -23.31 -7.17
C ILE B 262 26.76 -22.22 -6.25
N TRP B 263 25.90 -21.69 -5.37
CA TRP B 263 26.31 -20.67 -4.40
C TRP B 263 27.45 -21.17 -3.53
N SER B 264 27.39 -22.44 -3.14
CA SER B 264 28.43 -22.99 -2.27
C SER B 264 29.79 -23.09 -2.98
N GLN B 265 29.83 -23.05 -4.31
CA GLN B 265 31.13 -23.02 -4.97
C GLN B 265 31.78 -21.66 -4.81
N GLY B 266 30.97 -20.59 -4.82
CA GLY B 266 31.51 -19.28 -4.49
C GLY B 266 31.95 -19.20 -3.05
N LEU B 267 31.22 -19.87 -2.16
CA LEU B 267 31.65 -19.94 -0.76
C LEU B 267 33.02 -20.60 -0.66
N GLU B 268 33.26 -21.63 -1.48
CA GLU B 268 34.55 -22.31 -1.45
C GLU B 268 35.67 -21.40 -1.91
N LYS B 269 35.46 -20.65 -2.99
CA LYS B 269 36.48 -19.71 -3.42
C LYS B 269 36.74 -18.68 -2.34
N ALA B 270 35.68 -18.20 -1.69
CA ALA B 270 35.83 -17.22 -0.63
C ALA B 270 36.64 -17.78 0.55
N CYS B 271 36.36 -19.02 0.94
CA CYS B 271 37.09 -19.61 2.06
C CYS B 271 38.54 -19.88 1.71
N GLU B 272 38.82 -20.17 0.44
CA GLU B 272 40.20 -20.37 0.03
C GLU B 272 40.98 -19.06 0.04
N ARG B 273 40.33 -17.95 -0.32
CA ARG B 273 40.98 -16.66 -0.26
C ARG B 273 41.25 -16.25 1.19
N ILE B 274 40.29 -16.52 2.09
CA ILE B 274 40.50 -16.21 3.51
C ILE B 274 41.64 -17.04 4.06
N ARG B 275 41.68 -18.33 3.70
CA ARG B 275 42.77 -19.22 4.14
C ARG B 275 44.13 -18.64 3.76
N THR B 276 44.28 -18.23 2.51
CA THR B 276 45.56 -17.66 2.05
C THR B 276 45.90 -16.38 2.80
N PHE B 277 44.91 -15.50 2.99
CA PHE B 277 45.11 -14.27 3.75
C PHE B 277 45.57 -14.54 5.18
N ALA B 278 45.20 -15.69 5.74
CA ALA B 278 45.56 -16.09 7.10
C ALA B 278 45.22 -15.04 8.15
N PRO B 279 43.96 -14.65 8.30
CA PRO B 279 43.62 -13.59 9.24
C PRO B 279 43.70 -14.09 10.68
N ASP B 280 43.69 -13.12 11.59
CA ASP B 280 43.64 -13.41 13.02
C ASP B 280 42.23 -13.38 13.58
N ALA B 281 41.25 -12.94 12.78
CA ALA B 281 39.87 -12.93 13.21
C ALA B 281 38.99 -12.84 11.97
N LEU B 282 37.76 -13.30 12.13
CA LEU B 282 36.79 -13.33 11.06
C LEU B 282 35.51 -12.65 11.54
N VAL B 283 34.95 -11.80 10.68
CA VAL B 283 33.62 -11.25 10.89
C VAL B 283 32.77 -11.72 9.73
N VAL B 284 31.61 -12.29 10.03
CA VAL B 284 30.70 -12.81 9.03
C VAL B 284 29.46 -11.92 9.04
N ALA B 285 29.28 -11.15 7.98
CA ALA B 285 28.07 -10.35 7.81
C ALA B 285 26.98 -11.30 7.33
N LEU B 286 26.10 -11.72 8.26
CA LEU B 286 25.20 -12.84 8.03
C LEU B 286 23.82 -12.33 7.64
N GLY B 287 23.46 -12.54 6.38
CA GLY B 287 22.08 -12.37 5.92
C GLY B 287 21.52 -13.73 5.56
N VAL B 288 20.23 -13.93 5.84
CA VAL B 288 19.58 -15.13 5.33
C VAL B 288 18.52 -14.72 4.31
N ASP B 289 18.73 -13.60 3.63
CA ASP B 289 17.85 -13.27 2.52
C ASP B 289 18.22 -14.03 1.25
N THR B 290 19.23 -14.89 1.31
CA THR B 290 19.50 -15.88 0.28
C THR B 290 18.48 -17.02 0.26
N PHE B 291 17.51 -17.00 1.17
CA PHE B 291 16.52 -18.06 1.34
C PHE B 291 15.54 -18.12 0.18
N GLU B 292 15.11 -19.35 -0.16
CA GLU B 292 14.27 -19.55 -1.34
C GLU B 292 12.92 -18.87 -1.25
N GLU B 293 12.48 -18.45 -0.06
CA GLU B 293 11.21 -17.75 0.11
C GLU B 293 11.38 -16.26 0.39
N ASP B 294 12.58 -15.73 0.27
CA ASP B 294 12.77 -14.33 0.64
C ASP B 294 11.98 -13.42 -0.31
N PRO B 295 11.23 -12.45 0.22
CA PRO B 295 10.34 -11.66 -0.65
C PRO B 295 11.04 -10.68 -1.57
N ILE B 296 12.34 -10.39 -1.39
CA ILE B 296 12.95 -9.32 -2.19
C ILE B 296 14.24 -9.78 -2.87
N SER B 297 14.55 -11.09 -2.80
CA SER B 297 15.81 -11.64 -3.29
C SER B 297 15.53 -12.86 -4.17
N PHE B 298 16.54 -13.31 -4.92
CA PHE B 298 16.22 -14.37 -5.89
C PHE B 298 17.17 -15.57 -5.81
N PHE B 299 17.75 -15.86 -4.65
CA PHE B 299 18.46 -17.12 -4.49
C PHE B 299 17.52 -18.19 -3.95
N LYS B 300 17.99 -19.44 -3.95
CA LYS B 300 17.14 -20.61 -3.71
C LYS B 300 17.71 -21.50 -2.61
N LEU B 301 18.36 -20.90 -1.61
CA LEU B 301 18.84 -21.68 -0.47
C LEU B 301 17.66 -22.24 0.34
N THR B 302 17.86 -23.45 0.86
CA THR B 302 16.89 -24.05 1.77
C THR B 302 17.30 -23.80 3.21
N SER B 303 16.39 -24.11 4.14
CA SER B 303 16.70 -23.94 5.56
CA SER B 303 16.70 -23.94 5.56
C SER B 303 17.82 -24.88 5.98
N GLY B 304 17.84 -26.11 5.44
CA GLY B 304 18.93 -27.02 5.73
C GLY B 304 20.28 -26.53 5.24
N ASP B 305 20.30 -25.73 4.18
CA ASP B 305 21.57 -25.22 3.66
C ASP B 305 22.27 -24.27 4.64
N TYR B 306 21.55 -23.67 5.57
CA TYR B 306 22.22 -22.81 6.54
C TYR B 306 23.01 -23.63 7.55
N LEU B 307 22.59 -24.86 7.83
CA LEU B 307 23.41 -25.75 8.67
C LEU B 307 24.74 -26.03 7.99
N LYS B 308 24.74 -26.26 6.68
CA LYS B 308 25.97 -26.55 5.96
C LYS B 308 26.85 -25.30 5.86
N LEU B 309 26.22 -24.13 5.71
CA LEU B 309 26.97 -22.89 5.70
C LEU B 309 27.67 -22.68 7.04
N GLY B 310 26.94 -22.86 8.16
CA GLY B 310 27.55 -22.76 9.47
C GLY B 310 28.70 -23.73 9.64
N LYS B 311 28.52 -24.96 9.16
CA LYS B 311 29.59 -25.96 9.28
C LYS B 311 30.83 -25.53 8.52
N ARG B 312 30.64 -25.05 7.28
CA ARG B 312 31.77 -24.67 6.44
C ARG B 312 32.54 -23.51 7.05
N LEU B 313 31.82 -22.56 7.67
CA LEU B 313 32.49 -21.42 8.28
C LEU B 313 33.32 -21.86 9.47
N GLU B 314 32.84 -22.83 10.24
CA GLU B 314 33.61 -23.32 11.39
C GLU B 314 34.93 -23.92 10.94
N GLN B 315 34.94 -24.64 9.80
CA GLN B 315 36.17 -25.28 9.36
C GLN B 315 37.28 -24.30 9.01
N LEU B 316 36.98 -23.00 8.91
CA LEU B 316 38.05 -22.01 8.77
C LEU B 316 38.91 -21.88 10.03
N GLY B 317 38.41 -22.35 11.17
CA GLY B 317 39.21 -22.37 12.39
C GLY B 317 39.63 -21.02 12.93
N LEU B 318 38.78 -20.00 12.82
CA LEU B 318 39.11 -18.63 13.20
C LEU B 318 38.20 -18.14 14.32
N PRO B 319 38.68 -17.24 15.18
CA PRO B 319 37.75 -16.49 16.04
C PRO B 319 36.77 -15.72 15.16
N THR B 320 35.47 -15.90 15.42
CA THR B 320 34.44 -15.46 14.49
C THR B 320 33.33 -14.69 15.17
N VAL B 321 33.04 -13.48 14.68
CA VAL B 321 31.86 -12.70 15.07
C VAL B 321 30.87 -12.74 13.91
N PHE B 322 29.64 -13.19 14.20
CA PHE B 322 28.53 -13.08 13.25
C PHE B 322 27.73 -11.81 13.51
N THR B 323 27.62 -10.91 12.53
CA THR B 323 26.70 -9.78 12.64
C THR B 323 25.47 -10.04 11.78
N MET B 324 24.29 -9.78 12.35
CA MET B 324 23.05 -10.03 11.64
C MET B 324 22.79 -8.91 10.64
N GLU B 325 22.61 -9.27 9.36
CA GLU B 325 22.22 -8.31 8.34
C GLU B 325 20.78 -8.58 7.92
N GLY B 326 20.56 -9.00 6.67
CA GLY B 326 19.23 -9.12 6.11
C GLY B 326 18.58 -10.49 6.25
N GLY B 327 17.44 -10.64 5.57
CA GLY B 327 16.59 -11.82 5.71
C GLY B 327 15.17 -11.44 6.06
N TYR B 328 14.24 -11.57 5.11
CA TYR B 328 12.98 -10.86 5.18
C TYR B 328 11.76 -11.76 5.10
N ASP B 329 11.93 -13.08 5.12
CA ASP B 329 10.83 -13.99 5.38
C ASP B 329 10.79 -14.24 6.88
N VAL B 330 9.93 -13.53 7.60
CA VAL B 330 9.96 -13.63 9.05
C VAL B 330 9.53 -15.02 9.53
N ASP B 331 8.71 -15.73 8.75
CA ASP B 331 8.32 -17.07 9.15
C ASP B 331 9.52 -17.96 9.40
N ALA B 332 10.54 -17.87 8.53
CA ALA B 332 11.68 -18.75 8.58
C ALA B 332 12.94 -18.06 9.07
N ILE B 333 12.91 -16.75 9.37
CA ILE B 333 14.16 -16.04 9.64
C ILE B 333 14.86 -16.60 10.88
N GLY B 334 14.11 -17.05 11.88
CA GLY B 334 14.74 -17.60 13.07
C GLY B 334 15.36 -18.97 12.84
N VAL B 335 14.60 -19.86 12.21
CA VAL B 335 15.16 -21.18 11.88
C VAL B 335 16.41 -21.02 11.02
N ASN B 336 16.38 -20.08 10.06
CA ASN B 336 17.52 -19.95 9.15
C ASN B 336 18.74 -19.39 9.86
N ALA B 337 18.58 -18.26 10.56
CA ALA B 337 19.76 -17.67 11.20
C ALA B 337 20.33 -18.57 12.28
N VAL B 338 19.47 -19.17 13.09
CA VAL B 338 19.97 -20.02 14.17
C VAL B 338 20.60 -21.29 13.60
N ASN B 339 20.11 -21.77 12.46
CA ASN B 339 20.73 -22.92 11.80
C ASN B 339 22.20 -22.65 11.50
N VAL B 340 22.55 -21.41 11.13
CA VAL B 340 23.95 -21.09 10.86
C VAL B 340 24.78 -21.29 12.13
N MET B 341 24.29 -20.78 13.26
CA MET B 341 25.01 -20.92 14.52
C MET B 341 25.10 -22.38 14.95
N GLN B 342 24.00 -23.13 14.76
CA GLN B 342 24.00 -24.53 15.14
C GLN B 342 24.89 -25.37 14.24
N GLY B 343 24.90 -25.07 12.93
CA GLY B 343 25.83 -25.75 12.04
C GLY B 343 27.27 -25.41 12.37
N PHE B 344 27.53 -24.17 12.79
CA PHE B 344 28.85 -23.81 13.30
C PHE B 344 29.20 -24.67 14.52
N GLU B 345 28.24 -24.94 15.39
CA GLU B 345 28.52 -25.64 16.63
C GLU B 345 28.46 -27.16 16.51
N GLY B 346 28.11 -27.70 15.34
CA GLY B 346 28.20 -29.14 15.17
C GLY B 346 26.96 -29.84 14.63
N LYS B 347 25.82 -29.15 14.65
CA LYS B 347 24.57 -29.70 14.12
C LYS B 347 24.66 -29.99 12.62
N SER C 5 -17.84 -42.05 -7.23
CA SER C 5 -19.21 -42.13 -7.73
C SER C 5 -19.57 -41.06 -8.76
N MET C 6 -19.28 -39.77 -8.49
CA MET C 6 -19.78 -38.73 -9.38
C MET C 6 -19.02 -38.75 -10.71
N LYS C 7 -19.78 -38.85 -11.81
CA LYS C 7 -19.20 -38.88 -13.14
C LYS C 7 -19.02 -37.47 -13.67
N THR C 8 -18.02 -37.31 -14.54
CA THR C 8 -17.76 -36.03 -15.18
C THR C 8 -17.84 -36.22 -16.68
N VAL C 9 -18.49 -35.28 -17.36
CA VAL C 9 -18.56 -35.24 -18.81
C VAL C 9 -17.65 -34.11 -19.28
N PHE C 10 -16.81 -34.39 -20.27
CA PHE C 10 -15.78 -33.48 -20.75
C PHE C 10 -15.57 -33.72 -22.23
N SER C 11 -15.51 -32.63 -23.00
CA SER C 11 -15.22 -32.74 -24.44
C SER C 11 -13.87 -32.13 -24.75
N PRO C 12 -12.96 -32.88 -25.39
CA PRO C 12 -11.70 -32.26 -25.86
C PRO C 12 -11.90 -31.19 -26.90
N LEU C 13 -13.10 -31.11 -27.50
CA LEU C 13 -13.41 -30.06 -28.47
C LEU C 13 -13.43 -28.67 -27.86
N HIS C 14 -13.49 -28.55 -26.52
CA HIS C 14 -13.52 -27.22 -25.90
C HIS C 14 -12.36 -26.35 -26.38
N SER C 15 -11.23 -26.96 -26.70
CA SER C 15 -10.03 -26.25 -27.11
C SER C 15 -10.16 -25.58 -28.47
N ARG C 16 -11.19 -25.90 -29.26
CA ARG C 16 -11.42 -25.18 -30.52
C ARG C 16 -11.79 -23.72 -30.25
N ARG C 17 -12.31 -23.42 -29.07
CA ARG C 17 -12.48 -22.03 -28.61
C ARG C 17 -11.16 -21.59 -27.99
N HIS C 18 -10.37 -20.82 -28.74
CA HIS C 18 -9.07 -20.41 -28.23
C HIS C 18 -8.73 -19.01 -28.76
N VAL C 19 -9.50 -18.00 -28.32
CA VAL C 19 -9.32 -16.66 -28.86
C VAL C 19 -8.09 -16.01 -28.24
N LYS C 20 -7.54 -15.06 -28.97
CA LYS C 20 -6.31 -14.41 -28.55
C LYS C 20 -6.54 -13.04 -27.91
N THR C 21 -7.75 -12.47 -28.02
CA THR C 21 -8.00 -11.12 -27.54
C THR C 21 -9.30 -11.02 -26.73
N GLU C 22 -9.27 -10.12 -25.74
CA GLU C 22 -10.43 -9.77 -24.93
C GLU C 22 -10.34 -8.27 -24.66
N LEU C 23 -11.39 -7.54 -25.00
CA LEU C 23 -11.45 -6.13 -24.64
C LEU C 23 -11.63 -6.00 -23.14
N ASP C 24 -10.73 -5.25 -22.48
CA ASP C 24 -10.72 -5.10 -21.04
C ASP C 24 -9.99 -3.79 -20.71
N GLY C 25 -10.71 -2.85 -20.10
CA GLY C 25 -10.09 -1.58 -19.73
C GLY C 25 -9.51 -0.82 -20.89
N GLY C 26 -10.11 -0.94 -22.08
CA GLY C 26 -9.65 -0.16 -23.22
C GLY C 26 -8.52 -0.78 -24.00
N LEU C 27 -8.12 -2.01 -23.67
CA LEU C 27 -7.00 -2.68 -24.30
C LEU C 27 -7.45 -4.09 -24.70
N LEU C 28 -6.73 -4.67 -25.64
CA LEU C 28 -6.99 -6.04 -26.04
C LEU C 28 -6.01 -6.94 -25.30
N ILE C 29 -6.52 -7.74 -24.37
CA ILE C 29 -5.69 -8.50 -23.44
C ILE C 29 -5.84 -10.00 -23.70
N GLU C 30 -4.96 -10.77 -23.06
CA GLU C 30 -5.09 -12.24 -23.11
C GLU C 30 -6.37 -12.63 -22.39
N PRO C 31 -7.25 -13.42 -23.01
CA PRO C 31 -8.57 -13.66 -22.41
C PRO C 31 -8.49 -14.45 -21.11
N HIS C 32 -9.40 -14.10 -20.20
CA HIS C 32 -9.49 -14.80 -18.91
C HIS C 32 -10.05 -16.20 -19.09
N GLU C 33 -11.02 -16.37 -19.99
CA GLU C 33 -11.68 -17.66 -20.16
C GLU C 33 -10.85 -18.52 -21.11
N LYS C 34 -9.73 -19.08 -20.57
CA LYS C 34 -8.71 -19.71 -21.39
C LYS C 34 -8.79 -21.24 -21.31
N PRO C 35 -8.27 -21.96 -22.31
CA PRO C 35 -8.37 -23.43 -22.33
C PRO C 35 -7.78 -24.13 -21.12
N SER C 36 -6.72 -23.61 -20.50
CA SER C 36 -6.16 -24.24 -19.32
C SER C 36 -7.15 -24.36 -18.17
N ARG C 37 -8.20 -23.54 -18.15
CA ARG C 37 -9.25 -23.67 -17.13
C ARG C 37 -9.84 -25.09 -17.14
N ALA C 38 -10.39 -25.51 -18.27
CA ALA C 38 -11.00 -26.83 -18.35
C ALA C 38 -9.95 -27.94 -18.14
N GLU C 39 -8.74 -27.74 -18.66
CA GLU C 39 -7.71 -28.78 -18.51
C GLU C 39 -7.26 -28.92 -17.07
N THR C 40 -7.21 -27.83 -16.32
CA THR C 40 -6.78 -27.92 -14.94
C THR C 40 -7.84 -28.59 -14.07
N ILE C 41 -9.12 -28.28 -14.31
CA ILE C 41 -10.19 -29.00 -13.61
C ILE C 41 -10.13 -30.49 -13.94
N LEU C 42 -10.07 -30.81 -15.24
CA LEU C 42 -10.04 -32.20 -15.66
C LEU C 42 -8.89 -32.97 -15.00
N ALA C 43 -7.71 -32.34 -14.91
CA ALA C 43 -6.58 -33.01 -14.27
C ALA C 43 -6.83 -33.26 -12.79
N ARG C 44 -7.52 -32.33 -12.12
CA ARG C 44 -7.86 -32.56 -10.72
C ARG C 44 -8.90 -33.67 -10.59
N VAL C 45 -9.86 -33.72 -11.53
CA VAL C 45 -10.85 -34.79 -11.50
C VAL C 45 -10.16 -36.15 -11.58
N LYS C 46 -9.19 -36.30 -12.48
CA LYS C 46 -8.45 -37.56 -12.60
C LYS C 46 -7.59 -37.81 -11.36
N ASP C 47 -6.90 -36.77 -10.90
CA ASP C 47 -5.99 -36.91 -9.77
C ASP C 47 -6.73 -37.35 -8.50
N GLN C 48 -7.96 -36.85 -8.31
CA GLN C 48 -8.75 -37.23 -7.15
C GLN C 48 -9.59 -38.47 -7.39
N ALA C 49 -9.59 -39.01 -8.60
CA ALA C 49 -10.40 -40.18 -8.96
C ALA C 49 -11.84 -39.98 -8.51
N LEU C 50 -12.37 -38.80 -8.85
CA LEU C 50 -13.71 -38.42 -8.44
C LEU C 50 -14.75 -39.41 -8.94
N GLY C 51 -14.52 -39.98 -10.12
CA GLY C 51 -15.50 -40.81 -10.78
C GLY C 51 -15.13 -40.98 -12.24
N GLU C 52 -16.01 -41.68 -12.95
CA GLU C 52 -15.74 -41.94 -14.36
C GLU C 52 -15.80 -40.64 -15.15
N ILE C 53 -14.97 -40.54 -16.18
CA ILE C 53 -14.98 -39.40 -17.10
C ILE C 53 -15.41 -39.89 -18.47
N LEU C 54 -16.40 -39.22 -19.06
CA LEU C 54 -16.90 -39.63 -20.36
C LEU C 54 -17.02 -38.42 -21.27
N GLU C 55 -17.02 -38.71 -22.55
CA GLU C 55 -17.20 -37.70 -23.58
C GLU C 55 -18.69 -37.50 -23.82
N PRO C 56 -19.09 -36.38 -24.43
CA PRO C 56 -20.51 -36.13 -24.63
C PRO C 56 -21.08 -36.95 -25.78
N GLU C 57 -22.39 -37.19 -25.70
CA GLU C 57 -23.16 -37.61 -26.84
C GLU C 57 -23.57 -36.40 -27.67
N GLU C 58 -23.86 -36.65 -28.95
CA GLU C 58 -24.33 -35.59 -29.85
C GLU C 58 -25.86 -35.57 -29.83
N PHE C 59 -26.43 -34.55 -29.19
CA PHE C 59 -27.87 -34.42 -29.09
C PHE C 59 -28.48 -33.58 -30.20
N GLY C 60 -27.65 -32.97 -31.06
CA GLY C 60 -28.16 -32.14 -32.13
C GLY C 60 -28.61 -30.77 -31.62
N LEU C 61 -29.13 -29.97 -32.54
CA LEU C 61 -29.50 -28.60 -32.20
C LEU C 61 -30.91 -28.49 -31.60
N GLY C 62 -31.71 -29.56 -31.66
CA GLY C 62 -33.06 -29.54 -31.14
C GLY C 62 -33.15 -29.03 -29.71
N PRO C 63 -32.48 -29.72 -28.78
CA PRO C 63 -32.55 -29.27 -27.38
C PRO C 63 -31.94 -27.90 -27.16
N VAL C 64 -30.93 -27.53 -27.96
CA VAL C 64 -30.42 -26.17 -27.89
C VAL C 64 -31.52 -25.18 -28.26
N LYS C 65 -32.31 -25.50 -29.27
CA LYS C 65 -33.34 -24.60 -29.78
C LYS C 65 -34.61 -24.60 -28.94
N ARG C 66 -34.70 -25.48 -27.94
CA ARG C 66 -35.74 -25.34 -26.93
C ARG C 66 -35.55 -24.07 -26.10
N VAL C 67 -34.33 -23.54 -26.05
CA VAL C 67 -34.00 -22.37 -25.24
C VAL C 67 -33.63 -21.17 -26.09
N HIS C 68 -32.82 -21.38 -27.14
CA HIS C 68 -32.29 -20.29 -27.95
C HIS C 68 -33.08 -20.18 -29.25
N THR C 69 -33.11 -18.97 -29.82
CA THR C 69 -33.87 -18.76 -31.04
C THR C 69 -33.13 -19.37 -32.23
N ALA C 70 -33.91 -19.69 -33.26
CA ALA C 70 -33.33 -20.29 -34.46
C ALA C 70 -32.39 -19.32 -35.17
N ASP C 71 -32.76 -18.03 -35.24
CA ASP C 71 -31.90 -17.05 -35.90
C ASP C 71 -30.54 -16.95 -35.21
N TYR C 72 -30.55 -17.00 -33.88
CA TYR C 72 -29.35 -16.83 -33.09
C TYR C 72 -28.42 -18.02 -33.23
N VAL C 73 -28.97 -19.23 -33.20
CA VAL C 73 -28.17 -20.40 -33.46
C VAL C 73 -27.56 -20.33 -34.85
N SER C 74 -28.36 -19.91 -35.84
CA SER C 74 -27.85 -19.73 -37.19
C SER C 74 -26.73 -18.70 -37.23
N PHE C 75 -26.90 -17.57 -36.53
CA PHE C 75 -25.88 -16.51 -36.53
C PHE C 75 -24.55 -17.03 -36.00
N LEU C 76 -24.57 -17.79 -34.89
CA LEU C 76 -23.34 -18.26 -34.29
C LEU C 76 -22.59 -19.21 -35.22
N GLU C 77 -23.31 -19.93 -36.08
CA GLU C 77 -22.66 -20.89 -36.96
C GLU C 77 -21.92 -20.18 -38.09
N THR C 78 -22.43 -19.05 -38.56
CA THR C 78 -21.86 -18.37 -39.71
C THR C 78 -21.10 -17.10 -39.34
N CYS C 79 -21.18 -16.63 -38.08
CA CYS C 79 -20.63 -15.33 -37.72
C CYS C 79 -19.18 -15.17 -38.16
N TRP C 80 -18.33 -16.13 -37.81
CA TRP C 80 -16.91 -16.02 -38.13
C TRP C 80 -16.69 -15.93 -39.64
N ASP C 81 -17.31 -16.84 -40.41
CA ASP C 81 -17.10 -16.79 -41.86
C ASP C 81 -17.58 -15.47 -42.44
N GLU C 82 -18.73 -14.97 -41.99
CA GLU C 82 -19.23 -13.69 -42.49
C GLU C 82 -18.27 -12.57 -42.16
N TRP C 83 -17.70 -12.59 -40.95
CA TRP C 83 -16.75 -11.58 -40.49
C TRP C 83 -15.51 -11.57 -41.36
N VAL C 84 -14.94 -12.74 -41.62
CA VAL C 84 -13.76 -12.83 -42.48
C VAL C 84 -14.10 -12.36 -43.90
N ALA C 85 -15.27 -12.76 -44.41
CA ALA C 85 -15.65 -12.40 -45.77
C ALA C 85 -15.85 -10.90 -45.92
N ALA C 86 -16.27 -10.20 -44.86
CA ALA C 86 -16.41 -8.76 -44.93
C ALA C 86 -15.07 -8.02 -44.80
N GLY C 87 -13.95 -8.75 -44.72
CA GLY C 87 -12.64 -8.15 -44.72
C GLY C 87 -12.09 -7.68 -43.39
N LYS C 88 -12.72 -8.04 -42.27
CA LYS C 88 -12.19 -7.62 -40.98
C LYS C 88 -10.93 -8.39 -40.64
N ARG C 89 -9.97 -7.73 -40.00
CA ARG C 89 -8.66 -8.31 -39.78
C ARG C 89 -8.45 -8.88 -38.39
N GLY C 90 -9.23 -8.46 -37.40
CA GLY C 90 -9.10 -8.97 -36.05
C GLY C 90 -10.05 -10.12 -35.79
N GLU C 91 -10.15 -10.50 -34.52
CA GLU C 91 -11.20 -11.43 -34.12
C GLU C 91 -12.53 -10.71 -34.14
N ALA C 92 -13.62 -11.47 -34.07
CA ALA C 92 -14.94 -10.86 -34.23
C ALA C 92 -15.40 -10.28 -32.90
N ILE C 93 -15.53 -8.95 -32.84
CA ILE C 93 -15.92 -8.22 -31.64
C ILE C 93 -16.96 -7.18 -32.04
N PRO C 94 -18.09 -7.08 -31.34
CA PRO C 94 -19.09 -6.09 -31.72
C PRO C 94 -18.59 -4.67 -31.45
N THR C 95 -18.92 -3.76 -32.37
CA THR C 95 -18.56 -2.34 -32.27
C THR C 95 -19.76 -1.44 -32.05
N PHE C 96 -20.92 -1.84 -32.54
CA PHE C 96 -22.12 -1.01 -32.50
C PHE C 96 -23.26 -1.85 -31.94
N TRP C 97 -24.17 -1.23 -31.20
CA TRP C 97 -25.28 -2.00 -30.66
C TRP C 97 -26.54 -1.15 -30.61
N VAL C 98 -27.63 -1.76 -30.17
CA VAL C 98 -28.89 -1.05 -30.07
C VAL C 98 -28.83 -0.15 -28.85
N GLY C 99 -28.43 1.10 -29.05
CA GLY C 99 -28.37 2.03 -27.94
C GLY C 99 -29.77 2.40 -27.48
N ARG C 100 -29.83 3.00 -26.30
CA ARG C 100 -31.11 3.45 -25.77
C ARG C 100 -31.69 4.49 -26.72
N GLY C 101 -32.96 4.30 -27.09
CA GLY C 101 -33.62 5.15 -28.07
C GLY C 101 -33.54 4.66 -29.50
N MET C 102 -32.84 3.57 -29.74
CA MET C 102 -32.74 2.97 -31.07
C MET C 102 -33.68 1.78 -31.19
N ARG C 103 -33.81 1.24 -32.40
CA ARG C 103 -34.75 0.15 -32.66
C ARG C 103 -34.10 -1.21 -32.47
N ALA C 104 -34.80 -2.08 -31.75
CA ALA C 104 -34.40 -3.48 -31.62
C ALA C 104 -34.79 -4.19 -32.93
N ARG C 105 -33.99 -3.95 -33.96
CA ARG C 105 -34.30 -4.39 -35.31
C ARG C 105 -33.08 -5.04 -35.90
N LEU C 106 -33.25 -6.25 -36.43
CA LEU C 106 -32.12 -7.04 -36.96
C LEU C 106 -31.65 -6.51 -38.30
N PRO C 107 -30.39 -6.10 -38.45
CA PRO C 107 -29.92 -5.60 -39.74
C PRO C 107 -29.25 -6.66 -40.59
N LYS C 108 -28.73 -6.30 -41.77
CA LYS C 108 -28.11 -7.29 -42.63
C LYS C 108 -26.59 -7.41 -42.43
N ASP C 109 -25.90 -6.29 -42.22
CA ASP C 109 -24.45 -6.30 -42.11
C ASP C 109 -23.99 -7.09 -40.89
N ILE C 110 -22.79 -7.67 -40.97
CA ILE C 110 -22.30 -8.53 -39.90
C ILE C 110 -22.07 -7.73 -38.62
N ASP C 111 -21.57 -6.50 -38.75
CA ASP C 111 -21.39 -5.64 -37.58
C ASP C 111 -22.71 -5.39 -36.87
N GLY C 112 -23.77 -5.12 -37.64
CA GLY C 112 -25.06 -4.88 -37.03
C GLY C 112 -25.61 -6.12 -36.36
N ARG C 113 -25.41 -7.27 -36.98
CA ARG C 113 -25.89 -8.50 -36.37
C ARG C 113 -25.10 -8.82 -35.10
N LEU C 114 -23.79 -8.58 -35.11
CA LEU C 114 -23.00 -8.84 -33.91
C LEU C 114 -23.51 -8.00 -32.75
N GLY C 115 -23.85 -6.74 -33.01
CA GLY C 115 -24.32 -5.88 -31.93
C GLY C 115 -25.72 -6.25 -31.46
N TYR C 116 -26.60 -6.61 -32.41
CA TYR C 116 -27.95 -7.01 -32.08
C TYR C 116 -27.94 -8.23 -31.15
N TYR C 117 -27.03 -9.16 -31.39
CA TYR C 117 -26.98 -10.42 -30.69
C TYR C 117 -26.04 -10.44 -29.48
N SER C 118 -25.56 -9.27 -29.01
CA SER C 118 -24.57 -9.27 -27.95
C SER C 118 -24.96 -8.26 -26.86
N LEU C 119 -24.35 -8.46 -25.70
CA LEU C 119 -24.49 -7.54 -24.59
C LEU C 119 -23.15 -6.98 -24.15
N GLY C 120 -22.07 -7.35 -24.81
CA GLY C 120 -20.76 -6.82 -24.46
C GLY C 120 -19.74 -7.17 -25.51
N ALA C 121 -18.58 -6.52 -25.39
CA ALA C 121 -17.50 -6.67 -26.35
C ALA C 121 -16.31 -7.46 -25.78
N ASP C 122 -16.53 -8.20 -24.70
CA ASP C 122 -15.50 -9.00 -24.03
C ASP C 122 -15.42 -10.43 -24.56
N THR C 123 -16.25 -10.80 -25.53
CA THR C 123 -16.39 -12.19 -25.93
C THR C 123 -16.07 -12.32 -27.41
N SER C 124 -14.78 -12.31 -27.73
CA SER C 124 -14.35 -12.42 -29.12
C SER C 124 -14.75 -13.77 -29.69
N ILE C 125 -15.17 -13.79 -30.96
CA ILE C 125 -15.50 -15.01 -31.68
C ILE C 125 -14.42 -15.27 -32.73
N SER C 126 -14.02 -16.54 -32.89
CA SER C 126 -13.13 -16.87 -34.00
C SER C 126 -13.44 -18.29 -34.46
N ASP C 127 -12.57 -18.83 -35.31
CA ASP C 127 -12.81 -20.18 -35.81
C ASP C 127 -12.82 -21.18 -34.66
N GLY C 128 -13.78 -22.10 -34.69
CA GLY C 128 -13.92 -23.10 -33.66
C GLY C 128 -14.76 -22.67 -32.46
N THR C 129 -15.15 -21.40 -32.38
CA THR C 129 -16.05 -20.99 -31.30
C THR C 129 -17.39 -21.71 -31.41
N TRP C 130 -17.94 -21.78 -32.62
CA TRP C 130 -19.19 -22.50 -32.85
C TRP C 130 -19.07 -23.96 -32.42
N GLU C 131 -18.00 -24.62 -32.86
CA GLU C 131 -17.81 -26.03 -32.55
C GLU C 131 -17.72 -26.27 -31.05
N ALA C 132 -17.01 -25.39 -30.35
CA ALA C 132 -16.83 -25.55 -28.90
C ALA C 132 -18.13 -25.26 -28.15
N ALA C 133 -18.88 -24.24 -28.59
CA ALA C 133 -20.18 -23.97 -27.96
C ALA C 133 -21.12 -25.16 -28.14
N ARG C 134 -21.12 -25.77 -29.33
CA ARG C 134 -21.96 -26.95 -29.57
C ARG C 134 -21.58 -28.09 -28.65
N ALA C 135 -20.27 -28.35 -28.50
CA ALA C 135 -19.84 -29.46 -27.68
C ALA C 135 -20.11 -29.20 -26.21
N SER C 136 -20.03 -27.94 -25.79
CA SER C 136 -20.31 -27.60 -24.39
C SER C 136 -21.78 -27.83 -24.05
N ALA C 137 -22.69 -27.48 -24.96
CA ALA C 137 -24.10 -27.79 -24.73
C ALA C 137 -24.34 -29.30 -24.67
N ASN C 138 -23.62 -30.08 -25.49
CA ASN C 138 -23.78 -31.53 -25.44
C ASN C 138 -23.21 -32.12 -24.15
N VAL C 139 -22.18 -31.49 -23.58
CA VAL C 139 -21.66 -31.87 -22.28
C VAL C 139 -22.74 -31.70 -21.21
N ALA C 140 -23.42 -30.54 -21.19
CA ALA C 140 -24.50 -30.34 -20.24
C ALA C 140 -25.64 -31.36 -20.46
N LEU C 141 -25.98 -31.64 -21.73
CA LEU C 141 -27.09 -32.54 -22.01
C LEU C 141 -26.73 -33.99 -21.68
N THR C 142 -25.46 -34.37 -21.83
CA THR C 142 -25.04 -35.71 -21.43
C THR C 142 -25.10 -35.87 -19.91
N ALA C 143 -24.65 -34.86 -19.16
CA ALA C 143 -24.78 -34.88 -17.72
C ALA C 143 -26.23 -34.98 -17.27
N GLN C 144 -27.12 -34.20 -17.90
CA GLN C 144 -28.53 -34.30 -17.57
C GLN C 144 -29.05 -35.72 -17.83
N LYS C 145 -28.64 -36.32 -18.94
CA LYS C 145 -29.08 -37.67 -19.25
C LYS C 145 -28.64 -38.66 -18.19
N LEU C 146 -27.37 -38.57 -17.76
CA LEU C 146 -26.86 -39.47 -16.72
C LEU C 146 -27.68 -39.35 -15.45
N VAL C 147 -28.04 -38.12 -15.06
CA VAL C 147 -28.85 -37.92 -13.87
C VAL C 147 -30.26 -38.47 -14.07
N ALA C 148 -30.87 -38.14 -15.22
CA ALA C 148 -32.25 -38.58 -15.45
C ALA C 148 -32.35 -40.10 -15.47
N GLU C 149 -31.28 -40.79 -15.84
CA GLU C 149 -31.28 -42.25 -15.95
C GLU C 149 -30.72 -42.94 -14.71
N GLY C 150 -30.48 -42.22 -13.62
CA GLY C 150 -30.21 -42.88 -12.36
C GLY C 150 -29.16 -42.29 -11.45
N GLU C 151 -28.25 -41.48 -11.98
CA GLU C 151 -27.19 -40.92 -11.14
C GLU C 151 -27.75 -39.81 -10.25
N ARG C 152 -27.26 -39.74 -9.01
CA ARG C 152 -27.72 -38.69 -8.10
C ARG C 152 -27.28 -37.31 -8.60
N ALA C 153 -26.05 -37.22 -9.10
CA ALA C 153 -25.51 -35.96 -9.61
C ALA C 153 -24.51 -36.28 -10.72
N ALA C 154 -24.21 -35.25 -11.52
CA ALA C 154 -23.21 -35.39 -12.57
C ALA C 154 -22.58 -34.02 -12.78
N PHE C 155 -21.29 -34.02 -13.16
CA PHE C 155 -20.52 -32.78 -13.36
C PHE C 155 -20.34 -32.57 -14.86
N ALA C 156 -20.96 -31.51 -15.39
CA ALA C 156 -20.81 -31.13 -16.79
C ALA C 156 -19.67 -30.12 -16.85
N LEU C 157 -18.50 -30.56 -17.34
CA LEU C 157 -17.33 -29.69 -17.36
C LEU C 157 -17.35 -28.86 -18.65
N CYS C 158 -18.30 -27.94 -18.66
CA CYS C 158 -18.57 -27.09 -19.82
C CYS C 158 -17.52 -26.01 -20.02
N ARG C 159 -17.10 -25.85 -21.25
CA ARG C 159 -16.30 -24.71 -21.65
C ARG C 159 -16.53 -24.52 -23.15
N PRO C 160 -17.01 -23.37 -23.63
CA PRO C 160 -17.32 -22.13 -22.90
C PRO C 160 -18.52 -22.23 -21.93
N PRO C 161 -18.55 -21.32 -20.93
CA PRO C 161 -19.68 -21.29 -19.99
C PRO C 161 -20.96 -20.76 -20.64
N GLY C 162 -22.05 -20.69 -19.89
CA GLY C 162 -23.34 -20.39 -20.48
C GLY C 162 -24.25 -19.37 -19.80
N HIS C 163 -24.04 -19.11 -18.50
CA HIS C 163 -25.16 -18.50 -17.74
C HIS C 163 -25.46 -17.05 -18.12
N HIS C 164 -24.58 -16.37 -18.85
CA HIS C 164 -24.87 -15.02 -19.33
C HIS C 164 -25.62 -14.98 -20.65
N ALA C 165 -25.79 -16.11 -21.34
CA ALA C 165 -26.43 -16.14 -22.65
C ALA C 165 -27.95 -16.14 -22.51
N HIS C 166 -28.60 -15.15 -23.13
CA HIS C 166 -30.04 -15.11 -23.28
C HIS C 166 -30.47 -16.01 -24.44
N ALA C 167 -31.78 -16.06 -24.72
CA ALA C 167 -32.24 -16.85 -25.85
C ALA C 167 -31.58 -16.41 -27.16
N ASP C 168 -31.30 -15.12 -27.31
CA ASP C 168 -30.68 -14.64 -28.54
C ASP C 168 -29.65 -13.55 -28.28
N VAL C 169 -28.91 -13.66 -27.17
CA VAL C 169 -27.84 -12.72 -26.84
C VAL C 169 -26.66 -13.48 -26.27
N PHE C 170 -25.45 -13.15 -26.73
CA PHE C 170 -24.23 -13.72 -26.16
C PHE C 170 -23.42 -12.62 -25.48
N GLY C 171 -22.47 -13.04 -24.68
CA GLY C 171 -21.65 -12.11 -23.92
C GLY C 171 -21.20 -12.74 -22.62
N GLY C 172 -20.26 -12.06 -21.95
CA GLY C 172 -19.70 -12.62 -20.72
C GLY C 172 -19.09 -13.98 -20.90
N TYR C 173 -18.44 -14.22 -22.05
CA TYR C 173 -17.78 -15.47 -22.44
C TYR C 173 -18.75 -16.62 -22.74
N CYS C 174 -20.06 -16.36 -22.83
CA CYS C 174 -21.09 -17.38 -22.94
C CYS C 174 -21.81 -17.28 -24.29
N PHE C 175 -22.16 -18.43 -24.86
CA PHE C 175 -22.87 -18.47 -26.15
C PHE C 175 -24.19 -19.22 -26.09
N PHE C 176 -24.16 -20.48 -25.67
CA PHE C 176 -25.35 -21.27 -25.35
C PHE C 176 -25.46 -21.41 -23.82
N ASN C 177 -26.68 -21.26 -23.29
CA ASN C 177 -26.87 -21.30 -21.84
C ASN C 177 -27.02 -22.76 -21.42
N ASN C 178 -25.87 -23.36 -21.08
CA ASN C 178 -25.81 -24.79 -20.80
C ASN C 178 -26.71 -25.18 -19.64
N ALA C 179 -26.77 -24.34 -18.60
CA ALA C 179 -27.65 -24.64 -17.47
C ALA C 179 -29.11 -24.59 -17.87
N ALA C 180 -29.50 -23.59 -18.65
CA ALA C 180 -30.89 -23.49 -19.09
C ALA C 180 -31.27 -24.64 -20.00
N ILE C 181 -30.34 -25.05 -20.86
CA ILE C 181 -30.58 -26.17 -21.77
C ILE C 181 -30.81 -27.46 -20.98
N ALA C 182 -29.99 -27.73 -19.97
CA ALA C 182 -30.21 -28.90 -19.12
C ALA C 182 -31.50 -28.78 -18.31
N ALA C 183 -31.83 -27.58 -17.83
CA ALA C 183 -33.09 -27.38 -17.13
C ALA C 183 -34.28 -27.68 -18.03
N GLN C 184 -34.27 -27.13 -19.25
CA GLN C 184 -35.36 -27.37 -20.18
C GLN C 184 -35.44 -28.83 -20.59
N ALA C 185 -34.29 -29.53 -20.58
CA ALA C 185 -34.31 -30.94 -20.92
C ALA C 185 -35.02 -31.74 -19.81
N PHE C 186 -34.76 -31.41 -18.55
CA PHE C 186 -35.53 -32.01 -17.46
C PHE C 186 -37.03 -31.79 -17.66
N ARG C 187 -37.41 -30.56 -18.03
CA ARG C 187 -38.82 -30.24 -18.20
C ARG C 187 -39.43 -31.03 -19.36
N ASP C 188 -38.70 -31.11 -20.49
CA ASP C 188 -39.16 -31.87 -21.64
C ASP C 188 -39.23 -33.37 -21.36
N GLN C 189 -38.55 -33.85 -20.32
CA GLN C 189 -38.59 -35.27 -19.98
C GLN C 189 -39.57 -35.58 -18.87
N GLY C 190 -40.48 -34.66 -18.55
CA GLY C 190 -41.53 -34.92 -17.61
C GLY C 190 -41.24 -34.54 -16.18
N TYR C 191 -40.12 -33.89 -15.90
CA TYR C 191 -39.88 -33.31 -14.58
C TYR C 191 -40.73 -32.05 -14.46
N GLY C 192 -41.68 -32.06 -13.51
CA GLY C 192 -42.65 -30.96 -13.44
C GLY C 192 -42.02 -29.62 -13.14
N LYS C 193 -41.12 -29.57 -12.16
CA LYS C 193 -40.51 -28.32 -11.71
C LYS C 193 -39.00 -28.49 -11.63
N VAL C 194 -38.27 -27.46 -12.06
CA VAL C 194 -36.82 -27.45 -12.03
C VAL C 194 -36.37 -26.15 -11.37
N ALA C 195 -35.29 -26.22 -10.61
CA ALA C 195 -34.66 -25.04 -10.06
C ALA C 195 -33.24 -24.93 -10.61
N VAL C 196 -32.81 -23.70 -10.89
CA VAL C 196 -31.46 -23.41 -11.35
C VAL C 196 -30.85 -22.44 -10.35
N LEU C 197 -29.80 -22.89 -9.67
CA LEU C 197 -29.13 -22.09 -8.66
C LEU C 197 -27.75 -21.73 -9.17
N ASP C 198 -27.50 -20.43 -9.28
CA ASP C 198 -26.29 -19.88 -9.89
C ASP C 198 -25.39 -19.37 -8.76
N VAL C 199 -24.28 -20.07 -8.50
CA VAL C 199 -23.35 -19.66 -7.44
C VAL C 199 -22.08 -19.02 -7.98
N ASP C 200 -21.93 -18.93 -9.31
CA ASP C 200 -20.92 -18.07 -9.93
C ASP C 200 -20.99 -16.66 -9.35
N PHE C 201 -19.84 -15.99 -9.27
CA PHE C 201 -19.76 -14.65 -8.71
C PHE C 201 -20.67 -13.64 -9.44
N HIS C 202 -20.91 -13.82 -10.74
CA HIS C 202 -21.71 -12.92 -11.57
C HIS C 202 -23.16 -13.39 -11.66
N HIS C 203 -24.05 -12.43 -11.94
CA HIS C 203 -25.46 -12.73 -12.07
C HIS C 203 -25.68 -13.62 -13.29
N GLY C 204 -26.48 -14.67 -13.11
CA GLY C 204 -26.92 -15.44 -14.28
C GLY C 204 -28.05 -14.75 -15.03
N ASN C 205 -27.75 -13.63 -15.70
CA ASN C 205 -28.80 -12.88 -16.39
C ASN C 205 -29.43 -13.65 -17.54
N GLY C 206 -28.64 -14.45 -18.27
CA GLY C 206 -29.20 -15.23 -19.36
C GLY C 206 -30.26 -16.21 -18.87
N THR C 207 -29.91 -16.97 -17.83
CA THR C 207 -30.86 -17.91 -17.23
C THR C 207 -32.09 -17.20 -16.71
N GLN C 208 -31.89 -16.07 -16.02
CA GLN C 208 -33.02 -15.31 -15.53
C GLN C 208 -33.94 -14.91 -16.69
N ALA C 209 -33.35 -14.35 -17.76
CA ALA C 209 -34.17 -13.89 -18.88
C ALA C 209 -34.93 -15.02 -19.53
N ILE C 210 -34.32 -16.21 -19.62
CA ILE C 210 -34.93 -17.30 -20.38
C ILE C 210 -36.19 -17.79 -19.68
N PHE C 211 -36.19 -17.83 -18.35
CA PHE C 211 -37.31 -18.36 -17.59
C PHE C 211 -38.11 -17.28 -16.88
N TYR C 212 -37.88 -16.01 -17.22
CA TYR C 212 -38.36 -14.91 -16.38
C TYR C 212 -39.89 -14.90 -16.27
N ASP C 213 -40.59 -15.34 -17.30
CA ASP C 213 -42.05 -15.32 -17.29
C ASP C 213 -42.66 -16.68 -17.01
N ARG C 214 -41.88 -17.58 -16.41
CA ARG C 214 -42.29 -18.95 -16.16
C ARG C 214 -42.20 -19.26 -14.68
N SER C 215 -43.19 -20.01 -14.20
CA SER C 215 -43.22 -20.49 -12.82
C SER C 215 -42.82 -21.95 -12.70
N ASP C 216 -42.59 -22.66 -13.80
CA ASP C 216 -42.15 -24.06 -13.71
C ASP C 216 -40.66 -24.21 -13.55
N VAL C 217 -39.88 -23.17 -13.83
CA VAL C 217 -38.44 -23.20 -13.62
C VAL C 217 -38.11 -22.04 -12.69
N LEU C 218 -37.66 -22.36 -11.49
CA LEU C 218 -37.28 -21.34 -10.51
C LEU C 218 -35.81 -21.01 -10.67
N THR C 219 -35.49 -19.73 -10.87
CA THR C 219 -34.11 -19.30 -11.07
C THR C 219 -33.65 -18.45 -9.88
N ILE C 220 -32.52 -18.83 -9.28
CA ILE C 220 -31.92 -18.12 -8.16
C ILE C 220 -30.46 -17.85 -8.49
N SER C 221 -29.98 -16.63 -8.18
CA SER C 221 -28.57 -16.30 -8.37
C SER C 221 -28.04 -15.53 -7.16
N LEU C 222 -26.88 -15.96 -6.64
CA LEU C 222 -26.07 -15.16 -5.73
C LEU C 222 -24.95 -14.51 -6.54
N HIS C 223 -24.70 -13.23 -6.30
CA HIS C 223 -23.69 -12.58 -7.13
C HIS C 223 -23.26 -11.24 -6.54
N GLY C 224 -22.16 -10.72 -7.07
CA GLY C 224 -21.75 -9.37 -6.75
C GLY C 224 -22.72 -8.35 -7.28
N ASP C 225 -22.92 -7.28 -6.52
CA ASP C 225 -23.82 -6.19 -6.83
C ASP C 225 -23.64 -5.69 -8.27
N PRO C 226 -24.65 -5.80 -9.15
CA PRO C 226 -24.47 -5.34 -10.53
C PRO C 226 -24.38 -3.82 -10.67
N ASP C 227 -24.77 -3.05 -9.65
CA ASP C 227 -24.35 -1.64 -9.62
C ASP C 227 -22.84 -1.53 -9.77
N LEU C 228 -22.09 -2.50 -9.24
CA LEU C 228 -20.63 -2.47 -9.25
C LEU C 228 -20.01 -3.32 -10.34
N VAL C 229 -20.60 -4.46 -10.70
CA VAL C 229 -19.94 -5.40 -11.60
C VAL C 229 -20.86 -5.88 -12.71
N PHE C 230 -20.22 -6.43 -13.73
CA PHE C 230 -20.91 -7.15 -14.79
C PHE C 230 -21.92 -8.14 -14.18
N PRO C 231 -23.13 -8.22 -14.72
CA PRO C 231 -23.56 -7.66 -16.01
C PRO C 231 -24.26 -6.28 -15.94
N HIS C 232 -24.24 -5.65 -14.76
CA HIS C 232 -24.59 -4.23 -14.60
C HIS C 232 -26.08 -3.91 -14.75
N PHE C 233 -26.76 -4.48 -15.74
CA PHE C 233 -28.10 -4.04 -16.12
C PHE C 233 -29.17 -5.07 -15.83
N LEU C 234 -28.80 -6.11 -15.10
CA LEU C 234 -29.77 -7.06 -14.55
C LEU C 234 -29.14 -7.60 -13.30
N GLY C 235 -29.93 -8.30 -12.48
CA GLY C 235 -29.42 -8.96 -11.29
C GLY C 235 -29.78 -8.27 -9.99
N PHE C 236 -30.57 -7.21 -10.05
CA PHE C 236 -30.94 -6.51 -8.81
C PHE C 236 -32.04 -7.27 -8.07
N GLU C 237 -32.07 -7.12 -6.75
CA GLU C 237 -32.96 -7.91 -5.92
C GLU C 237 -34.43 -7.62 -6.19
N ASP C 238 -34.76 -6.49 -6.82
CA ASP C 238 -36.17 -6.26 -7.11
C ASP C 238 -36.65 -7.00 -8.35
N GLU C 239 -35.79 -7.76 -9.03
CA GLU C 239 -36.20 -8.54 -10.20
C GLU C 239 -36.72 -9.89 -9.72
N THR C 240 -38.05 -10.03 -9.66
CA THR C 240 -38.67 -11.23 -9.09
C THR C 240 -39.45 -12.06 -10.10
N GLY C 241 -39.43 -11.69 -11.38
CA GLY C 241 -40.20 -12.34 -12.41
C GLY C 241 -41.23 -11.41 -13.03
N GLU C 242 -41.90 -11.93 -14.04
CA GLU C 242 -43.03 -11.22 -14.61
C GLU C 242 -44.07 -12.23 -15.06
N GLY C 243 -45.31 -11.75 -15.21
CA GLY C 243 -46.39 -12.64 -15.61
C GLY C 243 -46.49 -13.83 -14.67
N ASP C 244 -46.65 -15.01 -15.25
CA ASP C 244 -46.70 -16.23 -14.45
C ASP C 244 -45.43 -16.42 -13.62
N GLY C 245 -44.32 -15.78 -13.99
CA GLY C 245 -43.05 -15.98 -13.30
C GLY C 245 -42.75 -15.08 -12.11
N GLU C 246 -43.60 -14.10 -11.81
CA GLU C 246 -43.30 -13.28 -10.64
C GLU C 246 -43.28 -14.15 -9.39
N ALA C 247 -42.26 -13.96 -8.56
CA ALA C 247 -41.88 -14.70 -7.35
C ALA C 247 -41.14 -15.99 -7.68
N TYR C 248 -40.86 -16.27 -8.96
CA TYR C 248 -40.06 -17.43 -9.33
C TYR C 248 -38.70 -17.04 -9.91
N ASN C 249 -38.25 -15.83 -9.63
CA ASN C 249 -36.85 -15.45 -9.76
C ASN C 249 -36.42 -14.76 -8.48
N LEU C 250 -35.19 -15.04 -8.05
CA LEU C 250 -34.67 -14.48 -6.80
C LEU C 250 -33.20 -14.16 -7.00
N ASN C 251 -32.84 -12.88 -6.86
CA ASN C 251 -31.45 -12.45 -6.91
C ASN C 251 -31.00 -12.07 -5.51
N ILE C 252 -29.82 -12.54 -5.12
CA ILE C 252 -29.22 -12.22 -3.84
C ILE C 252 -27.88 -11.58 -4.09
N VAL C 253 -27.74 -10.32 -3.69
CA VAL C 253 -26.64 -9.43 -4.06
C VAL C 253 -25.69 -9.27 -2.86
N PHE C 254 -24.38 -9.18 -3.12
CA PHE C 254 -23.38 -8.95 -2.08
C PHE C 254 -22.34 -7.92 -2.49
N PRO C 255 -21.80 -7.18 -1.52
CA PRO C 255 -20.82 -6.12 -1.83
C PRO C 255 -19.39 -6.65 -1.88
N PRO C 256 -18.40 -5.78 -2.12
CA PRO C 256 -17.01 -6.25 -2.13
C PRO C 256 -16.58 -6.81 -0.79
N ASP C 257 -15.66 -7.79 -0.86
CA ASP C 257 -14.97 -8.44 0.27
C ASP C 257 -15.83 -9.45 1.01
N THR C 258 -17.03 -9.77 0.50
CA THR C 258 -17.93 -10.69 1.17
C THR C 258 -17.28 -12.05 1.36
N PRO C 259 -17.19 -12.55 2.59
CA PRO C 259 -16.62 -13.88 2.82
C PRO C 259 -17.70 -14.95 2.86
N PHE C 260 -17.30 -16.21 3.06
CA PHE C 260 -18.26 -17.29 3.09
C PHE C 260 -19.25 -17.15 4.24
N SER C 261 -18.82 -16.61 5.38
CA SER C 261 -19.73 -16.51 6.52
C SER C 261 -20.95 -15.67 6.19
N ILE C 262 -20.80 -14.70 5.29
CA ILE C 262 -21.92 -13.89 4.83
C ILE C 262 -22.55 -14.48 3.59
N TRP C 263 -21.72 -14.90 2.63
CA TRP C 263 -22.23 -15.50 1.40
C TRP C 263 -23.12 -16.70 1.70
N SER C 264 -22.73 -17.52 2.68
CA SER C 264 -23.50 -18.73 2.97
C SER C 264 -24.83 -18.41 3.63
N GLN C 265 -24.99 -17.21 4.21
CA GLN C 265 -26.30 -16.78 4.65
C GLN C 265 -27.23 -16.61 3.45
N GLY C 266 -26.71 -16.03 2.37
CA GLY C 266 -27.50 -15.99 1.14
C GLY C 266 -27.75 -17.37 0.59
N LEU C 267 -26.75 -18.25 0.67
CA LEU C 267 -26.95 -19.63 0.23
C LEU C 267 -28.10 -20.28 0.97
N GLU C 268 -28.20 -20.02 2.27
CA GLU C 268 -29.27 -20.61 3.06
C GLU C 268 -30.63 -20.06 2.65
N LYS C 269 -30.69 -18.75 2.35
CA LYS C 269 -31.93 -18.17 1.81
C LYS C 269 -32.31 -18.84 0.49
N ALA C 270 -31.34 -19.07 -0.38
CA ALA C 270 -31.62 -19.75 -1.65
C ALA C 270 -32.16 -21.16 -1.41
N CYS C 271 -31.52 -21.91 -0.51
CA CYS C 271 -31.93 -23.30 -0.27
C CYS C 271 -33.33 -23.38 0.31
N GLU C 272 -33.72 -22.42 1.15
CA GLU C 272 -35.06 -22.45 1.71
C GLU C 272 -36.10 -22.11 0.64
N ARG C 273 -35.74 -21.22 -0.29
CA ARG C 273 -36.62 -20.96 -1.43
C ARG C 273 -36.78 -22.19 -2.30
N ILE C 274 -35.71 -22.97 -2.46
CA ILE C 274 -35.79 -24.21 -3.23
C ILE C 274 -36.63 -25.23 -2.50
N ARG C 275 -36.40 -25.36 -1.19
CA ARG C 275 -37.17 -26.29 -0.38
C ARG C 275 -38.67 -26.04 -0.52
N THR C 276 -39.09 -24.77 -0.52
CA THR C 276 -40.52 -24.47 -0.63
C THR C 276 -41.02 -24.68 -2.05
N PHE C 277 -40.18 -24.39 -3.05
CA PHE C 277 -40.55 -24.66 -4.44
C PHE C 277 -40.77 -26.15 -4.67
N ALA C 278 -39.96 -27.00 -4.01
CA ALA C 278 -40.00 -28.46 -4.14
C ALA C 278 -39.79 -28.91 -5.58
N PRO C 279 -38.63 -28.64 -6.17
CA PRO C 279 -38.39 -29.07 -7.55
C PRO C 279 -38.19 -30.56 -7.66
N ASP C 280 -38.37 -31.06 -8.89
CA ASP C 280 -38.05 -32.43 -9.22
C ASP C 280 -36.60 -32.62 -9.64
N ALA C 281 -35.90 -31.53 -9.93
CA ALA C 281 -34.49 -31.61 -10.29
C ALA C 281 -33.88 -30.23 -10.08
N LEU C 282 -32.56 -30.25 -9.89
CA LEU C 282 -31.79 -29.04 -9.63
C LEU C 282 -30.64 -28.96 -10.62
N VAL C 283 -30.41 -27.78 -11.17
CA VAL C 283 -29.22 -27.48 -11.95
C VAL C 283 -28.42 -26.44 -11.18
N VAL C 284 -27.15 -26.71 -10.96
CA VAL C 284 -26.27 -25.75 -10.31
C VAL C 284 -25.36 -25.17 -11.39
N ALA C 285 -25.45 -23.86 -11.61
CA ALA C 285 -24.49 -23.17 -12.47
C ALA C 285 -23.34 -22.81 -11.56
N LEU C 286 -22.25 -23.56 -11.66
CA LEU C 286 -21.15 -23.50 -10.71
C LEU C 286 -20.01 -22.66 -11.27
N GLY C 287 -19.79 -21.50 -10.68
CA GLY C 287 -18.57 -20.74 -10.88
C GLY C 287 -17.77 -20.78 -9.59
N VAL C 288 -16.45 -20.83 -9.70
CA VAL C 288 -15.58 -20.64 -8.54
C VAL C 288 -14.85 -19.30 -8.63
N ASP C 289 -15.42 -18.33 -9.36
CA ASP C 289 -14.84 -16.99 -9.34
C ASP C 289 -15.22 -16.23 -8.07
N THR C 290 -15.91 -16.89 -7.13
CA THR C 290 -16.12 -16.36 -5.79
C THR C 290 -14.89 -16.51 -4.91
N PHE C 291 -13.83 -17.12 -5.45
CA PHE C 291 -12.61 -17.44 -4.73
C PHE C 291 -11.85 -16.17 -4.36
N GLU C 292 -11.18 -16.21 -3.21
CA GLU C 292 -10.52 -15.02 -2.68
C GLU C 292 -9.42 -14.49 -3.59
N GLU C 293 -8.87 -15.31 -4.48
CA GLU C 293 -7.80 -14.85 -5.36
C GLU C 293 -8.26 -14.69 -6.81
N ASP C 294 -9.55 -14.70 -7.05
CA ASP C 294 -10.02 -14.56 -8.42
C ASP C 294 -9.60 -13.21 -8.99
N PRO C 295 -9.07 -13.16 -10.21
CA PRO C 295 -8.53 -11.90 -10.75
C PRO C 295 -9.56 -10.89 -11.20
N ILE C 296 -10.83 -11.24 -11.33
CA ILE C 296 -11.79 -10.25 -11.83
C ILE C 296 -12.99 -10.09 -10.89
N SER C 297 -12.95 -10.71 -9.71
CA SER C 297 -14.09 -10.78 -8.81
C SER C 297 -13.69 -10.36 -7.41
N PHE C 298 -14.67 -10.03 -6.57
CA PHE C 298 -14.30 -9.44 -5.28
C PHE C 298 -14.92 -10.13 -4.07
N PHE C 299 -15.19 -11.43 -4.15
CA PHE C 299 -15.54 -12.18 -2.95
C PHE C 299 -14.30 -12.85 -2.34
N LYS C 300 -14.49 -13.44 -1.16
CA LYS C 300 -13.37 -13.94 -0.34
C LYS C 300 -13.57 -15.39 0.12
N LEU C 301 -14.14 -16.24 -0.73
CA LEU C 301 -14.21 -17.66 -0.38
C LEU C 301 -12.84 -18.31 -0.43
N THR C 302 -12.63 -19.27 0.47
CA THR C 302 -11.43 -20.08 0.51
C THR C 302 -11.69 -21.40 -0.18
N SER C 303 -10.60 -22.06 -0.58
CA SER C 303 -10.73 -23.38 -1.20
C SER C 303 -11.53 -24.32 -0.31
N GLY C 304 -11.30 -24.25 1.00
CA GLY C 304 -12.05 -25.10 1.92
C GLY C 304 -13.54 -24.81 1.95
N ASP C 305 -13.93 -23.57 1.67
CA ASP C 305 -15.34 -23.21 1.63
C ASP C 305 -16.09 -23.94 0.52
N TYR C 306 -15.39 -24.40 -0.51
CA TYR C 306 -16.06 -25.10 -1.59
C TYR C 306 -16.50 -26.48 -1.19
N LEU C 307 -15.76 -27.12 -0.29
CA LEU C 307 -16.26 -28.37 0.31
C LEU C 307 -17.55 -28.11 1.08
N LYS C 308 -17.62 -26.97 1.79
CA LYS C 308 -18.84 -26.72 2.57
C LYS C 308 -20.01 -26.44 1.64
N LEU C 309 -19.74 -25.75 0.53
CA LEU C 309 -20.79 -25.47 -0.45
C LEU C 309 -21.35 -26.76 -1.04
N GLY C 310 -20.47 -27.67 -1.44
CA GLY C 310 -20.94 -28.92 -2.05
C GLY C 310 -21.74 -29.76 -1.08
N LYS C 311 -21.33 -29.77 0.20
CA LYS C 311 -22.08 -30.54 1.19
C LYS C 311 -23.46 -29.95 1.40
N ARG C 312 -23.56 -28.62 1.44
CA ARG C 312 -24.86 -27.98 1.63
C ARG C 312 -25.78 -28.25 0.45
N LEU C 313 -25.23 -28.25 -0.77
CA LEU C 313 -26.04 -28.55 -1.94
C LEU C 313 -26.57 -29.98 -1.88
N GLU C 314 -25.75 -30.94 -1.47
CA GLU C 314 -26.22 -32.31 -1.33
C GLU C 314 -27.37 -32.41 -0.34
N GLN C 315 -27.40 -31.56 0.68
CA GLN C 315 -28.45 -31.70 1.68
C GLN C 315 -29.81 -31.24 1.16
N LEU C 316 -29.87 -30.66 -0.04
CA LEU C 316 -31.17 -30.37 -0.67
C LEU C 316 -31.86 -31.64 -1.16
N GLY C 317 -31.13 -32.76 -1.25
CA GLY C 317 -31.70 -34.05 -1.58
C GLY C 317 -32.31 -34.15 -2.97
N LEU C 318 -31.70 -33.53 -3.98
CA LEU C 318 -32.28 -33.46 -5.31
C LEU C 318 -31.38 -34.09 -6.36
N PRO C 319 -31.94 -34.62 -7.44
CA PRO C 319 -31.12 -34.91 -8.63
C PRO C 319 -30.46 -33.62 -9.10
N THR C 320 -29.13 -33.64 -9.26
CA THR C 320 -28.36 -32.41 -9.40
C THR C 320 -27.37 -32.51 -10.57
N VAL C 321 -27.49 -31.58 -11.53
CA VAL C 321 -26.53 -31.40 -12.61
C VAL C 321 -25.72 -30.16 -12.29
N PHE C 322 -24.38 -30.29 -12.25
CA PHE C 322 -23.50 -29.13 -12.13
C PHE C 322 -23.04 -28.74 -13.52
N THR C 323 -23.24 -27.49 -13.91
CA THR C 323 -22.62 -26.98 -15.14
C THR C 323 -21.52 -26.01 -14.75
N MET C 324 -20.36 -26.15 -15.38
CA MET C 324 -19.23 -25.30 -15.05
C MET C 324 -19.39 -23.93 -15.69
N GLU C 325 -19.29 -22.88 -14.87
CA GLU C 325 -19.37 -21.52 -15.38
C GLU C 325 -17.99 -20.87 -15.28
N GLY C 326 -17.82 -19.92 -14.36
CA GLY C 326 -16.59 -19.14 -14.28
C GLY C 326 -15.60 -19.61 -13.24
N GLY C 327 -14.62 -18.75 -12.96
CA GLY C 327 -13.47 -19.05 -12.11
C GLY C 327 -12.17 -18.84 -12.87
N TYR C 328 -11.38 -17.83 -12.49
CA TYR C 328 -10.30 -17.37 -13.37
C TYR C 328 -8.92 -17.35 -12.71
N ASP C 329 -8.79 -17.86 -11.49
CA ASP C 329 -7.46 -18.17 -10.97
C ASP C 329 -7.16 -19.63 -11.31
N VAL C 330 -6.39 -19.84 -12.37
CA VAL C 330 -6.19 -21.17 -12.92
C VAL C 330 -5.36 -22.05 -11.98
N ASP C 331 -4.51 -21.43 -11.15
CA ASP C 331 -3.76 -22.20 -10.17
C ASP C 331 -4.68 -23.02 -9.27
N ALA C 332 -5.78 -22.43 -8.78
CA ALA C 332 -6.65 -23.09 -7.82
C ALA C 332 -7.97 -23.58 -8.40
N ILE C 333 -8.22 -23.39 -9.70
CA ILE C 333 -9.55 -23.65 -10.26
C ILE C 333 -9.89 -25.13 -10.17
N GLY C 334 -8.90 -26.01 -10.38
CA GLY C 334 -9.15 -27.43 -10.25
C GLY C 334 -9.50 -27.83 -8.83
N VAL C 335 -8.71 -27.38 -7.86
CA VAL C 335 -8.99 -27.67 -6.46
C VAL C 335 -10.37 -27.16 -6.06
N ASN C 336 -10.70 -25.92 -6.45
CA ASN C 336 -11.96 -25.33 -6.02
C ASN C 336 -13.16 -26.06 -6.59
N ALA C 337 -13.15 -26.34 -7.90
CA ALA C 337 -14.32 -26.94 -8.53
C ALA C 337 -14.51 -28.37 -8.08
N VAL C 338 -13.41 -29.12 -7.98
CA VAL C 338 -13.53 -30.50 -7.56
C VAL C 338 -13.88 -30.58 -6.07
N ASN C 339 -13.49 -29.56 -5.29
CA ASN C 339 -13.90 -29.50 -3.88
C ASN C 339 -15.41 -29.49 -3.74
N VAL C 340 -16.10 -28.78 -4.64
CA VAL C 340 -17.56 -28.78 -4.58
C VAL C 340 -18.08 -30.20 -4.78
N MET C 341 -17.60 -30.87 -5.83
CA MET C 341 -18.03 -32.23 -6.10
C MET C 341 -17.71 -33.16 -4.94
N GLN C 342 -16.49 -33.05 -4.40
CA GLN C 342 -16.11 -33.92 -3.28
C GLN C 342 -16.92 -33.61 -2.01
N GLY C 343 -17.15 -32.33 -1.73
CA GLY C 343 -18.03 -31.97 -0.62
C GLY C 343 -19.44 -32.48 -0.82
N PHE C 344 -19.91 -32.49 -2.07
CA PHE C 344 -21.21 -33.09 -2.38
C PHE C 344 -21.23 -34.57 -2.04
N GLU C 345 -20.16 -35.29 -2.40
CA GLU C 345 -20.11 -36.73 -2.22
C GLU C 345 -19.76 -37.13 -0.78
N GLY C 346 -19.39 -36.18 0.07
CA GLY C 346 -19.20 -36.47 1.48
C GLY C 346 -17.86 -36.11 2.08
N LYS C 347 -17.06 -35.33 1.36
CA LYS C 347 -15.72 -34.96 1.86
C LYS C 347 -15.79 -33.75 2.78
N GLY D 4 4.88 44.89 -29.92
CA GLY D 4 3.77 44.35 -30.68
C GLY D 4 2.92 43.37 -29.90
N SER D 5 2.07 42.62 -30.59
CA SER D 5 1.46 41.47 -29.96
C SER D 5 2.50 40.35 -29.90
N MET D 6 2.29 39.42 -28.99
CA MET D 6 3.19 38.27 -28.87
C MET D 6 2.38 36.99 -29.01
N LYS D 7 2.88 36.07 -29.84
CA LYS D 7 2.24 34.79 -30.04
C LYS D 7 2.61 33.81 -28.95
N THR D 8 1.67 32.92 -28.63
CA THR D 8 1.85 31.89 -27.61
C THR D 8 1.70 30.53 -28.27
N VAL D 9 2.67 29.65 -28.04
CA VAL D 9 2.62 28.27 -28.51
C VAL D 9 2.20 27.38 -27.34
N PHE D 10 1.19 26.54 -27.56
CA PHE D 10 0.59 25.71 -26.51
C PHE D 10 0.20 24.37 -27.10
N SER D 11 0.61 23.28 -26.46
CA SER D 11 0.20 21.95 -26.88
C SER D 11 -0.83 21.40 -25.89
N PRO D 12 -2.00 20.99 -26.36
CA PRO D 12 -2.94 20.30 -25.47
C PRO D 12 -2.46 18.93 -25.04
N LEU D 13 -1.39 18.42 -25.65
CA LEU D 13 -0.83 17.13 -25.22
C LEU D 13 -0.19 17.19 -23.84
N HIS D 14 0.01 18.37 -23.26
CA HIS D 14 0.60 18.44 -21.92
C HIS D 14 -0.22 17.64 -20.93
N SER D 15 -1.55 17.55 -21.15
CA SER D 15 -2.42 16.77 -20.28
C SER D 15 -2.10 15.28 -20.30
N ARG D 16 -1.28 14.81 -21.24
CA ARG D 16 -0.82 13.42 -21.20
C ARG D 16 0.02 13.16 -19.95
N ARG D 17 0.64 14.19 -19.38
CA ARG D 17 1.35 14.07 -18.11
C ARG D 17 0.45 14.60 -17.02
N HIS D 18 -0.11 13.70 -16.21
CA HIS D 18 -0.99 14.03 -15.10
C HIS D 18 -0.74 13.06 -13.95
N VAL D 19 0.49 13.08 -13.40
CA VAL D 19 0.85 12.08 -12.40
C VAL D 19 0.14 12.40 -11.09
N LYS D 20 -0.09 11.36 -10.29
CA LYS D 20 -0.89 11.50 -9.09
C LYS D 20 -0.06 11.61 -7.82
N THR D 21 1.24 11.34 -7.87
CA THR D 21 2.09 11.34 -6.68
C THR D 21 3.36 12.15 -6.89
N GLU D 22 3.74 12.89 -5.85
CA GLU D 22 5.03 13.53 -5.73
C GLU D 22 5.55 13.26 -4.33
N LEU D 23 6.76 12.71 -4.24
CA LEU D 23 7.40 12.53 -2.94
C LEU D 23 7.82 13.90 -2.39
N ASP D 24 7.28 14.25 -1.23
CA ASP D 24 7.55 15.54 -0.61
C ASP D 24 7.43 15.37 0.89
N GLY D 25 8.52 15.64 1.62
CA GLY D 25 8.42 15.60 3.06
C GLY D 25 8.06 14.24 3.60
N GLY D 26 8.56 13.19 2.98
CA GLY D 26 8.29 11.82 3.35
C GLY D 26 6.89 11.35 3.05
N LEU D 27 6.13 12.06 2.22
CA LEU D 27 4.78 11.68 1.85
C LEU D 27 4.61 11.73 0.34
N LEU D 28 3.67 10.94 -0.16
CA LEU D 28 3.27 11.04 -1.56
C LEU D 28 2.12 12.04 -1.63
N ILE D 29 2.40 13.23 -2.13
CA ILE D 29 1.43 14.33 -2.13
C ILE D 29 0.89 14.55 -3.54
N GLU D 30 -0.15 15.39 -3.65
CA GLU D 30 -0.66 15.85 -4.94
C GLU D 30 0.44 16.70 -5.59
N PRO D 31 0.85 16.40 -6.82
CA PRO D 31 2.03 17.08 -7.39
C PRO D 31 1.79 18.57 -7.56
N HIS D 32 2.83 19.35 -7.29
CA HIS D 32 2.78 20.78 -7.50
C HIS D 32 2.68 21.13 -8.99
N GLU D 33 3.37 20.37 -9.84
CA GLU D 33 3.45 20.70 -11.26
C GLU D 33 2.26 20.08 -11.99
N LYS D 34 1.11 20.70 -11.80
CA LYS D 34 -0.15 20.10 -12.23
C LYS D 34 -0.63 20.72 -13.54
N PRO D 35 -1.46 19.98 -14.30
CA PRO D 35 -1.96 20.51 -15.58
C PRO D 35 -2.65 21.86 -15.48
N SER D 36 -3.35 22.14 -14.37
CA SER D 36 -4.04 23.43 -14.26
C SER D 36 -3.07 24.61 -14.34
N ARG D 37 -1.78 24.39 -14.09
CA ARG D 37 -0.79 25.44 -14.33
C ARG D 37 -0.87 25.94 -15.77
N ALA D 38 -0.77 25.04 -16.73
CA ALA D 38 -0.73 25.43 -18.13
C ALA D 38 -2.08 25.97 -18.57
N GLU D 39 -3.17 25.38 -18.11
CA GLU D 39 -4.48 25.84 -18.56
C GLU D 39 -4.80 27.22 -18.01
N THR D 40 -4.39 27.50 -16.78
CA THR D 40 -4.63 28.81 -16.20
C THR D 40 -3.85 29.89 -16.94
N ILE D 41 -2.58 29.64 -17.28
CA ILE D 41 -1.83 30.61 -18.08
C ILE D 41 -2.50 30.78 -19.45
N LEU D 42 -2.86 29.68 -20.10
CA LEU D 42 -3.49 29.79 -21.42
C LEU D 42 -4.75 30.64 -21.36
N ALA D 43 -5.60 30.41 -20.35
CA ALA D 43 -6.83 31.18 -20.24
C ALA D 43 -6.56 32.66 -20.05
N ARG D 44 -5.48 33.01 -19.34
CA ARG D 44 -5.15 34.43 -19.17
C ARG D 44 -4.59 35.02 -20.46
N VAL D 45 -3.86 34.23 -21.25
CA VAL D 45 -3.42 34.67 -22.58
C VAL D 45 -4.62 35.05 -23.43
N LYS D 46 -5.63 34.19 -23.48
CA LYS D 46 -6.84 34.50 -24.24
C LYS D 46 -7.53 35.73 -23.67
N ASP D 47 -7.70 35.77 -22.34
CA ASP D 47 -8.47 36.83 -21.70
C ASP D 47 -7.85 38.19 -21.96
N GLN D 48 -6.53 38.27 -21.95
CA GLN D 48 -5.82 39.53 -22.17
C GLN D 48 -5.61 39.84 -23.64
N ALA D 49 -6.00 38.95 -24.56
CA ALA D 49 -5.72 39.13 -25.99
C ALA D 49 -4.25 39.47 -26.22
N LEU D 50 -3.37 38.66 -25.65
CA LEU D 50 -1.94 38.94 -25.79
C LEU D 50 -1.51 38.82 -27.24
N GLY D 51 -2.01 37.81 -27.93
CA GLY D 51 -1.58 37.51 -29.28
C GLY D 51 -2.14 36.17 -29.71
N GLU D 52 -1.77 35.79 -30.93
CA GLU D 52 -2.20 34.51 -31.50
C GLU D 52 -1.80 33.35 -30.60
N ILE D 53 -2.68 32.34 -30.53
CA ILE D 53 -2.38 31.08 -29.85
C ILE D 53 -2.37 29.98 -30.91
N LEU D 54 -1.29 29.20 -30.93
CA LEU D 54 -1.13 28.16 -31.94
C LEU D 54 -0.54 26.92 -31.30
N GLU D 55 -0.81 25.79 -31.93
CA GLU D 55 -0.21 24.52 -31.52
C GLU D 55 1.18 24.41 -32.12
N PRO D 56 2.05 23.58 -31.55
CA PRO D 56 3.42 23.47 -32.06
C PRO D 56 3.49 22.64 -33.34
N GLU D 57 4.56 22.89 -34.09
CA GLU D 57 5.03 22.02 -35.15
C GLU D 57 5.82 20.86 -34.54
N GLU D 58 5.70 19.68 -35.18
CA GLU D 58 6.50 18.53 -34.78
C GLU D 58 7.87 18.63 -35.43
N PHE D 59 8.92 18.68 -34.61
CA PHE D 59 10.28 18.72 -35.15
C PHE D 59 11.00 17.37 -35.06
N GLY D 60 10.40 16.37 -34.42
CA GLY D 60 11.07 15.12 -34.17
C GLY D 60 12.11 15.24 -33.06
N LEU D 61 12.83 14.15 -32.86
CA LEU D 61 13.84 14.04 -31.82
C LEU D 61 15.20 14.58 -32.23
N GLY D 62 15.41 14.85 -33.52
CA GLY D 62 16.67 15.41 -33.99
C GLY D 62 17.19 16.57 -33.16
N PRO D 63 16.38 17.64 -33.03
CA PRO D 63 16.82 18.80 -32.24
C PRO D 63 16.89 18.55 -30.74
N VAL D 64 16.12 17.58 -30.22
CA VAL D 64 16.26 17.18 -28.82
C VAL D 64 17.62 16.52 -28.60
N LYS D 65 18.04 15.66 -29.54
CA LYS D 65 19.31 14.95 -29.44
C LYS D 65 20.52 15.85 -29.73
N ARG D 66 20.31 17.08 -30.16
CA ARG D 66 21.41 18.05 -30.16
C ARG D 66 21.78 18.49 -28.75
N VAL D 67 20.96 18.18 -27.74
CA VAL D 67 21.25 18.52 -26.35
C VAL D 67 21.34 17.28 -25.48
N HIS D 68 20.43 16.34 -25.64
CA HIS D 68 20.31 15.20 -24.74
C HIS D 68 20.91 13.96 -25.39
N THR D 69 21.43 13.07 -24.57
CA THR D 69 22.09 11.87 -25.08
C THR D 69 21.08 10.88 -25.62
N ALA D 70 21.56 10.08 -26.59
CA ALA D 70 20.71 9.07 -27.22
C ALA D 70 20.19 8.07 -26.19
N ASP D 71 21.06 7.62 -25.28
CA ASP D 71 20.64 6.66 -24.26
C ASP D 71 19.58 7.23 -23.35
N TYR D 72 19.64 8.52 -23.08
CA TYR D 72 18.67 9.15 -22.19
C TYR D 72 17.33 9.33 -22.89
N VAL D 73 17.34 9.76 -24.15
CA VAL D 73 16.09 9.88 -24.90
C VAL D 73 15.44 8.51 -25.02
N SER D 74 16.23 7.47 -25.27
CA SER D 74 15.69 6.11 -25.34
C SER D 74 15.07 5.72 -24.01
N PHE D 75 15.80 5.97 -22.92
CA PHE D 75 15.31 5.60 -21.60
C PHE D 75 13.97 6.23 -21.31
N LEU D 76 13.82 7.54 -21.58
CA LEU D 76 12.55 8.19 -21.27
C LEU D 76 11.40 7.57 -22.04
N GLU D 77 11.64 7.11 -23.28
CA GLU D 77 10.57 6.52 -24.07
C GLU D 77 10.10 5.17 -23.52
N THR D 78 10.99 4.41 -22.92
CA THR D 78 10.70 3.04 -22.51
C THR D 78 10.50 2.89 -21.02
N CYS D 79 10.80 3.93 -20.23
CA CYS D 79 10.87 3.79 -18.78
C CYS D 79 9.58 3.20 -18.22
N TRP D 80 8.45 3.78 -18.61
CA TRP D 80 7.19 3.36 -18.01
C TRP D 80 6.85 1.92 -18.38
N ASP D 81 7.01 1.54 -19.65
CA ASP D 81 6.72 0.15 -20.03
C ASP D 81 7.60 -0.82 -19.24
N GLU D 82 8.88 -0.49 -19.13
CA GLU D 82 9.80 -1.33 -18.36
C GLU D 82 9.41 -1.39 -16.89
N TRP D 83 9.01 -0.26 -16.32
CA TRP D 83 8.56 -0.22 -14.93
C TRP D 83 7.36 -1.14 -14.71
N VAL D 84 6.34 -0.99 -15.56
CA VAL D 84 5.13 -1.81 -15.46
C VAL D 84 5.48 -3.28 -15.66
N ALA D 85 6.35 -3.58 -16.64
CA ALA D 85 6.69 -4.97 -16.93
C ALA D 85 7.43 -5.62 -15.78
N ALA D 86 8.14 -4.84 -14.98
CA ALA D 86 8.89 -5.37 -13.87
C ALA D 86 8.03 -5.58 -12.62
N GLY D 87 6.72 -5.34 -12.70
CA GLY D 87 5.82 -5.61 -11.61
C GLY D 87 5.60 -4.50 -10.60
N LYS D 88 6.18 -3.32 -10.80
CA LYS D 88 5.95 -2.22 -9.88
C LYS D 88 4.52 -1.72 -9.98
N ARG D 89 3.95 -1.32 -8.84
CA ARG D 89 2.53 -0.98 -8.75
C ARG D 89 2.25 0.51 -8.58
N GLY D 90 3.25 1.31 -8.24
CA GLY D 90 3.09 2.75 -8.18
C GLY D 90 3.53 3.40 -9.47
N GLU D 91 3.56 4.73 -9.46
CA GLU D 91 4.20 5.45 -10.55
C GLU D 91 5.72 5.26 -10.45
N ALA D 92 6.43 5.60 -11.51
CA ALA D 92 7.86 5.29 -11.59
C ALA D 92 8.65 6.35 -10.84
N ILE D 93 9.27 5.96 -9.73
CA ILE D 93 10.03 6.86 -8.87
C ILE D 93 11.36 6.19 -8.56
N PRO D 94 12.50 6.88 -8.66
CA PRO D 94 13.77 6.24 -8.28
C PRO D 94 13.85 5.97 -6.78
N THR D 95 14.37 4.79 -6.43
CA THR D 95 14.60 4.39 -5.04
C THR D 95 16.06 4.37 -4.66
N PHE D 96 16.96 4.14 -5.61
CA PHE D 96 18.39 3.97 -5.36
C PHE D 96 19.16 4.78 -6.38
N TRP D 97 20.29 5.36 -5.99
CA TRP D 97 21.07 6.18 -6.91
C TRP D 97 22.56 5.95 -6.67
N VAL D 98 23.37 6.63 -7.47
CA VAL D 98 24.82 6.56 -7.34
C VAL D 98 25.21 7.41 -6.14
N GLY D 99 25.31 6.77 -4.97
CA GLY D 99 25.79 7.45 -3.79
C GLY D 99 27.26 7.81 -3.92
N ARG D 100 27.68 8.81 -3.13
CA ARG D 100 29.10 9.14 -3.04
C ARG D 100 29.89 7.90 -2.65
N GLY D 101 30.93 7.60 -3.44
CA GLY D 101 31.73 6.40 -3.26
C GLY D 101 31.34 5.26 -4.18
N MET D 102 30.27 5.39 -4.95
CA MET D 102 29.79 4.35 -5.84
C MET D 102 30.15 4.71 -7.28
N ARG D 103 29.96 3.77 -8.19
CA ARG D 103 30.38 3.93 -9.58
C ARG D 103 29.27 4.56 -10.42
N ALA D 104 29.62 5.56 -11.23
CA ALA D 104 28.71 6.10 -12.26
C ALA D 104 28.64 5.13 -13.44
N ARG D 105 27.90 4.03 -13.22
CA ARG D 105 27.88 2.92 -14.15
C ARG D 105 26.43 2.50 -14.41
N LEU D 106 26.06 2.47 -15.69
CA LEU D 106 24.67 2.15 -16.09
C LEU D 106 24.35 0.69 -15.83
N PRO D 107 23.34 0.37 -15.03
CA PRO D 107 22.99 -1.04 -14.81
C PRO D 107 21.89 -1.51 -15.75
N LYS D 108 21.47 -2.75 -15.60
CA LYS D 108 20.43 -3.31 -16.45
C LYS D 108 19.03 -3.07 -15.89
N ASP D 109 18.86 -3.27 -14.59
CA ASP D 109 17.54 -3.21 -13.95
C ASP D 109 16.92 -1.82 -14.11
N ILE D 110 15.60 -1.78 -14.19
CA ILE D 110 14.92 -0.49 -14.38
C ILE D 110 15.13 0.43 -13.16
N ASP D 111 15.15 -0.13 -11.95
CA ASP D 111 15.40 0.71 -10.76
C ASP D 111 16.78 1.36 -10.85
N GLY D 112 17.79 0.60 -11.27
CA GLY D 112 19.12 1.17 -11.40
C GLY D 112 19.21 2.21 -12.51
N ARG D 113 18.50 1.99 -13.61
CA ARG D 113 18.50 3.00 -14.68
C ARG D 113 17.81 4.28 -14.22
N LEU D 114 16.66 4.15 -13.56
CA LEU D 114 15.97 5.30 -12.98
C LEU D 114 16.89 6.11 -12.07
N GLY D 115 17.67 5.43 -11.25
CA GLY D 115 18.57 6.15 -10.36
C GLY D 115 19.71 6.81 -11.10
N TYR D 116 20.27 6.11 -12.09
CA TYR D 116 21.40 6.63 -12.85
C TYR D 116 21.03 7.91 -13.60
N TYR D 117 19.79 8.00 -14.09
CA TYR D 117 19.35 9.09 -14.94
C TYR D 117 18.58 10.19 -14.19
N SER D 118 18.59 10.20 -12.86
CA SER D 118 17.83 11.18 -12.11
C SER D 118 18.70 11.88 -11.08
N LEU D 119 18.21 13.03 -10.63
CA LEU D 119 18.81 13.72 -9.50
C LEU D 119 17.83 13.89 -8.35
N GLY D 120 16.65 13.31 -8.43
CA GLY D 120 15.66 13.51 -7.39
C GLY D 120 14.50 12.55 -7.56
N ALA D 121 13.75 12.40 -6.47
CA ALA D 121 12.61 11.50 -6.45
C ALA D 121 11.29 12.25 -6.51
N ASP D 122 11.33 13.54 -6.79
CA ASP D 122 10.13 14.37 -6.81
C ASP D 122 9.40 14.35 -8.15
N THR D 123 9.86 13.55 -9.12
CA THR D 123 9.40 13.65 -10.51
C THR D 123 8.93 12.27 -11.00
N SER D 124 7.72 11.89 -10.61
CA SER D 124 7.19 10.59 -11.02
C SER D 124 6.99 10.57 -12.53
N ILE D 125 7.24 9.40 -13.11
CA ILE D 125 6.98 9.13 -14.52
C ILE D 125 5.82 8.13 -14.60
N SER D 126 4.87 8.40 -15.48
CA SER D 126 3.80 7.43 -15.75
C SER D 126 3.52 7.47 -17.25
N ASP D 127 2.44 6.80 -17.66
CA ASP D 127 2.06 6.82 -19.07
C ASP D 127 1.77 8.25 -19.51
N GLY D 128 2.24 8.61 -20.71
CA GLY D 128 2.02 9.92 -21.25
C GLY D 128 3.14 10.91 -20.96
N THR D 129 4.00 10.61 -19.98
CA THR D 129 5.11 11.51 -19.68
C THR D 129 6.03 11.70 -20.88
N TRP D 130 6.36 10.62 -21.59
CA TRP D 130 7.17 10.73 -22.79
C TRP D 130 6.52 11.65 -23.83
N GLU D 131 5.21 11.46 -24.08
CA GLU D 131 4.55 12.26 -25.10
C GLU D 131 4.44 13.73 -24.69
N ALA D 132 4.20 13.98 -23.41
CA ALA D 132 4.14 15.35 -22.93
C ALA D 132 5.50 16.02 -23.02
N ALA D 133 6.55 15.32 -22.59
CA ALA D 133 7.92 15.85 -22.71
C ALA D 133 8.27 16.20 -24.16
N ARG D 134 7.88 15.34 -25.10
CA ARG D 134 8.16 15.61 -26.50
C ARG D 134 7.41 16.84 -27.00
N ALA D 135 6.13 16.97 -26.64
CA ALA D 135 5.33 18.10 -27.10
C ALA D 135 5.83 19.40 -26.48
N SER D 136 6.33 19.33 -25.25
CA SER D 136 6.87 20.53 -24.61
C SER D 136 8.14 21.01 -25.29
N ALA D 137 8.97 20.07 -25.78
CA ALA D 137 10.13 20.48 -26.58
C ALA D 137 9.71 21.11 -27.90
N ASN D 138 8.68 20.56 -28.55
CA ASN D 138 8.19 21.15 -29.80
C ASN D 138 7.60 22.54 -29.57
N VAL D 139 6.95 22.74 -28.42
CA VAL D 139 6.44 24.07 -28.07
C VAL D 139 7.60 25.07 -28.04
N ALA D 140 8.69 24.72 -27.36
CA ALA D 140 9.87 25.59 -27.34
C ALA D 140 10.46 25.77 -28.74
N LEU D 141 10.54 24.70 -29.52
CA LEU D 141 11.16 24.84 -30.84
C LEU D 141 10.29 25.65 -31.81
N THR D 142 8.95 25.58 -31.65
CA THR D 142 8.06 26.41 -32.47
C THR D 142 8.20 27.87 -32.15
N ALA D 143 8.26 28.22 -30.86
CA ALA D 143 8.49 29.61 -30.48
C ALA D 143 9.82 30.11 -31.02
N GLN D 144 10.87 29.28 -30.90
CA GLN D 144 12.15 29.62 -31.52
C GLN D 144 12.00 29.91 -33.01
N LYS D 145 11.24 29.07 -33.72
CA LYS D 145 11.12 29.24 -35.17
C LYS D 145 10.39 30.53 -35.51
N LEU D 146 9.35 30.88 -34.74
CA LEU D 146 8.63 32.13 -34.93
C LEU D 146 9.56 33.33 -34.77
N VAL D 147 10.51 33.25 -33.84
CA VAL D 147 11.44 34.35 -33.62
C VAL D 147 12.46 34.42 -34.74
N ALA D 148 12.99 33.26 -35.15
CA ALA D 148 13.98 33.22 -36.21
C ALA D 148 13.39 33.70 -37.54
N GLU D 149 12.08 33.53 -37.74
CA GLU D 149 11.43 33.92 -38.98
C GLU D 149 10.88 35.35 -38.94
N GLY D 150 11.04 36.09 -37.84
CA GLY D 150 10.61 37.47 -37.90
C GLY D 150 10.00 38.08 -36.66
N GLU D 151 9.52 37.27 -35.71
CA GLU D 151 8.91 37.81 -34.51
C GLU D 151 9.96 38.32 -33.53
N ARG D 152 9.68 39.48 -32.93
CA ARG D 152 10.53 39.96 -31.85
C ARG D 152 10.65 38.92 -30.74
N ALA D 153 9.53 38.34 -30.32
CA ALA D 153 9.54 37.44 -29.18
C ALA D 153 8.39 36.45 -29.29
N ALA D 154 8.52 35.34 -28.56
CA ALA D 154 7.42 34.38 -28.55
C ALA D 154 7.39 33.65 -27.23
N PHE D 155 6.18 33.28 -26.81
CA PHE D 155 5.96 32.61 -25.53
C PHE D 155 5.75 31.13 -25.78
N ALA D 156 6.71 30.32 -25.31
CA ALA D 156 6.58 28.85 -25.34
C ALA D 156 5.97 28.42 -24.02
N LEU D 157 4.65 28.17 -24.02
CA LEU D 157 3.93 27.75 -22.83
C LEU D 157 4.21 26.26 -22.59
N CYS D 158 5.45 25.98 -22.21
CA CYS D 158 5.91 24.62 -22.00
C CYS D 158 5.34 24.01 -20.72
N ARG D 159 4.91 22.76 -20.81
CA ARG D 159 4.67 21.91 -19.66
C ARG D 159 4.80 20.47 -20.14
N PRO D 160 5.73 19.67 -19.59
CA PRO D 160 6.59 19.97 -18.45
C PRO D 160 7.70 20.98 -18.71
N PRO D 161 8.15 21.64 -17.63
CA PRO D 161 9.31 22.52 -17.72
C PRO D 161 10.61 21.75 -17.92
N GLY D 162 11.72 22.47 -18.01
CA GLY D 162 12.94 21.85 -18.47
C GLY D 162 14.25 22.23 -17.82
N HIS D 163 14.33 23.34 -17.08
CA HIS D 163 15.66 23.89 -16.82
C HIS D 163 16.51 23.06 -15.86
N HIS D 164 15.94 22.09 -15.13
CA HIS D 164 16.76 21.20 -14.29
C HIS D 164 17.31 19.97 -15.03
N ALA D 165 16.86 19.70 -16.24
CA ALA D 165 17.33 18.54 -16.98
C ALA D 165 18.72 18.78 -17.54
N HIS D 166 19.66 17.87 -17.21
CA HIS D 166 20.97 17.80 -17.82
C HIS D 166 20.86 17.06 -19.16
N ALA D 167 22.02 16.86 -19.82
CA ALA D 167 22.01 16.07 -21.05
C ALA D 167 21.46 14.67 -20.85
N ASP D 168 21.69 14.06 -19.68
CA ASP D 168 21.13 12.73 -19.40
C ASP D 168 20.71 12.57 -17.94
N VAL D 169 20.13 13.62 -17.34
CA VAL D 169 19.57 13.53 -15.98
C VAL D 169 18.25 14.29 -15.93
N PHE D 170 17.20 13.64 -15.43
CA PHE D 170 15.91 14.30 -15.19
C PHE D 170 15.70 14.56 -13.70
N GLY D 171 14.79 15.48 -13.42
CA GLY D 171 14.40 15.76 -12.05
C GLY D 171 13.87 17.16 -11.91
N GLY D 172 13.35 17.45 -10.72
CA GLY D 172 12.79 18.78 -10.51
C GLY D 172 11.70 19.10 -11.52
N TYR D 173 10.89 18.10 -11.85
CA TYR D 173 9.74 18.15 -12.74
C TYR D 173 10.14 18.28 -14.22
N CYS D 174 11.43 18.14 -14.55
CA CYS D 174 11.97 18.45 -15.88
C CYS D 174 12.52 17.21 -16.55
N PHE D 175 12.27 17.08 -17.85
CA PHE D 175 12.76 15.92 -18.60
C PHE D 175 13.63 16.33 -19.77
N PHE D 176 13.13 17.18 -20.65
CA PHE D 176 13.88 17.76 -21.76
C PHE D 176 14.12 19.23 -21.45
N ASN D 177 15.36 19.68 -21.62
CA ASN D 177 15.67 21.07 -21.26
C ASN D 177 15.24 21.96 -22.42
N ASN D 178 13.97 22.39 -22.39
CA ASN D 178 13.38 23.19 -23.46
C ASN D 178 14.21 24.44 -23.76
N ALA D 179 14.62 25.16 -22.71
CA ALA D 179 15.41 26.37 -22.92
C ALA D 179 16.71 26.07 -23.66
N ALA D 180 17.40 24.98 -23.27
CA ALA D 180 18.66 24.63 -23.93
C ALA D 180 18.43 24.14 -25.35
N ILE D 181 17.31 23.48 -25.61
CA ILE D 181 17.02 23.00 -26.96
C ILE D 181 16.74 24.19 -27.88
N ALA D 182 16.01 25.19 -27.37
CA ALA D 182 15.80 26.43 -28.13
C ALA D 182 17.12 27.15 -28.41
N ALA D 183 17.97 27.28 -27.39
CA ALA D 183 19.25 27.97 -27.57
C ALA D 183 20.12 27.27 -28.61
N GLN D 184 20.17 25.94 -28.55
CA GLN D 184 20.96 25.19 -29.52
C GLN D 184 20.37 25.30 -30.93
N ALA D 185 19.05 25.44 -31.03
CA ALA D 185 18.43 25.63 -32.34
C ALA D 185 18.84 26.96 -32.94
N PHE D 186 18.90 28.02 -32.11
CA PHE D 186 19.47 29.28 -32.55
C PHE D 186 20.89 29.09 -33.07
N ARG D 187 21.74 28.40 -32.28
CA ARG D 187 23.14 28.27 -32.69
C ARG D 187 23.24 27.47 -33.98
N ASP D 188 22.45 26.39 -34.09
CA ASP D 188 22.48 25.58 -35.29
C ASP D 188 22.03 26.35 -36.53
N GLN D 189 21.11 27.30 -36.35
CA GLN D 189 20.61 28.12 -37.44
C GLN D 189 21.49 29.33 -37.73
N GLY D 190 22.70 29.39 -37.17
CA GLY D 190 23.62 30.44 -37.54
C GLY D 190 23.63 31.66 -36.63
N TYR D 191 22.87 31.66 -35.55
CA TYR D 191 23.03 32.69 -34.52
C TYR D 191 24.34 32.43 -33.78
N GLY D 192 25.31 33.32 -33.93
CA GLY D 192 26.65 33.05 -33.44
C GLY D 192 26.73 32.90 -31.94
N LYS D 193 26.00 33.74 -31.20
CA LYS D 193 26.04 33.72 -29.74
C LYS D 193 24.64 33.84 -29.16
N VAL D 194 24.40 33.08 -28.09
CA VAL D 194 23.07 32.99 -27.49
C VAL D 194 23.25 33.11 -25.98
N ALA D 195 22.31 33.82 -25.35
CA ALA D 195 22.29 33.95 -23.90
C ALA D 195 21.03 33.29 -23.37
N VAL D 196 21.17 32.55 -22.28
CA VAL D 196 20.03 31.95 -21.59
C VAL D 196 19.98 32.54 -20.20
N LEU D 197 18.90 33.27 -19.90
CA LEU D 197 18.70 33.92 -18.61
C LEU D 197 17.57 33.20 -17.88
N ASP D 198 17.89 32.63 -16.72
CA ASP D 198 16.96 31.83 -15.93
C ASP D 198 16.46 32.67 -14.76
N VAL D 199 15.19 33.09 -14.79
CA VAL D 199 14.60 33.89 -13.72
C VAL D 199 13.63 33.10 -12.83
N ASP D 200 13.47 31.80 -13.08
CA ASP D 200 12.80 30.87 -12.17
C ASP D 200 13.45 30.92 -10.80
N PHE D 201 12.65 30.76 -9.74
CA PHE D 201 13.20 30.81 -8.37
C PHE D 201 14.38 29.85 -8.17
N HIS D 202 14.41 28.74 -8.88
CA HIS D 202 15.43 27.71 -8.67
C HIS D 202 16.55 27.84 -9.70
N HIS D 203 17.73 27.35 -9.35
CA HIS D 203 18.85 27.36 -10.27
C HIS D 203 18.57 26.46 -11.48
N GLY D 204 18.88 26.96 -12.67
CA GLY D 204 18.83 26.14 -13.86
C GLY D 204 20.07 25.29 -13.97
N ASN D 205 20.18 24.28 -13.11
CA ASN D 205 21.39 23.45 -13.10
C ASN D 205 21.53 22.66 -14.40
N GLY D 206 20.41 22.28 -15.02
CA GLY D 206 20.51 21.57 -16.29
C GLY D 206 21.13 22.42 -17.37
N THR D 207 20.60 23.63 -17.55
CA THR D 207 21.12 24.54 -18.56
C THR D 207 22.58 24.87 -18.32
N GLN D 208 22.95 25.18 -17.08
CA GLN D 208 24.35 25.43 -16.76
C GLN D 208 25.23 24.25 -17.16
N ALA D 209 24.85 23.02 -16.76
CA ALA D 209 25.66 21.84 -17.07
C ALA D 209 25.83 21.62 -18.57
N ILE D 210 24.75 21.84 -19.34
CA ILE D 210 24.77 21.55 -20.78
C ILE D 210 25.78 22.44 -21.51
N PHE D 211 25.86 23.72 -21.14
CA PHE D 211 26.74 24.62 -21.86
C PHE D 211 28.00 24.99 -21.07
N TYR D 212 28.34 24.19 -20.05
CA TYR D 212 29.29 24.63 -19.03
C TYR D 212 30.69 24.84 -19.57
N ASP D 213 31.09 24.09 -20.60
CA ASP D 213 32.42 24.24 -21.16
C ASP D 213 32.43 25.06 -22.43
N ARG D 214 31.42 25.93 -22.63
CA ARG D 214 31.23 26.58 -23.92
C ARG D 214 31.10 28.09 -23.76
N SER D 215 31.77 28.83 -24.64
CA SER D 215 31.72 30.29 -24.68
C SER D 215 30.68 30.84 -25.64
N ASP D 216 30.09 30.00 -26.51
CA ASP D 216 29.09 30.51 -27.45
C ASP D 216 27.71 30.64 -26.83
N VAL D 217 27.46 30.04 -25.68
CA VAL D 217 26.17 30.12 -25.01
C VAL D 217 26.41 30.60 -23.59
N LEU D 218 25.99 31.83 -23.29
CA LEU D 218 26.13 32.40 -21.97
C LEU D 218 24.92 32.01 -21.14
N THR D 219 25.17 31.45 -19.96
CA THR D 219 24.09 30.99 -19.10
C THR D 219 24.15 31.75 -17.79
N ILE D 220 23.04 32.37 -17.43
CA ILE D 220 22.91 33.12 -16.18
C ILE D 220 21.65 32.65 -15.48
N SER D 221 21.72 32.51 -14.16
CA SER D 221 20.55 32.19 -13.37
C SER D 221 20.51 33.04 -12.12
N LEU D 222 19.31 33.50 -11.78
CA LEU D 222 19.01 34.10 -10.48
C LEU D 222 18.18 33.09 -9.70
N HIS D 223 18.48 32.88 -8.44
CA HIS D 223 17.76 31.83 -7.72
C HIS D 223 17.95 31.94 -6.21
N GLY D 224 17.12 31.19 -5.50
CA GLY D 224 17.34 30.99 -4.08
C GLY D 224 18.62 30.21 -3.83
N ASP D 225 19.28 30.56 -2.73
CA ASP D 225 20.49 29.93 -2.26
C ASP D 225 20.40 28.42 -2.27
N PRO D 226 21.20 27.71 -3.09
CA PRO D 226 21.14 26.24 -3.06
C PRO D 226 21.60 25.64 -1.75
N ASP D 227 22.32 26.40 -0.90
CA ASP D 227 22.56 25.90 0.45
C ASP D 227 21.24 25.62 1.16
N LEU D 228 20.19 26.34 0.79
CA LEU D 228 18.89 26.26 1.43
C LEU D 228 17.84 25.52 0.62
N VAL D 229 17.94 25.48 -0.73
CA VAL D 229 16.84 24.99 -1.53
C VAL D 229 17.37 24.19 -2.72
N PHE D 230 16.50 23.34 -3.24
CA PHE D 230 16.72 22.64 -4.51
C PHE D 230 17.34 23.56 -5.55
N PRO D 231 18.32 23.12 -6.36
CA PRO D 231 18.80 21.73 -6.49
C PRO D 231 19.84 21.30 -5.46
N HIS D 232 20.33 22.25 -4.62
CA HIS D 232 21.24 22.02 -3.48
C HIS D 232 22.70 21.82 -3.90
N PHE D 233 22.97 21.13 -5.00
CA PHE D 233 24.33 20.67 -5.27
C PHE D 233 24.94 21.34 -6.50
N LEU D 234 24.23 22.30 -7.08
CA LEU D 234 24.73 23.20 -8.10
C LEU D 234 24.05 24.54 -7.87
N GLY D 235 24.63 25.59 -8.43
CA GLY D 235 24.04 26.91 -8.36
C GLY D 235 24.82 27.91 -7.55
N PHE D 236 26.00 27.56 -7.09
CA PHE D 236 26.75 28.47 -6.23
C PHE D 236 27.51 29.49 -7.07
N GLU D 237 27.78 30.64 -6.46
CA GLU D 237 28.31 31.77 -7.24
C GLU D 237 29.72 31.51 -7.74
N ASP D 238 30.45 30.58 -7.12
CA ASP D 238 31.79 30.21 -7.58
C ASP D 238 31.78 29.28 -8.81
N GLU D 239 30.61 28.92 -9.34
CA GLU D 239 30.54 28.09 -10.55
C GLU D 239 30.52 29.04 -11.75
N THR D 240 31.68 29.30 -12.34
CA THR D 240 31.81 30.30 -13.40
C THR D 240 32.11 29.70 -14.76
N GLY D 241 32.17 28.38 -14.88
CA GLY D 241 32.43 27.73 -16.14
C GLY D 241 33.73 26.93 -16.10
N GLU D 242 33.94 26.16 -17.16
CA GLU D 242 35.12 25.30 -17.25
C GLU D 242 35.72 25.44 -18.64
N GLY D 243 37.05 25.39 -18.70
CA GLY D 243 37.76 25.40 -19.97
C GLY D 243 37.42 26.62 -20.77
N ASP D 244 36.97 26.39 -22.00
CA ASP D 244 36.58 27.50 -22.87
C ASP D 244 35.39 28.28 -22.32
N GLY D 245 34.59 27.68 -21.44
CA GLY D 245 33.43 28.37 -20.92
C GLY D 245 33.67 29.12 -19.62
N GLU D 246 34.91 29.19 -19.15
CA GLU D 246 35.22 29.98 -17.96
C GLU D 246 34.78 31.42 -18.18
N ALA D 247 34.02 31.96 -17.22
CA ALA D 247 33.36 33.26 -17.21
C ALA D 247 32.15 33.33 -18.11
N TYR D 248 31.64 32.20 -18.60
CA TYR D 248 30.41 32.17 -19.40
C TYR D 248 29.28 31.44 -18.70
N ASN D 249 29.38 31.33 -17.37
CA ASN D 249 28.28 30.94 -16.50
C ASN D 249 28.25 31.92 -15.34
N LEU D 250 27.06 32.37 -14.96
CA LEU D 250 26.92 33.31 -13.86
C LEU D 250 25.74 32.92 -13.01
N ASN D 251 25.98 32.63 -11.72
CA ASN D 251 24.92 32.34 -10.77
C ASN D 251 24.82 33.49 -9.77
N ILE D 252 23.60 33.99 -9.54
CA ILE D 252 23.34 35.06 -8.60
C ILE D 252 22.34 34.58 -7.55
N VAL D 253 22.77 34.53 -6.30
CA VAL D 253 22.06 33.83 -5.23
C VAL D 253 21.39 34.85 -4.31
N PHE D 254 20.19 34.51 -3.83
CA PHE D 254 19.48 35.38 -2.90
C PHE D 254 18.97 34.58 -1.71
N PRO D 255 18.90 35.20 -0.53
CA PRO D 255 18.47 34.49 0.70
C PRO D 255 16.96 34.57 0.87
N PRO D 256 16.40 33.97 1.94
CA PRO D 256 14.95 34.03 2.13
C PRO D 256 14.41 35.45 2.26
N ASP D 257 13.16 35.63 1.83
CA ASP D 257 12.38 36.86 1.93
C ASP D 257 12.87 37.95 0.99
N THR D 258 13.66 37.62 -0.03
CA THR D 258 14.21 38.63 -0.93
C THR D 258 13.11 39.30 -1.75
N PRO D 259 12.99 40.64 -1.70
CA PRO D 259 11.93 41.31 -2.47
C PRO D 259 12.44 41.79 -3.81
N PHE D 260 11.55 42.32 -4.67
CA PHE D 260 11.96 42.77 -6.00
C PHE D 260 13.05 43.84 -5.91
N SER D 261 12.99 44.71 -4.89
CA SER D 261 13.94 45.83 -4.83
C SER D 261 15.38 45.35 -4.79
N ILE D 262 15.63 44.13 -4.30
CA ILE D 262 16.97 43.56 -4.26
C ILE D 262 17.20 42.55 -5.38
N TRP D 263 16.19 41.73 -5.66
CA TRP D 263 16.26 40.82 -6.82
C TRP D 263 16.51 41.59 -8.12
N SER D 264 15.89 42.76 -8.28
CA SER D 264 16.11 43.53 -9.50
C SER D 264 17.53 44.04 -9.62
N GLN D 265 18.27 44.13 -8.51
CA GLN D 265 19.69 44.46 -8.60
C GLN D 265 20.46 43.32 -9.25
N GLY D 266 20.13 42.07 -8.90
CA GLY D 266 20.77 40.95 -9.57
C GLY D 266 20.38 40.87 -11.03
N LEU D 267 19.10 41.17 -11.32
CA LEU D 267 18.67 41.21 -12.72
C LEU D 267 19.45 42.25 -13.50
N GLU D 268 19.75 43.40 -12.88
CA GLU D 268 20.56 44.39 -13.57
C GLU D 268 21.98 43.87 -13.83
N LYS D 269 22.57 43.19 -12.84
CA LYS D 269 23.89 42.58 -13.05
C LYS D 269 23.84 41.60 -14.21
N ALA D 270 22.79 40.78 -14.26
CA ALA D 270 22.60 39.84 -15.37
C ALA D 270 22.50 40.56 -16.70
N CYS D 271 21.71 41.65 -16.75
CA CYS D 271 21.52 42.38 -18.00
C CYS D 271 22.80 43.04 -18.49
N GLU D 272 23.65 43.50 -17.56
CA GLU D 272 24.95 44.04 -17.95
C GLU D 272 25.86 42.95 -18.51
N ARG D 273 25.86 41.76 -17.88
CA ARG D 273 26.66 40.68 -18.42
C ARG D 273 26.20 40.31 -19.82
N ILE D 274 24.88 40.31 -20.05
CA ILE D 274 24.37 40.03 -21.38
C ILE D 274 24.81 41.12 -22.36
N ARG D 275 24.84 42.38 -21.89
CA ARG D 275 25.21 43.48 -22.77
C ARG D 275 26.65 43.36 -23.22
N THR D 276 27.56 43.04 -22.31
CA THR D 276 28.97 42.84 -22.68
C THR D 276 29.12 41.63 -23.59
N PHE D 277 28.33 40.57 -23.35
CA PHE D 277 28.37 39.38 -24.19
C PHE D 277 27.86 39.67 -25.61
N ALA D 278 26.86 40.54 -25.74
CA ALA D 278 26.31 40.94 -27.04
C ALA D 278 25.81 39.73 -27.83
N PRO D 279 24.83 38.99 -27.31
CA PRO D 279 24.34 37.81 -28.02
C PRO D 279 23.46 38.18 -29.20
N ASP D 280 23.29 37.22 -30.10
CA ASP D 280 22.38 37.34 -31.23
C ASP D 280 20.96 36.92 -30.90
N ALA D 281 20.77 36.12 -29.84
CA ALA D 281 19.44 35.71 -29.40
C ALA D 281 19.45 35.52 -27.90
N LEU D 282 18.27 35.63 -27.31
CA LEU D 282 18.08 35.47 -25.88
C LEU D 282 16.99 34.45 -25.63
N VAL D 283 17.25 33.48 -24.77
CA VAL D 283 16.22 32.59 -24.25
C VAL D 283 16.02 32.95 -22.78
N VAL D 284 14.78 33.17 -22.38
CA VAL D 284 14.45 33.45 -20.98
C VAL D 284 13.71 32.23 -20.46
N ALA D 285 14.32 31.55 -19.48
CA ALA D 285 13.66 30.48 -18.78
C ALA D 285 12.85 31.12 -17.66
N LEU D 286 11.55 31.24 -17.88
CA LEU D 286 10.67 32.05 -17.03
C LEU D 286 9.95 31.16 -16.04
N GLY D 287 10.25 31.35 -14.75
CA GLY D 287 9.40 30.85 -13.69
C GLY D 287 8.79 32.03 -12.96
N VAL D 288 7.56 31.85 -12.48
CA VAL D 288 7.00 32.85 -11.58
C VAL D 288 6.90 32.24 -10.19
N ASP D 289 7.75 31.26 -9.88
CA ASP D 289 7.79 30.82 -8.49
C ASP D 289 8.55 31.79 -7.61
N THR D 290 9.01 32.92 -8.15
CA THR D 290 9.53 34.02 -7.34
C THR D 290 8.44 34.81 -6.64
N PHE D 291 7.18 34.41 -6.84
CA PHE D 291 6.01 35.14 -6.36
C PHE D 291 5.87 35.03 -4.84
N GLU D 292 5.32 36.09 -4.24
CA GLU D 292 5.27 36.18 -2.78
C GLU D 292 4.35 35.14 -2.14
N GLU D 293 3.43 34.54 -2.91
CA GLU D 293 2.56 33.48 -2.40
C GLU D 293 2.94 32.09 -2.92
N ASP D 294 4.08 31.94 -3.60
CA ASP D 294 4.42 30.62 -4.12
C ASP D 294 4.59 29.66 -2.95
N PRO D 295 4.06 28.43 -3.07
CA PRO D 295 4.03 27.53 -1.91
C PRO D 295 5.34 26.81 -1.61
N ILE D 296 6.32 26.79 -2.52
CA ILE D 296 7.57 26.07 -2.28
C ILE D 296 8.80 26.96 -2.38
N SER D 297 8.62 28.29 -2.45
CA SER D 297 9.71 29.21 -2.67
C SER D 297 9.62 30.38 -1.70
N PHE D 298 10.71 31.14 -1.56
CA PHE D 298 10.73 32.14 -0.50
C PHE D 298 11.10 33.55 -0.96
N PHE D 299 10.89 33.89 -2.23
CA PHE D 299 11.03 35.30 -2.61
C PHE D 299 9.70 36.03 -2.42
N LYS D 300 9.73 37.36 -2.55
CA LYS D 300 8.56 38.18 -2.27
C LYS D 300 8.22 39.11 -3.44
N LEU D 301 8.28 38.61 -4.66
CA LEU D 301 7.85 39.42 -5.79
C LEU D 301 6.33 39.55 -5.81
N THR D 302 5.84 40.72 -6.21
CA THR D 302 4.41 40.94 -6.41
C THR D 302 4.02 40.69 -7.86
N SER D 303 2.72 40.55 -8.11
CA SER D 303 2.24 40.36 -9.47
C SER D 303 2.61 41.55 -10.34
N GLY D 304 2.60 42.76 -9.76
CA GLY D 304 2.98 43.93 -10.53
C GLY D 304 4.43 43.96 -10.91
N ASP D 305 5.30 43.33 -10.11
CA ASP D 305 6.71 43.25 -10.43
C ASP D 305 6.98 42.48 -11.72
N TYR D 306 6.07 41.58 -12.11
CA TYR D 306 6.29 40.84 -13.36
C TYR D 306 6.10 41.74 -14.58
N LEU D 307 5.27 42.79 -14.47
CA LEU D 307 5.25 43.80 -15.52
C LEU D 307 6.59 44.50 -15.62
N LYS D 308 7.21 44.82 -14.47
CA LYS D 308 8.52 45.45 -14.49
C LYS D 308 9.59 44.51 -15.03
N LEU D 309 9.48 43.21 -14.74
CA LEU D 309 10.46 42.27 -15.27
C LEU D 309 10.38 42.20 -16.79
N GLY D 310 9.16 42.15 -17.34
CA GLY D 310 9.01 42.08 -18.79
C GLY D 310 9.52 43.33 -19.48
N LYS D 311 9.24 44.50 -18.92
CA LYS D 311 9.76 45.74 -19.49
C LYS D 311 11.28 45.73 -19.54
N ARG D 312 11.93 45.28 -18.45
CA ARG D 312 13.39 45.30 -18.40
C ARG D 312 13.99 44.35 -19.43
N LEU D 313 13.38 43.18 -19.61
CA LEU D 313 13.91 42.22 -20.57
C LEU D 313 13.80 42.76 -21.99
N GLU D 314 12.70 43.46 -22.30
CA GLU D 314 12.57 44.04 -23.63
C GLU D 314 13.66 45.07 -23.89
N GLN D 315 14.10 45.77 -22.84
CA GLN D 315 15.12 46.79 -23.02
C GLN D 315 16.47 46.21 -23.43
N LEU D 316 16.65 44.89 -23.34
CA LEU D 316 17.87 44.27 -23.85
C LEU D 316 17.92 44.32 -25.37
N GLY D 317 16.78 44.44 -26.03
CA GLY D 317 16.73 44.65 -27.46
C GLY D 317 17.10 43.43 -28.27
N LEU D 318 16.81 42.24 -27.77
CA LEU D 318 17.21 40.98 -28.40
C LEU D 318 16.00 40.19 -28.90
N PRO D 319 16.17 39.41 -29.97
CA PRO D 319 15.18 38.37 -30.28
C PRO D 319 15.11 37.42 -29.10
N THR D 320 13.90 37.19 -28.58
CA THR D 320 13.72 36.58 -27.27
C THR D 320 12.67 35.49 -27.33
N VAL D 321 13.03 34.29 -26.85
CA VAL D 321 12.08 33.22 -26.60
C VAL D 321 11.92 33.07 -25.09
N PHE D 322 10.68 33.05 -24.62
CA PHE D 322 10.37 32.69 -23.23
C PHE D 322 9.92 31.23 -23.18
N THR D 323 10.58 30.41 -22.35
CA THR D 323 10.12 29.06 -22.07
C THR D 323 9.56 29.00 -20.67
N MET D 324 8.33 28.50 -20.52
CA MET D 324 7.71 28.45 -19.21
C MET D 324 8.39 27.39 -18.34
N GLU D 325 8.84 27.80 -17.15
CA GLU D 325 9.40 26.86 -16.19
C GLU D 325 8.41 26.68 -15.04
N GLY D 326 8.76 27.12 -13.83
CA GLY D 326 7.95 26.90 -12.64
C GLY D 326 7.02 28.04 -12.27
N GLY D 327 6.54 28.00 -11.02
CA GLY D 327 5.45 28.86 -10.59
C GLY D 327 4.28 28.02 -10.12
N TYR D 328 4.00 27.98 -8.81
CA TYR D 328 3.15 26.94 -8.27
C TYR D 328 1.98 27.44 -7.44
N ASP D 329 1.77 28.75 -7.36
CA ASP D 329 0.49 29.32 -6.92
C ASP D 329 -0.41 29.43 -8.14
N VAL D 330 -1.29 28.44 -8.33
CA VAL D 330 -2.08 28.41 -9.55
C VAL D 330 -3.05 29.59 -9.64
N ASP D 331 -3.52 30.10 -8.49
CA ASP D 331 -4.46 31.23 -8.52
C ASP D 331 -3.89 32.41 -9.31
N ALA D 332 -2.61 32.72 -9.09
CA ALA D 332 -1.99 33.87 -9.72
C ALA D 332 -1.02 33.51 -10.84
N ILE D 333 -0.84 32.24 -11.18
CA ILE D 333 0.18 31.89 -12.17
C ILE D 333 -0.14 32.54 -13.52
N GLY D 334 -1.42 32.62 -13.88
CA GLY D 334 -1.78 33.24 -15.15
C GLY D 334 -1.46 34.72 -15.15
N VAL D 335 -1.96 35.43 -14.14
CA VAL D 335 -1.68 36.86 -14.02
C VAL D 335 -0.19 37.12 -14.06
N ASN D 336 0.58 36.30 -13.33
CA ASN D 336 2.00 36.57 -13.21
C ASN D 336 2.75 36.33 -14.52
N ALA D 337 2.54 35.18 -15.15
CA ALA D 337 3.29 34.87 -16.36
C ALA D 337 2.90 35.82 -17.49
N VAL D 338 1.61 36.06 -17.65
CA VAL D 338 1.17 36.92 -18.75
C VAL D 338 1.61 38.35 -18.50
N ASN D 339 1.74 38.76 -17.22
CA ASN D 339 2.26 40.08 -16.92
C ASN D 339 3.67 40.26 -17.47
N VAL D 340 4.49 39.22 -17.41
CA VAL D 340 5.82 39.31 -17.99
C VAL D 340 5.71 39.60 -19.49
N MET D 341 4.82 38.90 -20.19
CA MET D 341 4.68 39.10 -21.63
C MET D 341 4.14 40.50 -21.94
N GLN D 342 3.15 40.97 -21.17
CA GLN D 342 2.53 42.26 -21.43
C GLN D 342 3.47 43.42 -21.11
N GLY D 343 4.30 43.25 -20.07
CA GLY D 343 5.31 44.26 -19.78
C GLY D 343 6.41 44.30 -20.82
N PHE D 344 6.76 43.15 -21.38
CA PHE D 344 7.66 43.11 -22.54
C PHE D 344 7.08 43.89 -23.70
N GLU D 345 5.77 43.81 -23.91
CA GLU D 345 5.14 44.47 -25.05
C GLU D 345 4.69 45.91 -24.76
N GLY D 346 4.99 46.46 -23.58
CA GLY D 346 4.76 47.87 -23.33
C GLY D 346 3.77 48.18 -22.23
N LYS D 347 3.16 47.19 -21.58
CA LYS D 347 2.24 47.41 -20.47
C LYS D 347 2.99 47.67 -19.16
C10 OKP E . -11.42 -6.41 24.65
B11 OKP E . -12.16 -5.19 24.18
C02 OKP E . -9.16 -12.85 24.75
C03 OKP E . -10.19 -12.63 23.69
C04 OKP E . -11.33 -12.00 24.26
C06 OKP E . -10.90 -9.78 24.98
C07 OKP E . -10.70 -8.93 26.19
C08 OKP E . -11.84 -8.01 26.37
C09 OKP E . -12.27 -7.50 25.08
N01 OKP E . -7.99 -12.12 24.54
N05 OKP E . -10.90 -11.13 25.34
O12 OKP E . -13.48 -5.10 24.43
O13 OKP E . -11.48 -4.24 23.51
K K F . -31.36 1.25 27.67
K K G . -19.33 -3.30 20.23
MG MG H . -8.52 -17.45 49.57
MG MG I . 0.64 -5.10 10.61
ZN ZN J . -12.83 -4.88 22.07
C10 OKP K . 18.83 -5.43 2.21
B11 OKP K . 19.98 -6.27 2.85
C02 OKP K . 13.93 -3.33 -2.56
C03 OKP K . 14.80 -4.38 -3.13
C04 OKP K . 16.22 -3.90 -2.96
C06 OKP K . 17.53 -3.09 -1.08
C07 OKP K . 17.32 -3.89 0.10
C08 OKP K . 18.22 -3.40 1.18
C09 OKP K . 19.28 -4.33 1.42
N01 OKP K . 13.51 -3.62 -1.23
N05 OKP K . 16.30 -2.97 -1.85
O12 OKP K . 19.65 -7.21 3.76
O13 OKP K . 21.27 -6.15 2.36
K K L . 40.32 -4.37 1.72
K K M . 26.73 -10.40 0.31
MG MG N . 14.33 21.69 1.88
ZN ZN O . 20.44 -8.38 2.07
C10 OKP P . -17.82 -14.14 -15.64
B11 OKP P . -18.58 -15.41 -15.36
C02 OKP P . -14.63 -7.90 -16.48
C03 OKP P . -15.87 -8.32 -15.71
C04 OKP P . -16.90 -8.55 -16.68
C06 OKP P . -16.97 -10.90 -16.87
C07 OKP P . -17.82 -11.58 -17.93
C08 OKP P . -18.61 -12.71 -17.32
C09 OKP P . -17.70 -13.78 -17.01
N01 OKP P . -13.77 -8.98 -16.83
N05 OKP P . -16.54 -9.69 -17.45
O12 OKP P . -19.93 -15.36 -15.29
O13 OKP P . -17.83 -16.43 -14.89
K K Q . -38.57 -18.21 -13.46
K K R . -24.35 -16.11 -9.63
MG MG S . -20.12 -3.05 -41.21
ZN ZN T . -18.45 -15.50 -13.19
C10 OKP U . 10.75 23.60 -9.58
B11 OKP U . 11.16 24.65 -10.58
C02 OKP U . 10.11 21.05 -3.47
C03 OKP U . 11.31 21.94 -3.27
C04 OKP U . 12.20 21.87 -4.42
C06 OKP U . 11.25 21.78 -6.70
C07 OKP U . 11.29 20.89 -7.92
C08 OKP U . 11.91 21.56 -9.06
C09 OKP U . 11.88 22.98 -8.90
N01 OKP U . 10.38 19.74 -3.07
N05 OKP U . 11.61 21.03 -5.49
O12 OKP U . 10.21 25.47 -11.00
O13 OKP U . 12.50 24.87 -10.80
K K V . 28.41 28.62 -20.89
K K W . 16.74 30.67 -11.84
MG MG X . 14.91 -3.62 -9.16
ZN ZN Y . 11.41 26.88 -10.11
#